data_7Z7H
#
_entry.id   7Z7H
#
_cell.length_a   1.00
_cell.length_b   1.00
_cell.length_c   1.00
_cell.angle_alpha   90.00
_cell.angle_beta   90.00
_cell.angle_gamma   90.00
#
_symmetry.space_group_name_H-M   'P 1'
#
loop_
_entity.id
_entity.type
_entity.pdbx_description
1 polymer 'Actin, alpha skeletal muscle'
2 polymer 'Maltose/maltodextrin-binding periplasmic protein,TccC3'
3 non-polymer "ADENOSINE-5'-DIPHOSPHATE"
4 non-polymer 'MAGNESIUM ION'
5 non-polymer ADENOSINE-5-DIPHOSPHORIBOSE
6 non-polymer NICOTINAMIDE
#
loop_
_entity_poly.entity_id
_entity_poly.type
_entity_poly.pdbx_seq_one_letter_code
_entity_poly.pdbx_strand_id
1 'polypeptide(L)'
;MCDEDETTALVCDNGSGLVKAGFAGDDAPRAVFPSIVGRPRHQGVMVGMGQKDSYVGDEAQSKRGILTLKYPIE(HIC)G
IITNWDDMEKIWHHTFYNELRVAPEEHPTLLTEAPLNPKANREKMTQIMFETFNVPAMYVAIQAVLSLYASGRTTGIVLD
SGDGVTHNVPIYEGYALPHAIMRLDLAGRDLTDYLMKILTERGYSFVTTAEREIVRDIKEKLCYVALDFENEMATAASSS
SLEKSYELPDGQVITIGNERFRCPETLFQPSFIGMESAGIHETTYNSIMKCDIDIRKDLYANNVMSGGTTMYPGIADRMQ
KEITALAPSTMKIKIIAPPERKYSVWIGGSILASLSTFQQMWITKQEYDEAGPSIVHRKCF
;
D,B,E,C,A
2 'polypeptide(L)'
;MGSSHHHHHHSSGLVPRGSHMKIEEGKLVIWINGDKGYNGLAEVGKKFEKDTGIKVTVEHPDKLEEKFPQVAATGDGPDI
IFWAHDRFGGYAQSGLLAEITPDKAFQDKLYPFTWDAVRYNGKLIAYPIAVEALSLIYNKDLLPNPPKTWEEIPALDKEL
KAKGKSALMFNLQEPYFTWPLIAADGGYAFKYENGKYDIKDVGVDNAGAKAGLTFLVDLIKNKHMNADTDYSIAEAAFNK
GETAMTINGPWAWSNIDTSKVNYGVTVLPTFKGQPSKPFVGVLSAGINAASPNKELAKEFLENYLLTDEGLEAVNKDKPL
GAVALKSYEEELVKDPRIAATMENAQKGEIMPNIPQMSAFWYAVRTAVINAASGRQTVDEALKDAQTNSGSSGSSGSTNL
QKKSFTLYRADNRSFEEMQSKFPEGFKAWTPLDTKMARQFASIFIGQKDTSNLPKETVKNISTWGAKPKLKDLSNYIKYT
KDKSTVWVSTAINTEAGGQSSGAPLHKIDMDLYEFAIDGQKLNPLPEGRTKNMVPSLLLDTPQIETSSIIALNHGPVNDA
SISFLTTIPLKNVKPHKR
;
F
#
# COMPACT_ATOMS: atom_id res chain seq x y z
N THR A 7 -12.18 -46.19 -3.28
CA THR A 7 -12.46 -44.91 -2.65
C THR A 7 -11.31 -44.43 -1.77
N THR A 8 -10.47 -45.36 -1.31
CA THR A 8 -9.33 -44.97 -0.49
C THR A 8 -8.33 -44.23 -1.37
N ALA A 9 -8.21 -42.92 -1.18
CA ALA A 9 -7.23 -42.17 -1.93
C ALA A 9 -5.80 -42.54 -1.53
N LEU A 10 -4.87 -42.06 -2.35
CA LEU A 10 -3.47 -42.37 -2.21
C LEU A 10 -2.69 -41.07 -2.22
N VAL A 11 -1.65 -40.98 -1.42
CA VAL A 11 -0.98 -39.71 -1.21
C VAL A 11 0.49 -39.87 -1.46
N CYS A 12 1.02 -39.06 -2.35
CA CYS A 12 2.34 -39.22 -2.92
C CYS A 12 2.94 -37.85 -3.01
N ASP A 13 4.23 -37.75 -2.72
CA ASP A 13 4.85 -36.46 -2.45
C ASP A 13 6.09 -36.22 -3.27
N ASN A 14 6.30 -34.97 -3.60
CA ASN A 14 7.42 -34.54 -4.41
C ASN A 14 8.18 -33.57 -3.53
N GLY A 15 9.44 -33.87 -3.30
CA GLY A 15 10.24 -33.18 -2.33
C GLY A 15 11.63 -33.19 -2.88
N SER A 16 12.37 -32.10 -2.72
CA SER A 16 13.66 -32.09 -3.37
C SER A 16 14.60 -33.10 -2.76
N GLY A 17 14.32 -33.60 -1.56
CA GLY A 17 15.19 -34.60 -0.98
C GLY A 17 14.55 -35.96 -0.81
N LEU A 18 13.36 -36.02 -0.22
CA LEU A 18 12.76 -37.29 0.14
C LEU A 18 11.31 -37.34 -0.30
N VAL A 19 10.88 -38.53 -0.67
CA VAL A 19 9.55 -38.77 -1.22
C VAL A 19 8.87 -39.82 -0.34
N LYS A 20 7.61 -39.57 0.02
CA LYS A 20 6.92 -40.25 1.10
C LYS A 20 5.61 -40.77 0.54
N ALA A 21 5.23 -41.98 0.93
CA ALA A 21 4.06 -42.62 0.33
C ALA A 21 3.15 -43.19 1.40
N GLY A 22 1.87 -43.01 1.15
CA GLY A 22 0.85 -43.05 2.17
C GLY A 22 -0.46 -43.59 1.64
N PHE A 23 -1.28 -44.13 2.52
CA PHE A 23 -2.64 -44.45 2.14
C PHE A 23 -3.55 -43.53 2.94
N ALA A 24 -4.62 -43.06 2.30
CA ALA A 24 -5.50 -42.11 2.95
C ALA A 24 -6.11 -42.69 4.22
N GLY A 25 -5.93 -41.97 5.33
CA GLY A 25 -6.38 -42.43 6.62
C GLY A 25 -5.28 -43.00 7.49
N ASP A 26 -4.13 -43.28 6.92
CA ASP A 26 -2.92 -43.54 7.69
C ASP A 26 -2.48 -42.27 8.40
N ASP A 27 -1.73 -42.45 9.47
CA ASP A 27 -1.03 -41.35 10.09
C ASP A 27 0.48 -41.54 10.11
N ALA A 28 0.99 -42.48 9.30
CA ALA A 28 2.43 -42.50 9.07
C ALA A 28 2.70 -43.06 7.69
N PRO A 29 3.66 -42.50 6.97
CA PRO A 29 3.94 -42.95 5.60
C PRO A 29 4.61 -44.32 5.57
N ARG A 30 4.14 -45.18 4.66
CA ARG A 30 4.66 -46.54 4.57
C ARG A 30 6.05 -46.63 3.99
N ALA A 31 6.45 -45.68 3.13
CA ALA A 31 7.81 -45.69 2.63
C ALA A 31 8.35 -44.28 2.49
N VAL A 32 9.65 -44.17 2.74
CA VAL A 32 10.41 -42.95 2.47
C VAL A 32 11.72 -43.35 1.83
N PHE A 33 12.07 -42.69 0.73
CA PHE A 33 13.30 -43.02 0.05
C PHE A 33 13.85 -41.79 -0.67
N PRO A 34 15.16 -41.73 -0.85
CA PRO A 34 15.76 -40.58 -1.55
C PRO A 34 15.39 -40.51 -3.01
N SER A 35 14.96 -39.33 -3.44
CA SER A 35 14.37 -39.09 -4.75
C SER A 35 15.44 -38.95 -5.84
N ILE A 36 16.24 -39.98 -6.00
CA ILE A 36 17.51 -39.89 -6.69
C ILE A 36 17.53 -40.92 -7.80
N VAL A 37 18.14 -40.59 -8.91
CA VAL A 37 18.19 -41.50 -10.04
C VAL A 37 19.64 -41.71 -10.42
N GLY A 38 20.02 -42.96 -10.61
CA GLY A 38 21.41 -43.34 -10.70
C GLY A 38 21.73 -44.38 -11.75
N ARG A 39 22.89 -44.25 -12.38
CA ARG A 39 23.37 -45.20 -13.37
C ARG A 39 24.86 -45.46 -13.18
N PRO A 40 25.34 -46.62 -13.58
CA PRO A 40 26.66 -47.08 -13.17
C PRO A 40 27.76 -46.37 -13.92
N ARG A 41 28.85 -46.05 -13.22
CA ARG A 41 29.91 -45.31 -13.86
C ARG A 41 30.86 -46.19 -14.69
N HIS A 42 30.77 -47.51 -14.60
CA HIS A 42 31.71 -48.39 -15.26
C HIS A 42 30.98 -49.59 -15.85
N GLN A 43 31.66 -50.26 -16.77
CA GLN A 43 31.03 -51.27 -17.62
C GLN A 43 30.46 -52.45 -16.82
N GLY A 44 31.26 -53.03 -15.94
CA GLY A 44 30.75 -54.29 -15.45
C GLY A 44 31.22 -55.44 -16.33
N VAL A 45 31.48 -56.59 -15.71
CA VAL A 45 32.26 -57.59 -16.44
C VAL A 45 31.76 -59.02 -16.31
N MET A 46 31.08 -59.38 -15.23
CA MET A 46 30.70 -60.78 -15.10
C MET A 46 29.48 -61.09 -15.94
N VAL A 47 29.59 -62.15 -16.72
CA VAL A 47 28.57 -62.50 -17.70
C VAL A 47 27.31 -62.98 -17.00
N GLY A 48 26.15 -62.59 -17.53
CA GLY A 48 24.90 -63.02 -16.95
C GLY A 48 24.48 -62.35 -15.67
N MET A 49 25.23 -61.33 -15.22
CA MET A 49 24.91 -60.68 -13.95
C MET A 49 23.52 -60.03 -13.99
N GLY A 50 22.96 -59.84 -15.19
CA GLY A 50 21.59 -59.42 -15.38
C GLY A 50 21.28 -58.03 -14.88
N GLN A 51 22.20 -57.10 -15.07
CA GLN A 51 22.06 -55.76 -14.55
C GLN A 51 20.91 -55.00 -15.21
N LYS A 52 20.27 -54.14 -14.45
CA LYS A 52 19.24 -53.27 -14.99
C LYS A 52 19.92 -52.16 -15.80
N ASP A 53 19.10 -51.38 -16.52
CA ASP A 53 19.62 -50.16 -17.14
C ASP A 53 19.98 -49.09 -16.12
N SER A 54 19.31 -49.04 -14.98
CA SER A 54 19.41 -47.86 -14.13
C SER A 54 18.84 -48.20 -12.77
N TYR A 55 19.16 -47.38 -11.78
CA TYR A 55 18.77 -47.67 -10.42
C TYR A 55 18.24 -46.41 -9.80
N VAL A 56 17.28 -46.56 -8.90
CA VAL A 56 16.55 -45.41 -8.37
C VAL A 56 16.20 -45.62 -6.91
N GLY A 57 16.24 -44.53 -6.15
CA GLY A 57 15.97 -44.63 -4.74
C GLY A 57 16.97 -45.49 -4.00
N ASP A 58 16.43 -46.39 -3.17
CA ASP A 58 17.23 -47.16 -2.23
C ASP A 58 18.33 -47.93 -2.93
N GLU A 59 18.08 -48.33 -4.18
CA GLU A 59 19.07 -49.03 -5.00
C GLU A 59 20.39 -48.26 -5.04
N ALA A 60 20.31 -46.94 -5.07
CA ALA A 60 21.50 -46.12 -5.20
C ALA A 60 22.42 -46.14 -3.99
N GLN A 61 21.89 -46.35 -2.78
CA GLN A 61 22.81 -46.44 -1.65
C GLN A 61 23.68 -47.68 -1.67
N SER A 62 23.14 -48.83 -2.03
CA SER A 62 23.97 -50.04 -2.04
C SER A 62 25.09 -49.96 -3.06
N LYS A 63 24.82 -49.44 -4.25
CA LYS A 63 25.80 -49.38 -5.32
C LYS A 63 26.56 -48.07 -5.35
N ARG A 64 26.58 -47.31 -4.26
CA ARG A 64 26.91 -45.90 -4.37
C ARG A 64 28.26 -45.63 -5.03
N GLY A 65 29.27 -46.45 -4.77
CA GLY A 65 30.59 -46.18 -5.36
C GLY A 65 30.64 -46.23 -6.87
N ILE A 66 29.93 -47.18 -7.49
CA ILE A 66 29.95 -47.36 -8.94
C ILE A 66 29.10 -46.36 -9.71
N LEU A 67 28.47 -45.38 -9.07
CA LEU A 67 27.25 -44.81 -9.61
C LEU A 67 27.34 -43.31 -9.75
N THR A 68 26.48 -42.80 -10.63
CA THR A 68 26.34 -41.38 -10.92
C THR A 68 24.90 -40.94 -10.70
N LEU A 69 24.72 -39.77 -10.12
CA LEU A 69 23.49 -39.41 -9.44
C LEU A 69 23.00 -38.07 -9.94
N LYS A 70 21.69 -37.94 -10.09
CA LYS A 70 21.09 -36.72 -10.58
C LYS A 70 20.01 -36.35 -9.58
N TYR A 71 19.83 -35.13 -9.38
CA TYR A 71 18.52 -34.93 -8.79
C TYR A 71 17.55 -34.43 -9.83
N PRO A 72 16.34 -34.98 -9.91
CA PRO A 72 15.36 -34.46 -10.85
C PRO A 72 14.61 -33.24 -10.36
N ILE A 73 14.97 -32.68 -9.21
CA ILE A 73 14.23 -31.54 -8.65
C ILE A 73 15.22 -30.43 -8.36
N GLU A 74 14.84 -29.20 -8.70
CA GLU A 74 15.63 -28.06 -8.27
C GLU A 74 14.76 -26.95 -7.75
N GLY A 76 12.01 -25.43 -6.85
CA GLY A 76 10.60 -25.70 -7.08
C GLY A 76 10.29 -26.09 -8.51
N ILE A 77 11.27 -26.67 -9.17
CA ILE A 77 11.18 -26.91 -10.59
C ILE A 77 11.56 -28.35 -10.85
N ILE A 78 10.92 -28.95 -11.85
CA ILE A 78 11.29 -30.27 -12.32
C ILE A 78 12.01 -30.08 -13.64
N THR A 79 13.13 -30.78 -13.79
CA THR A 79 14.04 -30.51 -14.88
C THR A 79 14.24 -31.68 -15.83
N ASN A 80 13.64 -32.83 -15.56
CA ASN A 80 14.05 -34.01 -16.29
C ASN A 80 12.89 -34.99 -16.30
N TRP A 81 11.92 -34.74 -17.16
CA TRP A 81 10.63 -35.41 -17.03
C TRP A 81 10.72 -36.92 -17.15
N ASP A 82 11.65 -37.42 -17.95
CA ASP A 82 11.71 -38.87 -18.06
C ASP A 82 12.28 -39.51 -16.81
N ASP A 83 13.34 -38.93 -16.25
CA ASP A 83 13.83 -39.45 -14.99
C ASP A 83 12.83 -39.21 -13.86
N MET A 84 12.18 -38.04 -13.85
CA MET A 84 11.14 -37.82 -12.87
C MET A 84 10.05 -38.87 -12.99
N GLU A 85 9.63 -39.15 -14.23
CA GLU A 85 8.64 -40.18 -14.47
C GLU A 85 9.07 -41.54 -13.93
N LYS A 86 10.35 -41.84 -14.02
CA LYS A 86 10.84 -43.12 -13.53
C LYS A 86 10.63 -43.29 -12.03
N ILE A 87 10.71 -42.22 -11.24
CA ILE A 87 10.41 -42.34 -9.82
C ILE A 87 8.97 -42.75 -9.57
N TRP A 88 8.02 -42.06 -10.18
CA TRP A 88 6.63 -42.41 -9.92
C TRP A 88 6.39 -43.86 -10.29
N HIS A 89 6.93 -44.27 -11.43
CA HIS A 89 6.76 -45.65 -11.89
C HIS A 89 7.23 -46.61 -10.83
N HIS A 90 8.41 -46.36 -10.28
CA HIS A 90 8.94 -47.20 -9.23
C HIS A 90 8.07 -47.16 -7.97
N THR A 91 7.48 -46.01 -7.67
CA THR A 91 6.74 -45.89 -6.40
C THR A 91 5.54 -46.81 -6.31
N PHE A 92 4.67 -46.80 -7.30
CA PHE A 92 3.45 -47.58 -7.19
C PHE A 92 3.72 -49.08 -7.23
N TYR A 93 4.50 -49.53 -8.19
CA TYR A 93 4.62 -50.95 -8.41
C TYR A 93 5.45 -51.63 -7.32
N ASN A 94 6.62 -51.10 -7.00
CA ASN A 94 7.45 -51.81 -6.03
C ASN A 94 7.05 -51.51 -4.59
N GLU A 95 6.96 -50.25 -4.20
CA GLU A 95 6.72 -50.00 -2.78
C GLU A 95 5.28 -50.27 -2.37
N LEU A 96 4.32 -49.74 -3.11
CA LEU A 96 2.93 -49.94 -2.69
C LEU A 96 2.26 -51.13 -3.37
N ARG A 97 2.70 -51.49 -4.58
CA ARG A 97 2.09 -52.61 -5.29
C ARG A 97 0.59 -52.39 -5.52
N VAL A 98 0.20 -51.16 -5.82
CA VAL A 98 -1.19 -50.85 -6.12
C VAL A 98 -1.28 -50.16 -7.47
N ALA A 99 -2.33 -50.48 -8.23
CA ALA A 99 -2.57 -49.95 -9.56
C ALA A 99 -3.24 -48.58 -9.48
N PRO A 100 -2.87 -47.65 -10.36
CA PRO A 100 -3.28 -46.26 -10.18
C PRO A 100 -4.73 -45.97 -10.47
N GLU A 101 -5.35 -46.65 -11.44
CA GLU A 101 -6.75 -46.37 -11.78
C GLU A 101 -7.66 -46.65 -10.61
N GLU A 102 -7.27 -47.58 -9.74
CA GLU A 102 -8.14 -47.99 -8.65
C GLU A 102 -8.52 -46.83 -7.76
N HIS A 103 -7.62 -45.88 -7.56
CA HIS A 103 -7.77 -44.95 -6.46
C HIS A 103 -7.37 -43.56 -6.91
N PRO A 104 -7.95 -42.52 -6.32
CA PRO A 104 -7.42 -41.17 -6.51
C PRO A 104 -6.09 -40.92 -5.83
N THR A 105 -5.42 -39.85 -6.29
CA THR A 105 -4.02 -39.56 -6.06
C THR A 105 -3.89 -38.10 -5.67
N LEU A 106 -2.95 -37.81 -4.77
CA LEU A 106 -2.80 -36.44 -4.26
C LEU A 106 -1.37 -35.94 -4.38
N LEU A 107 -1.21 -34.72 -4.91
CA LEU A 107 0.08 -34.16 -5.28
C LEU A 107 0.19 -32.72 -4.80
N THR A 108 1.42 -32.30 -4.50
CA THR A 108 1.72 -31.12 -3.69
C THR A 108 2.65 -30.18 -4.45
N GLU A 109 2.48 -28.87 -4.25
CA GLU A 109 3.28 -27.86 -4.93
C GLU A 109 3.65 -26.68 -4.06
N ALA A 110 4.86 -26.14 -4.30
CA ALA A 110 5.34 -24.93 -3.67
C ALA A 110 4.57 -23.69 -4.13
N PRO A 111 4.52 -22.66 -3.30
CA PRO A 111 3.46 -21.65 -3.44
C PRO A 111 3.55 -20.78 -4.67
N LEU A 112 4.67 -20.73 -5.36
CA LEU A 112 4.77 -19.88 -6.54
C LEU A 112 5.69 -20.55 -7.56
N ASN A 113 5.11 -21.12 -8.60
CA ASN A 113 5.94 -21.78 -9.60
C ASN A 113 5.33 -21.62 -10.97
N PRO A 114 6.14 -21.60 -12.02
CA PRO A 114 5.63 -21.18 -13.33
C PRO A 114 4.61 -22.20 -13.81
N LYS A 115 3.56 -21.70 -14.44
CA LYS A 115 2.36 -22.50 -14.71
C LYS A 115 2.67 -23.79 -15.43
N ALA A 116 3.68 -23.80 -16.29
CA ALA A 116 3.98 -24.98 -17.10
C ALA A 116 4.17 -26.27 -16.30
N ASN A 117 4.70 -26.19 -15.08
CA ASN A 117 4.88 -27.42 -14.30
C ASN A 117 3.56 -28.10 -13.99
N ARG A 118 2.56 -27.36 -13.56
CA ARG A 118 1.30 -28.01 -13.24
C ARG A 118 0.61 -28.63 -14.46
N GLU A 119 0.70 -28.00 -15.63
CA GLU A 119 0.12 -28.63 -16.81
C GLU A 119 0.75 -29.97 -17.16
N LYS A 120 2.08 -30.08 -17.11
CA LYS A 120 2.67 -31.39 -17.40
C LYS A 120 2.27 -32.41 -16.35
N MET A 121 2.36 -32.04 -15.09
CA MET A 121 1.97 -32.99 -14.05
C MET A 121 0.54 -33.43 -14.26
N THR A 122 -0.33 -32.50 -14.61
CA THR A 122 -1.72 -32.87 -14.86
C THR A 122 -1.86 -33.78 -16.07
N GLN A 123 -1.27 -33.39 -17.19
CA GLN A 123 -1.39 -34.18 -18.41
C GLN A 123 -0.85 -35.59 -18.25
N ILE A 124 0.32 -35.71 -17.64
CA ILE A 124 0.92 -37.03 -17.46
C ILE A 124 0.05 -37.91 -16.58
N MET A 125 -0.50 -37.37 -15.51
CA MET A 125 -1.27 -38.20 -14.60
C MET A 125 -2.49 -38.83 -15.26
N PHE A 126 -3.21 -38.08 -16.08
CA PHE A 126 -4.35 -38.69 -16.76
C PHE A 126 -3.93 -39.64 -17.88
N GLU A 127 -3.05 -39.21 -18.77
CA GLU A 127 -2.78 -40.03 -19.94
C GLU A 127 -1.88 -41.21 -19.62
N THR A 128 -0.84 -41.04 -18.81
CA THR A 128 0.04 -42.17 -18.60
C THR A 128 -0.54 -43.16 -17.60
N PHE A 129 -1.07 -42.68 -16.49
CA PHE A 129 -1.45 -43.58 -15.42
C PHE A 129 -2.93 -43.85 -15.36
N ASN A 130 -3.73 -43.22 -16.22
CA ASN A 130 -5.15 -43.56 -16.38
C ASN A 130 -5.87 -43.55 -15.05
N VAL A 131 -5.45 -42.66 -14.15
CA VAL A 131 -6.03 -42.52 -12.83
C VAL A 131 -7.48 -42.05 -12.88
N PRO A 132 -8.29 -42.40 -11.88
CA PRO A 132 -9.65 -41.87 -11.85
C PRO A 132 -9.65 -40.40 -11.52
N ALA A 133 -8.82 -39.96 -10.59
CA ALA A 133 -8.85 -38.56 -10.25
C ALA A 133 -7.54 -38.15 -9.62
N MET A 134 -7.28 -36.85 -9.68
CA MET A 134 -6.02 -36.26 -9.27
C MET A 134 -6.32 -34.90 -8.68
N TYR A 135 -5.60 -34.50 -7.66
CA TYR A 135 -5.78 -33.16 -7.12
C TYR A 135 -4.44 -32.53 -6.79
N VAL A 136 -4.39 -31.20 -6.88
CA VAL A 136 -3.17 -30.44 -6.65
C VAL A 136 -3.43 -29.38 -5.60
N ALA A 137 -2.46 -29.22 -4.70
CA ALA A 137 -2.63 -28.61 -3.39
C ALA A 137 -1.32 -27.90 -3.07
N ILE A 138 -1.37 -26.90 -2.20
CA ILE A 138 -0.27 -25.94 -2.13
C ILE A 138 0.36 -26.10 -0.76
N GLN A 139 1.68 -26.34 -0.77
CA GLN A 139 2.31 -27.06 0.32
C GLN A 139 2.21 -26.31 1.64
N ALA A 140 2.36 -24.99 1.60
CA ALA A 140 2.23 -24.21 2.83
C ALA A 140 0.87 -24.41 3.51
N VAL A 141 -0.20 -24.49 2.71
CA VAL A 141 -1.54 -24.63 3.28
C VAL A 141 -1.70 -25.96 4.01
N LEU A 142 -1.22 -27.03 3.41
CA LEU A 142 -1.37 -28.34 4.04
C LEU A 142 -0.66 -28.39 5.38
N SER A 143 0.48 -27.73 5.49
CA SER A 143 1.16 -27.69 6.77
C SER A 143 0.29 -27.14 7.88
N LEU A 144 -0.50 -26.11 7.60
CA LEU A 144 -1.32 -25.54 8.65
C LEU A 144 -2.32 -26.56 9.19
N TYR A 145 -2.87 -27.41 8.33
CA TYR A 145 -3.77 -28.45 8.81
C TYR A 145 -3.14 -29.31 9.89
N ALA A 146 -1.83 -29.50 9.85
CA ALA A 146 -1.22 -30.35 10.85
C ALA A 146 -1.03 -29.66 12.19
N SER A 147 -1.05 -28.34 12.23
CA SER A 147 -1.12 -27.66 13.52
C SER A 147 -2.54 -27.29 13.89
N GLY A 148 -3.40 -27.12 12.91
CA GLY A 148 -4.83 -27.01 13.16
C GLY A 148 -5.25 -25.83 14.01
N ARG A 149 -4.73 -24.64 13.68
CA ARG A 149 -5.17 -23.42 14.33
C ARG A 149 -5.70 -22.47 13.28
N THR A 150 -6.75 -21.74 13.66
CA THR A 150 -7.39 -20.79 12.77
C THR A 150 -6.41 -19.81 12.14
N THR A 151 -5.46 -19.31 12.94
CA THR A 151 -4.52 -18.34 12.41
C THR A 151 -3.10 -18.76 12.74
N GLY A 152 -2.19 -18.43 11.84
CA GLY A 152 -0.79 -18.64 12.07
C GLY A 152 0.04 -18.36 10.83
N ILE A 153 1.14 -17.64 11.00
CA ILE A 153 2.08 -17.49 9.90
C ILE A 153 2.80 -18.82 9.70
N VAL A 154 2.92 -19.23 8.47
CA VAL A 154 3.59 -20.47 8.15
C VAL A 154 5.01 -20.15 7.74
N LEU A 155 5.94 -20.92 8.25
CA LEU A 155 7.31 -20.84 7.79
C LEU A 155 7.70 -22.22 7.30
N ASP A 156 8.26 -22.27 6.12
CA ASP A 156 8.71 -23.50 5.51
C ASP A 156 10.12 -23.34 5.02
N SER A 157 10.93 -24.35 5.26
CA SER A 157 12.20 -24.46 4.58
C SER A 157 12.47 -25.94 4.37
N GLY A 158 12.65 -26.33 3.12
CA GLY A 158 12.78 -27.72 2.82
C GLY A 158 14.08 -28.01 2.13
N ASP A 159 14.17 -29.17 1.48
CA ASP A 159 15.40 -29.52 0.81
C ASP A 159 15.71 -28.58 -0.34
N GLY A 160 14.74 -27.82 -0.83
CA GLY A 160 15.05 -27.02 -2.00
C GLY A 160 14.56 -25.59 -2.10
N VAL A 161 13.74 -25.11 -1.16
CA VAL A 161 13.17 -23.77 -1.29
C VAL A 161 12.87 -23.25 0.10
N THR A 162 12.89 -21.94 0.26
CA THR A 162 12.37 -21.31 1.48
C THR A 162 11.35 -20.25 1.11
N HIS A 163 10.20 -20.31 1.78
CA HIS A 163 9.08 -19.48 1.42
C HIS A 163 8.19 -19.22 2.63
N ASN A 164 7.43 -18.12 2.55
CA ASN A 164 6.57 -17.69 3.63
C ASN A 164 5.16 -17.49 3.10
N VAL A 165 4.17 -17.87 3.89
CA VAL A 165 2.77 -17.51 3.63
C VAL A 165 2.10 -17.23 4.95
N PRO A 166 1.61 -16.01 5.19
CA PRO A 166 0.67 -15.80 6.28
C PRO A 166 -0.74 -16.21 5.89
N ILE A 167 -1.42 -16.84 6.82
CA ILE A 167 -2.83 -17.16 6.67
C ILE A 167 -3.56 -16.59 7.87
N TYR A 168 -4.68 -15.93 7.62
CA TYR A 168 -5.54 -15.49 8.71
C TYR A 168 -6.97 -15.96 8.48
N GLU A 169 -7.56 -16.57 9.49
CA GLU A 169 -8.94 -17.04 9.48
C GLU A 169 -9.35 -17.70 8.17
N GLY A 170 -8.43 -18.40 7.53
CA GLY A 170 -8.73 -19.09 6.30
C GLY A 170 -8.62 -18.29 5.03
N TYR A 171 -8.09 -17.08 5.07
CA TYR A 171 -7.84 -16.32 3.86
C TYR A 171 -6.33 -16.17 3.72
N ALA A 172 -5.81 -16.56 2.57
CA ALA A 172 -4.44 -16.19 2.26
C ALA A 172 -4.37 -14.80 1.66
N LEU A 173 -3.19 -14.20 1.74
CA LEU A 173 -2.97 -12.84 1.26
C LEU A 173 -1.90 -12.95 0.19
N PRO A 174 -2.29 -13.09 -1.06
CA PRO A 174 -1.32 -13.32 -2.14
C PRO A 174 -0.14 -12.36 -2.19
N HIS A 175 -0.36 -11.09 -1.87
CA HIS A 175 0.74 -10.14 -1.93
C HIS A 175 1.79 -10.34 -0.84
N ALA A 176 1.44 -10.81 0.35
CA ALA A 176 2.48 -10.99 1.35
C ALA A 176 3.40 -12.19 1.14
N ILE A 177 3.14 -13.04 0.15
CA ILE A 177 3.94 -14.24 -0.05
C ILE A 177 5.37 -13.90 -0.48
N MET A 178 6.34 -14.49 0.20
CA MET A 178 7.76 -14.25 -0.05
C MET A 178 8.50 -15.57 -0.23
N ARG A 179 9.49 -15.55 -1.11
CA ARG A 179 10.22 -16.74 -1.54
C ARG A 179 11.71 -16.44 -1.39
N LEU A 180 12.46 -17.42 -0.91
CA LEU A 180 13.91 -17.33 -0.82
C LEU A 180 14.58 -18.62 -1.25
N ASP A 181 15.55 -18.51 -2.17
CA ASP A 181 16.18 -19.71 -2.74
C ASP A 181 17.37 -20.20 -1.94
N LEU A 182 17.25 -20.22 -0.61
CA LEU A 182 18.27 -20.71 0.29
C LEU A 182 17.80 -22.04 0.87
N ALA A 183 18.60 -23.08 0.75
CA ALA A 183 18.07 -24.40 1.04
C ALA A 183 19.19 -25.35 1.42
N GLY A 184 18.80 -26.59 1.72
CA GLY A 184 19.77 -27.58 2.14
C GLY A 184 20.92 -27.83 1.19
N ARG A 185 20.69 -27.72 -0.12
CA ARG A 185 21.79 -27.91 -1.05
C ARG A 185 22.92 -26.91 -0.84
N ASP A 186 22.58 -25.66 -0.59
CA ASP A 186 23.62 -24.67 -0.41
C ASP A 186 24.32 -24.85 0.93
N LEU A 187 23.58 -25.21 1.97
CA LEU A 187 24.27 -25.48 3.22
C LEU A 187 25.27 -26.61 3.05
N THR A 188 24.94 -27.60 2.23
CA THR A 188 25.87 -28.68 2.00
C THR A 188 27.08 -28.24 1.19
N ASP A 189 26.89 -27.46 0.13
CA ASP A 189 28.04 -26.94 -0.61
C ASP A 189 28.92 -26.09 0.28
N TYR A 190 28.30 -25.26 1.13
CA TYR A 190 29.09 -24.48 2.06
C TYR A 190 29.85 -25.38 3.00
N LEU A 191 29.22 -26.47 3.44
CA LEU A 191 29.90 -27.36 4.36
C LEU A 191 31.11 -28.02 3.72
N MET A 192 31.08 -28.28 2.41
CA MET A 192 32.28 -28.81 1.76
C MET A 192 33.48 -27.90 1.89
N LYS A 193 33.29 -26.59 1.75
CA LYS A 193 34.42 -25.68 1.84
C LYS A 193 34.99 -25.55 3.24
N ILE A 194 34.17 -25.59 4.28
CA ILE A 194 34.79 -25.51 5.61
C ILE A 194 35.56 -26.79 5.94
N LEU A 195 35.07 -27.96 5.52
CA LEU A 195 35.90 -29.15 5.68
C LEU A 195 37.15 -29.10 4.82
N THR A 196 37.08 -28.43 3.67
CA THR A 196 38.28 -28.20 2.89
C THR A 196 39.34 -27.46 3.70
N GLU A 197 38.92 -26.66 4.68
CA GLU A 197 39.88 -26.04 5.56
C GLU A 197 40.75 -27.08 6.25
N ARG A 198 40.15 -28.16 6.74
CA ARG A 198 40.98 -29.20 7.31
C ARG A 198 41.78 -29.91 6.24
N GLY A 199 41.18 -30.14 5.08
CA GLY A 199 41.98 -30.56 3.95
C GLY A 199 41.59 -31.91 3.38
N TYR A 200 40.46 -32.46 3.82
CA TYR A 200 39.96 -33.67 3.20
C TYR A 200 39.47 -33.37 1.79
N SER A 201 39.64 -34.34 0.90
CA SER A 201 39.07 -34.24 -0.42
C SER A 201 37.64 -34.73 -0.35
N PHE A 202 36.72 -33.96 -0.91
CA PHE A 202 35.36 -34.41 -1.16
C PHE A 202 34.87 -33.78 -2.43
N VAL A 203 34.59 -34.63 -3.41
CA VAL A 203 34.13 -34.17 -4.69
C VAL A 203 33.30 -35.27 -5.34
N THR A 204 32.38 -34.87 -6.20
CA THR A 204 31.39 -35.71 -6.87
C THR A 204 30.29 -36.17 -5.92
N THR A 205 29.09 -36.28 -6.48
CA THR A 205 27.86 -36.39 -5.70
C THR A 205 27.92 -37.49 -4.66
N ALA A 206 28.56 -38.62 -4.98
CA ALA A 206 28.63 -39.70 -4.00
C ALA A 206 29.35 -39.27 -2.73
N GLU A 207 30.44 -38.52 -2.88
CA GLU A 207 31.12 -38.03 -1.69
C GLU A 207 30.30 -36.97 -1.01
N ARG A 208 29.59 -36.17 -1.80
CA ARG A 208 28.72 -35.10 -1.31
C ARG A 208 27.66 -35.60 -0.34
N GLU A 209 27.05 -36.74 -0.65
CA GLU A 209 26.02 -37.28 0.23
C GLU A 209 26.54 -37.84 1.54
N ILE A 210 27.76 -38.34 1.57
CA ILE A 210 28.30 -38.81 2.85
C ILE A 210 28.38 -37.67 3.85
N VAL A 211 28.75 -36.48 3.38
CA VAL A 211 28.78 -35.30 4.23
C VAL A 211 27.43 -35.03 4.85
N ARG A 212 26.36 -35.21 4.08
CA ARG A 212 25.03 -34.87 4.57
C ARG A 212 24.70 -35.62 5.83
N ASP A 213 25.16 -36.85 5.96
CA ASP A 213 24.92 -37.56 7.21
C ASP A 213 25.57 -36.84 8.40
N ILE A 214 26.82 -36.42 8.27
CA ILE A 214 27.46 -35.69 9.37
C ILE A 214 26.70 -34.41 9.65
N LYS A 215 26.33 -33.70 8.59
CA LYS A 215 25.57 -32.48 8.74
C LYS A 215 24.30 -32.73 9.53
N GLU A 216 23.60 -33.81 9.22
CA GLU A 216 22.34 -34.09 9.89
C GLU A 216 22.56 -34.55 11.33
N LYS A 217 23.62 -35.30 11.60
CA LYS A 217 23.82 -35.76 12.98
C LYS A 217 24.43 -34.74 13.94
N LEU A 218 25.62 -34.22 13.63
CA LEU A 218 26.41 -33.48 14.61
C LEU A 218 26.01 -32.02 14.81
N CYS A 219 25.44 -31.36 13.80
CA CYS A 219 25.49 -29.91 13.72
C CYS A 219 24.41 -29.26 14.59
N TYR A 220 24.69 -28.04 15.04
CA TYR A 220 23.73 -27.36 15.91
C TYR A 220 23.91 -25.86 15.84
N VAL A 221 22.85 -25.16 16.28
CA VAL A 221 22.76 -23.71 16.27
C VAL A 221 23.45 -23.10 17.48
N ALA A 222 24.14 -21.98 17.26
CA ALA A 222 24.70 -21.18 18.34
C ALA A 222 23.69 -20.16 18.83
N LEU A 223 23.64 -19.96 20.14
CA LEU A 223 22.81 -18.94 20.74
C LEU A 223 23.41 -17.54 20.64
N ASP A 224 24.73 -17.43 20.65
CA ASP A 224 25.37 -16.26 20.05
C ASP A 224 26.60 -16.71 19.30
N PHE A 225 26.67 -16.30 18.03
CA PHE A 225 27.78 -16.68 17.17
C PHE A 225 29.14 -16.16 17.67
N GLU A 226 29.20 -14.91 18.09
CA GLU A 226 30.50 -14.34 18.44
C GLU A 226 31.09 -14.87 19.73
N ASN A 227 30.29 -14.98 20.78
CA ASN A 227 30.80 -15.52 22.04
C ASN A 227 31.08 -17.01 21.96
N GLU A 228 30.21 -17.76 21.28
CA GLU A 228 30.42 -19.19 21.16
C GLU A 228 31.70 -19.49 20.38
N MET A 229 31.92 -18.78 19.28
CA MET A 229 33.10 -19.05 18.49
C MET A 229 34.38 -18.68 19.24
N ALA A 230 34.34 -17.59 20.01
CA ALA A 230 35.48 -17.25 20.86
C ALA A 230 35.72 -18.31 21.93
N THR A 231 34.65 -18.85 22.51
CA THR A 231 34.81 -19.93 23.48
C THR A 231 35.36 -21.19 22.84
N ALA A 232 34.84 -21.56 21.67
CA ALA A 232 35.32 -22.77 21.01
C ALA A 232 36.78 -22.70 20.67
N ALA A 233 37.30 -21.52 20.36
CA ALA A 233 38.73 -21.38 20.10
C ALA A 233 39.56 -21.72 21.33
N SER A 234 39.05 -21.40 22.52
CA SER A 234 39.75 -21.74 23.75
C SER A 234 39.55 -23.19 24.17
N SER A 235 38.32 -23.69 24.12
CA SER A 235 37.96 -24.92 24.82
C SER A 235 37.77 -26.05 23.82
N SER A 236 38.40 -27.19 24.13
CA SER A 236 38.23 -28.40 23.34
C SER A 236 36.81 -28.96 23.41
N SER A 237 36.09 -28.76 24.52
CA SER A 237 34.90 -29.55 24.82
C SER A 237 33.90 -29.58 23.69
N LEU A 238 33.88 -28.53 22.86
CA LEU A 238 33.01 -28.53 21.69
C LEU A 238 33.40 -29.59 20.68
N GLU A 239 34.68 -29.92 20.61
CA GLU A 239 35.20 -30.69 19.50
C GLU A 239 34.63 -32.10 19.46
N LYS A 240 34.42 -32.60 18.25
CA LYS A 240 33.81 -33.90 18.00
C LYS A 240 34.59 -34.62 16.92
N SER A 241 34.65 -35.94 17.04
CA SER A 241 35.42 -36.76 16.13
C SER A 241 34.57 -37.91 15.62
N TYR A 242 34.78 -38.28 14.36
CA TYR A 242 33.78 -38.98 13.59
C TYR A 242 34.50 -39.89 12.61
N GLU A 243 33.85 -41.01 12.27
CA GLU A 243 34.52 -42.09 11.54
C GLU A 243 33.74 -42.47 10.28
N LEU A 244 34.42 -42.46 9.14
CA LEU A 244 33.81 -42.71 7.84
C LEU A 244 33.54 -44.19 7.65
N PRO A 245 32.71 -44.54 6.67
CA PRO A 245 32.59 -45.95 6.26
C PRO A 245 33.89 -46.66 5.92
N ASP A 246 34.93 -45.96 5.49
CA ASP A 246 36.21 -46.60 5.25
C ASP A 246 37.04 -46.73 6.52
N GLY A 247 36.50 -46.34 7.67
CA GLY A 247 37.19 -46.34 8.94
C GLY A 247 38.21 -45.24 9.13
N GLN A 248 38.50 -44.46 8.10
CA GLN A 248 39.15 -43.18 8.33
C GLN A 248 38.29 -42.33 9.25
N VAL A 249 38.92 -41.44 10.01
CA VAL A 249 38.27 -40.75 11.10
C VAL A 249 38.50 -39.25 10.96
N ILE A 250 37.52 -38.47 11.41
CA ILE A 250 37.39 -37.07 11.06
C ILE A 250 37.22 -36.30 12.35
N THR A 251 37.73 -35.07 12.39
CA THR A 251 37.56 -34.23 13.56
C THR A 251 37.06 -32.86 13.17
N ILE A 252 36.21 -32.29 14.02
CA ILE A 252 35.50 -31.04 13.76
C ILE A 252 35.68 -30.10 14.94
N GLY A 253 35.82 -28.81 14.65
CA GLY A 253 35.90 -27.81 15.68
C GLY A 253 34.83 -26.73 15.54
N ASN A 254 35.25 -25.49 15.31
CA ASN A 254 34.32 -24.37 15.18
C ASN A 254 33.24 -24.62 14.14
N GLU A 255 33.54 -25.45 13.14
CA GLU A 255 32.64 -25.76 12.04
C GLU A 255 31.25 -26.23 12.45
N ARG A 256 31.13 -26.90 13.59
CA ARG A 256 29.84 -27.44 13.99
C ARG A 256 28.77 -26.35 14.12
N PHE A 257 29.10 -25.24 14.75
CA PHE A 257 28.13 -24.16 14.71
C PHE A 257 28.11 -23.38 13.41
N ARG A 258 29.23 -23.27 12.68
CA ARG A 258 29.27 -22.32 11.57
C ARG A 258 28.18 -22.56 10.52
N CYS A 259 27.69 -23.79 10.35
CA CYS A 259 26.62 -23.99 9.36
C CYS A 259 25.31 -23.26 9.69
N PRO A 260 24.62 -23.52 10.81
CA PRO A 260 23.35 -22.81 11.02
C PRO A 260 23.45 -21.31 10.89
N GLU A 261 24.62 -20.75 11.19
CA GLU A 261 24.82 -19.32 11.04
C GLU A 261 24.48 -18.83 9.65
N THR A 262 24.66 -19.66 8.63
CA THR A 262 24.26 -19.28 7.29
C THR A 262 22.81 -18.81 7.21
N LEU A 263 21.91 -19.48 7.91
CA LEU A 263 20.50 -19.08 7.83
C LEU A 263 20.25 -17.68 8.32
N PHE A 264 21.00 -17.23 9.30
CA PHE A 264 20.83 -15.88 9.79
C PHE A 264 21.71 -14.84 9.12
N GLN A 265 22.75 -15.24 8.39
CA GLN A 265 23.60 -14.29 7.68
C GLN A 265 24.03 -14.85 6.34
N PRO A 266 23.18 -14.77 5.35
CA PRO A 266 23.57 -15.18 3.99
C PRO A 266 24.85 -14.54 3.51
N SER A 267 25.17 -13.35 4.01
CA SER A 267 26.41 -12.68 3.62
C SER A 267 27.65 -13.53 3.84
N PHE A 268 27.63 -14.51 4.75
CA PHE A 268 28.75 -15.42 4.81
C PHE A 268 28.92 -16.19 3.52
N ILE A 269 27.82 -16.48 2.82
CA ILE A 269 27.92 -17.17 1.56
C ILE A 269 27.71 -16.24 0.39
N GLY A 270 27.58 -14.94 0.63
CA GLY A 270 27.35 -14.00 -0.43
C GLY A 270 25.93 -13.98 -0.96
N MET A 271 25.04 -14.78 -0.41
CA MET A 271 23.64 -14.58 -0.67
C MET A 271 23.22 -13.26 -0.02
N GLU A 272 22.18 -12.65 -0.56
CA GLU A 272 21.84 -11.27 -0.21
C GLU A 272 20.44 -11.09 0.37
N SER A 273 19.44 -11.72 -0.22
CA SER A 273 18.12 -11.73 0.37
C SER A 273 18.16 -12.15 1.83
N ALA A 274 17.62 -11.29 2.69
CA ALA A 274 18.00 -11.21 4.09
C ALA A 274 17.80 -12.55 4.82
N GLY A 275 18.44 -12.65 5.98
CA GLY A 275 18.23 -13.79 6.85
C GLY A 275 16.77 -13.98 7.22
N ILE A 276 16.42 -15.25 7.49
CA ILE A 276 15.03 -15.67 7.40
C ILE A 276 14.16 -14.89 8.35
N HIS A 277 14.68 -14.48 9.49
CA HIS A 277 13.87 -13.68 10.40
C HIS A 277 13.57 -12.32 9.78
N GLU A 278 14.57 -11.72 9.16
CA GLU A 278 14.38 -10.41 8.56
C GLU A 278 13.35 -10.46 7.44
N THR A 279 13.35 -11.50 6.63
CA THR A 279 12.26 -11.62 5.67
C THR A 279 10.95 -11.90 6.39
N THR A 280 10.99 -12.78 7.39
CA THR A 280 9.78 -13.10 8.13
C THR A 280 9.20 -11.84 8.75
N TYR A 281 10.04 -11.03 9.36
CA TYR A 281 9.59 -9.76 9.87
C TYR A 281 9.04 -8.89 8.76
N ASN A 282 9.70 -8.87 7.61
CA ASN A 282 9.20 -8.05 6.51
C ASN A 282 7.83 -8.50 6.02
N SER A 283 7.59 -9.80 5.96
CA SER A 283 6.28 -10.25 5.52
C SER A 283 5.17 -9.87 6.47
N ILE A 284 5.41 -9.87 7.77
CA ILE A 284 4.39 -9.36 8.67
C ILE A 284 4.19 -7.86 8.47
N MET A 285 5.28 -7.11 8.37
CA MET A 285 5.16 -5.68 8.15
C MET A 285 4.42 -5.34 6.87
N LYS A 286 4.52 -6.18 5.86
CA LYS A 286 3.76 -5.96 4.64
C LYS A 286 2.29 -6.31 4.78
N CYS A 287 1.86 -6.74 5.95
CA CYS A 287 0.45 -6.96 6.26
C CYS A 287 -0.19 -5.65 6.72
N ASP A 288 -1.52 -5.64 6.71
CA ASP A 288 -2.26 -4.59 7.38
C ASP A 288 -1.92 -4.44 8.86
N ILE A 289 -2.06 -3.19 9.32
CA ILE A 289 -1.73 -2.75 10.67
C ILE A 289 -2.52 -3.45 11.78
N ASP A 290 -3.69 -4.02 11.48
CA ASP A 290 -4.39 -4.73 12.54
C ASP A 290 -3.84 -6.12 12.82
N ILE A 291 -3.69 -6.92 11.77
CA ILE A 291 -3.38 -8.33 11.90
C ILE A 291 -2.05 -8.59 12.61
N ARG A 292 -1.10 -7.68 12.44
CA ARG A 292 0.26 -7.88 12.96
C ARG A 292 0.28 -8.40 14.38
N LYS A 293 -0.57 -7.90 15.26
CA LYS A 293 -0.54 -8.43 16.62
C LYS A 293 -0.84 -9.91 16.62
N ASP A 294 -1.88 -10.30 15.87
CA ASP A 294 -2.36 -11.67 15.90
C ASP A 294 -1.35 -12.67 15.35
N LEU A 295 -0.46 -12.27 14.45
CA LEU A 295 0.51 -13.24 13.94
C LEU A 295 1.68 -13.50 14.87
N TYR A 296 2.12 -12.51 15.65
CA TYR A 296 3.09 -12.83 16.69
C TYR A 296 2.54 -13.91 17.59
N ALA A 297 1.23 -13.98 17.73
CA ALA A 297 0.59 -14.92 18.63
C ALA A 297 0.79 -16.36 18.20
N ASN A 298 0.87 -16.64 16.90
CA ASN A 298 1.06 -18.03 16.51
C ASN A 298 1.90 -18.16 15.26
N ASN A 299 2.87 -19.06 15.32
CA ASN A 299 3.93 -19.11 14.31
C ASN A 299 4.35 -20.56 14.19
N VAL A 300 4.50 -21.02 12.95
CA VAL A 300 4.58 -22.44 12.65
C VAL A 300 5.76 -22.72 11.74
N MET A 301 6.50 -23.78 12.03
CA MET A 301 7.74 -24.07 11.34
C MET A 301 7.66 -25.49 10.82
N SER A 302 8.20 -25.72 9.62
CA SER A 302 8.07 -27.02 9.01
C SER A 302 9.26 -27.34 8.14
N GLY A 303 9.61 -28.60 8.10
CA GLY A 303 10.50 -29.12 7.08
C GLY A 303 11.90 -29.40 7.61
N GLY A 304 12.61 -30.26 6.87
CA GLY A 304 13.79 -30.91 7.40
C GLY A 304 14.83 -29.94 7.91
N THR A 305 14.96 -28.80 7.25
CA THR A 305 15.92 -27.81 7.71
C THR A 305 15.60 -27.33 9.12
N THR A 306 14.32 -27.27 9.49
CA THR A 306 13.99 -26.85 10.86
C THR A 306 14.43 -27.85 11.92
N MET A 307 14.62 -29.12 11.56
CA MET A 307 14.89 -30.16 12.54
C MET A 307 16.09 -29.88 13.44
N TYR A 308 17.06 -29.11 12.98
CA TYR A 308 18.28 -28.87 13.76
C TYR A 308 17.97 -28.47 15.19
N PRO A 309 18.84 -28.82 16.14
CA PRO A 309 18.62 -28.42 17.54
C PRO A 309 18.85 -26.94 17.77
N GLY A 310 17.96 -26.33 18.55
CA GLY A 310 18.15 -24.97 18.98
C GLY A 310 17.74 -23.89 18.00
N ILE A 311 17.27 -24.24 16.81
CA ILE A 311 16.97 -23.23 15.79
C ILE A 311 15.87 -22.30 16.24
N ALA A 312 14.88 -22.82 16.97
CA ALA A 312 13.79 -21.98 17.43
C ALA A 312 14.26 -20.92 18.41
N ASP A 313 15.20 -21.28 19.28
CA ASP A 313 15.70 -20.35 20.27
C ASP A 313 16.33 -19.13 19.62
N ARG A 314 17.15 -19.34 18.59
CA ARG A 314 17.78 -18.23 17.92
C ARG A 314 16.78 -17.35 17.18
N MET A 315 15.76 -17.96 16.56
CA MET A 315 14.72 -17.19 15.89
C MET A 315 14.02 -16.19 16.82
N GLN A 316 13.62 -16.65 17.99
CA GLN A 316 12.92 -15.78 18.94
C GLN A 316 13.75 -14.55 19.27
N LYS A 317 15.04 -14.73 19.56
CA LYS A 317 15.87 -13.57 19.87
C LYS A 317 15.94 -12.61 18.70
N GLU A 318 15.93 -13.11 17.47
CA GLU A 318 16.00 -12.21 16.32
C GLU A 318 14.75 -11.36 16.17
N ILE A 319 13.57 -11.96 16.26
CA ILE A 319 12.39 -11.12 16.12
C ILE A 319 12.20 -10.25 17.34
N THR A 320 12.59 -10.74 18.51
CA THR A 320 12.63 -9.90 19.69
C THR A 320 13.59 -8.73 19.50
N ALA A 321 14.72 -8.98 18.88
CA ALA A 321 15.64 -7.89 18.63
C ALA A 321 15.09 -6.91 17.61
N LEU A 322 14.40 -7.39 16.59
CA LEU A 322 13.67 -6.45 15.75
C LEU A 322 12.62 -5.71 16.55
N ALA A 323 12.02 -6.38 17.54
CA ALA A 323 11.01 -5.81 18.43
C ALA A 323 10.02 -4.98 17.63
N PRO A 324 9.19 -5.59 16.81
CA PRO A 324 8.10 -4.83 16.20
C PRO A 324 7.28 -4.07 17.22
N SER A 325 7.22 -4.58 18.43
CA SER A 325 6.62 -3.84 19.53
C SER A 325 7.04 -4.48 20.83
N THR A 326 6.64 -3.83 21.91
CA THR A 326 6.47 -4.51 23.19
C THR A 326 5.24 -5.40 23.07
N MET A 327 5.45 -6.57 22.47
CA MET A 327 4.38 -7.52 22.23
C MET A 327 4.92 -8.91 22.47
N LYS A 328 4.04 -9.80 22.93
CA LYS A 328 4.44 -11.18 23.15
C LYS A 328 4.74 -11.89 21.85
N ILE A 329 5.75 -12.75 21.88
CA ILE A 329 6.17 -13.50 20.71
C ILE A 329 6.30 -14.96 21.12
N LYS A 330 5.89 -15.87 20.24
CA LYS A 330 5.99 -17.27 20.61
C LYS A 330 6.28 -18.11 19.38
N ILE A 331 6.80 -19.32 19.59
CA ILE A 331 7.09 -20.24 18.50
C ILE A 331 6.48 -21.60 18.83
N ILE A 332 5.83 -22.19 17.84
CA ILE A 332 5.27 -23.53 17.88
C ILE A 332 6.18 -24.47 17.09
N ALA A 333 7.01 -25.25 17.77
CA ALA A 333 7.95 -26.16 17.10
C ALA A 333 7.63 -27.59 17.51
N PRO A 334 6.50 -28.12 17.01
CA PRO A 334 6.07 -29.46 17.44
C PRO A 334 6.99 -30.54 16.90
N PRO A 335 7.07 -31.68 17.58
CA PRO A 335 7.84 -32.82 17.07
C PRO A 335 7.21 -33.37 15.80
N GLU A 336 7.97 -34.24 15.14
CA GLU A 336 7.57 -34.89 13.89
C GLU A 336 7.35 -33.87 12.78
N ARG A 337 8.12 -32.79 12.85
CA ARG A 337 7.88 -31.64 12.02
C ARG A 337 8.06 -31.96 10.54
N LYS A 338 9.08 -32.75 10.23
CA LYS A 338 9.35 -33.22 8.88
C LYS A 338 8.18 -33.95 8.21
N TYR A 339 7.58 -34.91 8.90
CA TYR A 339 6.39 -35.60 8.39
C TYR A 339 5.16 -34.73 8.26
N SER A 340 5.04 -33.65 9.04
CA SER A 340 3.80 -32.90 9.11
C SER A 340 3.24 -32.53 7.73
N VAL A 341 4.08 -32.19 6.76
CA VAL A 341 3.55 -31.84 5.46
C VAL A 341 2.81 -32.99 4.81
N TRP A 342 3.30 -34.22 4.95
CA TRP A 342 2.51 -35.34 4.45
C TRP A 342 1.27 -35.59 5.30
N ILE A 343 1.40 -35.48 6.61
CA ILE A 343 0.30 -35.86 7.48
C ILE A 343 -0.95 -35.07 7.16
N GLY A 344 -0.79 -33.77 6.92
CA GLY A 344 -1.95 -32.97 6.57
C GLY A 344 -2.68 -33.49 5.35
N GLY A 345 -1.95 -33.93 4.35
CA GLY A 345 -2.60 -34.52 3.19
C GLY A 345 -3.50 -35.68 3.51
N SER A 346 -3.14 -36.48 4.52
CA SER A 346 -4.00 -37.61 4.87
C SER A 346 -5.33 -37.14 5.41
N ILE A 347 -5.31 -36.13 6.26
CA ILE A 347 -6.55 -35.62 6.81
C ILE A 347 -7.44 -35.08 5.70
N LEU A 348 -6.86 -34.27 4.82
CA LEU A 348 -7.67 -33.63 3.80
C LEU A 348 -8.28 -34.62 2.83
N ALA A 349 -7.56 -35.68 2.47
CA ALA A 349 -8.14 -36.70 1.62
C ALA A 349 -9.37 -37.36 2.21
N SER A 350 -9.45 -37.47 3.53
CA SER A 350 -10.62 -38.09 4.13
C SER A 350 -11.87 -37.24 4.01
N LEU A 351 -11.72 -35.92 4.01
CA LEU A 351 -12.88 -35.05 4.18
C LEU A 351 -13.91 -35.28 3.08
N SER A 352 -15.19 -35.14 3.45
CA SER A 352 -16.30 -35.31 2.51
C SER A 352 -16.26 -34.33 1.34
N THR A 353 -16.03 -33.05 1.62
CA THR A 353 -16.18 -32.02 0.62
C THR A 353 -15.34 -32.24 -0.64
N PHE A 354 -14.17 -32.87 -0.52
CA PHE A 354 -13.35 -33.14 -1.70
C PHE A 354 -14.06 -33.87 -2.81
N GLN A 355 -15.08 -34.68 -2.50
CA GLN A 355 -15.83 -35.31 -3.58
C GLN A 355 -16.36 -34.30 -4.58
N GLN A 356 -16.53 -33.05 -4.17
CA GLN A 356 -16.69 -31.99 -5.15
C GLN A 356 -15.39 -31.66 -5.86
N MET A 357 -14.29 -31.56 -5.12
CA MET A 357 -13.06 -31.02 -5.67
C MET A 357 -12.35 -31.95 -6.66
N TRP A 358 -12.47 -33.26 -6.51
CA TRP A 358 -11.79 -34.17 -7.42
C TRP A 358 -12.13 -33.89 -8.87
N ILE A 359 -11.08 -33.70 -9.67
CA ILE A 359 -11.23 -33.37 -11.06
C ILE A 359 -11.22 -34.70 -11.78
N THR A 360 -12.30 -34.99 -12.49
CA THR A 360 -12.41 -36.29 -13.12
C THR A 360 -11.57 -36.35 -14.37
N LYS A 361 -11.25 -37.58 -14.78
CA LYS A 361 -10.62 -37.76 -16.07
C LYS A 361 -11.55 -37.28 -17.17
N GLN A 362 -12.84 -37.58 -17.02
CA GLN A 362 -13.81 -37.18 -18.00
C GLN A 362 -13.89 -35.67 -18.12
N GLU A 363 -13.92 -34.97 -16.99
CA GLU A 363 -13.94 -33.52 -17.02
C GLU A 363 -12.67 -32.92 -17.61
N TYR A 364 -11.52 -33.51 -17.29
CA TYR A 364 -10.30 -33.02 -17.91
C TYR A 364 -10.30 -33.22 -19.41
N ASP A 365 -10.86 -34.33 -19.86
CA ASP A 365 -10.92 -34.54 -21.30
C ASP A 365 -11.84 -33.52 -21.96
N GLU A 366 -12.95 -33.20 -21.30
CA GLU A 366 -13.84 -32.16 -21.80
C GLU A 366 -13.19 -30.79 -21.78
N ALA A 367 -12.60 -30.40 -20.65
CA ALA A 367 -12.08 -29.04 -20.51
C ALA A 367 -10.78 -28.82 -21.28
N GLY A 368 -9.92 -29.82 -21.33
CA GLY A 368 -8.50 -29.57 -21.55
C GLY A 368 -7.77 -29.10 -20.31
N PRO A 369 -6.45 -28.89 -20.46
CA PRO A 369 -5.62 -28.56 -19.28
C PRO A 369 -5.89 -27.23 -18.60
N SER A 370 -6.22 -26.18 -19.35
CA SER A 370 -6.16 -24.83 -18.79
C SER A 370 -7.01 -24.67 -17.54
N ILE A 371 -8.11 -25.40 -17.44
CA ILE A 371 -8.95 -25.36 -16.25
C ILE A 371 -8.21 -25.78 -14.98
N VAL A 372 -7.23 -26.65 -15.09
CA VAL A 372 -6.57 -27.11 -13.87
C VAL A 372 -5.74 -26.05 -13.18
N HIS A 373 -5.08 -25.15 -13.91
CA HIS A 373 -4.43 -24.09 -13.16
C HIS A 373 -5.44 -23.12 -12.56
N ARG A 374 -6.49 -22.81 -13.31
CA ARG A 374 -7.38 -21.71 -12.94
C ARG A 374 -7.97 -21.93 -11.55
N LYS A 375 -8.09 -23.19 -11.14
CA LYS A 375 -8.70 -23.57 -9.89
C LYS A 375 -8.05 -22.89 -8.69
N CYS A 376 -6.84 -22.40 -8.82
CA CYS A 376 -6.12 -21.74 -7.74
C CYS A 376 -5.02 -20.87 -8.34
N PHE A 377 -3.98 -20.61 -7.56
CA PHE A 377 -2.81 -19.89 -8.05
C PHE A 377 -2.16 -20.64 -9.20
N THR B 398 -19.56 -53.46 29.84
CA THR B 398 -19.13 -54.32 30.92
C THR B 398 -18.27 -53.55 31.92
N ASN B 399 -18.32 -52.22 31.82
CA ASN B 399 -17.54 -51.38 32.71
C ASN B 399 -18.16 -50.00 32.79
N LEU B 400 -17.96 -49.36 33.94
CA LEU B 400 -18.14 -47.92 34.08
C LEU B 400 -16.88 -47.40 34.73
N GLN B 401 -16.25 -46.42 34.10
CA GLN B 401 -15.12 -45.73 34.69
C GLN B 401 -15.17 -44.30 34.22
N LYS B 402 -14.73 -43.40 35.08
CA LYS B 402 -14.70 -42.00 34.69
C LYS B 402 -13.32 -41.42 34.95
N LYS B 403 -12.92 -40.53 34.06
CA LYS B 403 -11.60 -39.93 34.00
C LYS B 403 -11.78 -38.43 33.89
N SER B 404 -10.84 -37.68 34.46
CA SER B 404 -11.10 -36.30 34.83
C SER B 404 -10.04 -35.42 34.18
N PHE B 405 -10.49 -34.28 33.67
CA PHE B 405 -9.77 -33.50 32.69
C PHE B 405 -9.84 -32.04 33.09
N THR B 406 -8.77 -31.32 32.80
CA THR B 406 -8.54 -29.99 33.34
C THR B 406 -8.26 -29.04 32.20
N LEU B 407 -8.97 -27.92 32.19
CA LEU B 407 -9.20 -27.20 30.95
C LEU B 407 -9.12 -25.71 31.19
N TYR B 408 -8.68 -25.01 30.17
CA TYR B 408 -8.41 -23.59 30.28
C TYR B 408 -9.09 -22.84 29.16
N ARG B 409 -9.55 -21.66 29.49
CA ARG B 409 -10.26 -20.77 28.60
C ARG B 409 -9.63 -19.42 28.81
N ALA B 410 -9.41 -18.68 27.72
CA ALA B 410 -8.86 -17.35 27.83
C ALA B 410 -9.80 -16.42 27.09
N ASP B 411 -10.31 -15.42 27.81
CA ASP B 411 -11.53 -14.77 27.36
C ASP B 411 -11.57 -13.33 27.84
N ASN B 412 -12.12 -12.48 26.98
CA ASN B 412 -12.30 -11.07 27.28
C ASN B 412 -13.39 -10.79 28.29
N ARG B 413 -14.31 -11.73 28.56
CA ARG B 413 -15.12 -11.66 29.76
C ARG B 413 -14.25 -11.97 30.98
N SER B 414 -13.57 -10.93 31.45
CA SER B 414 -12.69 -11.08 32.61
C SER B 414 -13.49 -11.59 33.79
N PHE B 415 -12.80 -12.33 34.66
CA PHE B 415 -13.50 -13.20 35.62
C PHE B 415 -14.54 -12.44 36.42
N GLU B 416 -14.15 -11.31 37.01
CA GLU B 416 -15.07 -10.59 37.86
C GLU B 416 -16.28 -10.08 37.09
N GLU B 417 -16.06 -9.59 35.87
CA GLU B 417 -17.18 -9.18 35.02
C GLU B 417 -17.95 -10.37 34.49
N MET B 418 -17.25 -11.42 34.05
CA MET B 418 -17.92 -12.61 33.57
C MET B 418 -18.90 -13.14 34.60
N GLN B 419 -18.40 -13.33 35.83
CA GLN B 419 -19.23 -13.79 36.92
C GLN B 419 -20.31 -12.79 37.30
N SER B 420 -20.06 -11.49 37.14
CA SER B 420 -21.10 -10.50 37.40
C SER B 420 -22.25 -10.58 36.40
N LYS B 421 -21.96 -10.49 35.11
CA LYS B 421 -23.02 -10.47 34.11
C LYS B 421 -23.65 -11.83 33.93
N PHE B 422 -22.84 -12.87 33.71
CA PHE B 422 -23.38 -14.22 33.69
C PHE B 422 -23.67 -14.73 35.09
N PRO B 423 -24.93 -15.00 35.44
CA PRO B 423 -25.20 -16.03 36.44
C PRO B 423 -24.95 -17.43 35.92
N GLU B 424 -24.94 -17.59 34.59
CA GLU B 424 -25.02 -18.89 33.96
C GLU B 424 -23.74 -19.29 33.24
N GLY B 425 -22.62 -18.66 33.57
CA GLY B 425 -21.33 -19.04 33.04
C GLY B 425 -21.24 -18.87 31.55
N PHE B 426 -20.39 -19.70 30.96
CA PHE B 426 -20.01 -19.53 29.56
C PHE B 426 -20.99 -20.24 28.64
N LYS B 427 -21.24 -19.64 27.50
CA LYS B 427 -22.23 -20.19 26.58
C LYS B 427 -21.88 -19.75 25.17
N ALA B 428 -22.50 -20.44 24.20
CA ALA B 428 -22.36 -20.10 22.80
C ALA B 428 -23.23 -18.90 22.43
N TRP B 429 -22.90 -18.30 21.29
CA TRP B 429 -23.64 -17.13 20.83
C TRP B 429 -25.10 -17.44 20.59
N THR B 430 -25.37 -18.54 19.90
CA THR B 430 -26.72 -18.86 19.44
C THR B 430 -27.09 -20.28 19.87
N PRO B 431 -27.16 -20.52 21.17
CA PRO B 431 -27.07 -21.90 21.66
C PRO B 431 -28.30 -22.69 21.28
N LEU B 432 -28.09 -23.96 20.97
CA LEU B 432 -29.17 -24.90 20.85
C LEU B 432 -29.81 -25.16 22.20
N ASP B 433 -31.02 -25.70 22.16
CA ASP B 433 -31.54 -26.37 23.34
C ASP B 433 -30.69 -27.59 23.66
N THR B 434 -30.63 -27.94 24.93
CA THR B 434 -30.03 -29.21 25.31
C THR B 434 -30.75 -30.37 24.63
N LYS B 435 -32.08 -30.28 24.49
CA LYS B 435 -32.81 -31.29 23.75
C LYS B 435 -32.41 -31.32 22.28
N MET B 436 -32.32 -30.15 21.65
CA MET B 436 -31.86 -30.11 20.28
C MET B 436 -30.41 -30.55 20.14
N ALA B 437 -29.54 -30.18 21.08
CA ALA B 437 -28.16 -30.63 21.00
C ALA B 437 -28.05 -32.13 21.15
N ARG B 438 -28.90 -32.74 21.98
CA ARG B 438 -28.96 -34.20 22.02
C ARG B 438 -29.43 -34.77 20.70
N GLN B 439 -30.39 -34.13 20.04
CA GLN B 439 -30.79 -34.59 18.72
C GLN B 439 -29.62 -34.50 17.73
N PHE B 440 -28.93 -33.38 17.75
CA PHE B 440 -27.78 -33.17 16.87
C PHE B 440 -26.71 -34.22 17.07
N ALA B 441 -26.31 -34.45 18.31
CA ALA B 441 -25.36 -35.52 18.61
C ALA B 441 -25.89 -36.88 18.18
N SER B 442 -27.21 -37.07 18.24
CA SER B 442 -27.81 -38.33 17.80
C SER B 442 -27.72 -38.53 16.30
N ILE B 443 -27.74 -37.44 15.53
CA ILE B 443 -27.69 -37.57 14.08
C ILE B 443 -26.48 -38.36 13.60
N PHE B 444 -25.36 -38.26 14.32
CA PHE B 444 -24.19 -39.05 13.96
C PHE B 444 -24.45 -40.54 14.01
N ILE B 445 -25.34 -40.99 14.89
CA ILE B 445 -25.77 -42.38 14.80
C ILE B 445 -26.73 -42.58 13.64
N GLY B 446 -27.63 -41.65 13.43
CA GLY B 446 -28.62 -41.85 12.40
C GLY B 446 -29.84 -41.01 12.70
N GLN B 447 -31.00 -41.57 12.34
CA GLN B 447 -32.29 -41.00 12.70
C GLN B 447 -32.41 -39.53 12.32
N LYS B 448 -31.67 -39.12 11.28
CA LYS B 448 -31.51 -37.75 10.81
C LYS B 448 -32.76 -37.19 10.14
N ASP B 449 -33.93 -37.82 10.23
CA ASP B 449 -35.06 -37.48 9.37
C ASP B 449 -35.64 -36.10 9.65
N THR B 450 -35.20 -35.42 10.70
CA THR B 450 -35.82 -34.17 11.12
C THR B 450 -34.72 -33.18 11.51
N SER B 451 -35.01 -31.91 11.30
CA SER B 451 -34.12 -30.84 11.71
C SER B 451 -34.93 -29.75 12.39
N ASN B 452 -34.36 -29.17 13.44
CA ASN B 452 -35.09 -28.20 14.25
C ASN B 452 -34.24 -26.99 14.62
N LEU B 453 -33.02 -26.90 14.10
CA LEU B 453 -31.97 -26.03 14.59
C LEU B 453 -31.54 -24.97 13.57
N PRO B 454 -30.75 -23.97 13.99
CA PRO B 454 -30.41 -22.85 13.09
C PRO B 454 -29.93 -23.27 11.71
N LYS B 455 -30.56 -22.68 10.69
CA LYS B 455 -30.48 -23.15 9.32
C LYS B 455 -29.05 -23.25 8.79
N GLU B 456 -28.16 -22.37 9.22
CA GLU B 456 -26.77 -22.45 8.76
C GLU B 456 -26.15 -23.81 9.07
N THR B 457 -26.40 -24.30 10.28
CA THR B 457 -25.94 -25.62 10.64
C THR B 457 -26.66 -26.70 9.86
N VAL B 458 -27.91 -26.45 9.49
CA VAL B 458 -28.62 -27.37 8.61
C VAL B 458 -27.91 -27.47 7.26
N LYS B 459 -27.43 -26.34 6.75
CA LYS B 459 -26.61 -26.37 5.54
C LYS B 459 -25.33 -27.18 5.71
N ASN B 460 -24.68 -27.04 6.87
CA ASN B 460 -23.48 -27.82 7.11
C ASN B 460 -23.75 -29.31 7.14
N ILE B 461 -24.77 -29.73 7.89
CA ILE B 461 -25.08 -31.15 7.94
C ILE B 461 -25.61 -31.66 6.61
N SER B 462 -26.32 -30.83 5.86
CA SER B 462 -26.68 -31.22 4.52
C SER B 462 -25.44 -31.54 3.70
N THR B 463 -24.36 -30.79 3.91
CA THR B 463 -23.13 -31.08 3.17
C THR B 463 -22.60 -32.47 3.48
N TRP B 464 -22.69 -32.91 4.72
CA TRP B 464 -22.10 -34.18 5.16
C TRP B 464 -23.01 -35.38 4.95
N GLY B 465 -23.52 -35.59 3.73
CA GLY B 465 -24.54 -36.61 3.53
C GLY B 465 -24.12 -38.01 3.94
N ALA B 466 -22.89 -38.40 3.63
CA ALA B 466 -22.38 -39.71 4.03
C ALA B 466 -22.17 -39.83 5.54
N LYS B 467 -22.08 -41.10 5.97
CA LYS B 467 -22.15 -41.48 7.39
C LYS B 467 -21.12 -40.84 8.31
N PRO B 468 -19.81 -40.80 8.00
CA PRO B 468 -18.82 -40.58 9.07
C PRO B 468 -18.70 -39.11 9.45
N LYS B 469 -19.84 -38.53 9.81
CA LYS B 469 -19.97 -37.11 10.09
C LYS B 469 -18.90 -36.57 11.03
N LEU B 470 -18.34 -37.41 11.88
CA LEU B 470 -17.43 -36.91 12.92
C LEU B 470 -16.23 -36.16 12.39
N LYS B 471 -15.69 -36.55 11.26
CA LYS B 471 -14.53 -35.85 10.73
C LYS B 471 -14.92 -34.45 10.29
N ASP B 472 -15.96 -34.34 9.48
CA ASP B 472 -16.36 -33.06 8.96
C ASP B 472 -16.86 -32.14 10.07
N LEU B 473 -17.59 -32.69 11.03
CA LEU B 473 -17.97 -31.89 12.17
C LEU B 473 -16.74 -31.32 12.86
N SER B 474 -15.74 -32.15 13.13
CA SER B 474 -14.57 -31.65 13.82
C SER B 474 -13.87 -30.56 13.04
N ASN B 475 -13.74 -30.75 11.72
CA ASN B 475 -13.09 -29.72 10.91
C ASN B 475 -13.88 -28.43 10.92
N TYR B 476 -15.19 -28.53 10.69
CA TYR B 476 -16.03 -27.36 10.59
C TYR B 476 -16.01 -26.58 11.88
N ILE B 477 -16.12 -27.27 13.01
CA ILE B 477 -16.07 -26.53 14.27
C ILE B 477 -14.72 -25.90 14.47
N LYS B 478 -13.65 -26.50 13.96
CA LYS B 478 -12.36 -25.86 14.15
C LYS B 478 -12.24 -24.55 13.38
N TYR B 479 -12.49 -24.58 12.08
CA TYR B 479 -12.27 -23.38 11.27
C TYR B 479 -13.35 -22.30 11.33
N THR B 480 -14.62 -22.65 11.44
CA THR B 480 -15.63 -21.59 11.54
C THR B 480 -15.53 -20.86 12.86
N LYS B 481 -15.71 -19.55 12.82
CA LYS B 481 -15.29 -18.70 13.94
C LYS B 481 -16.27 -17.57 14.26
N ASP B 482 -17.18 -17.20 13.38
CA ASP B 482 -18.09 -16.10 13.65
C ASP B 482 -19.17 -16.48 14.66
N LYS B 483 -19.94 -15.47 15.05
CA LYS B 483 -21.12 -15.57 15.89
C LYS B 483 -22.07 -16.73 15.60
N SER B 484 -22.11 -17.16 14.35
CA SER B 484 -22.96 -18.29 13.98
C SER B 484 -22.64 -19.56 14.77
N THR B 485 -21.41 -19.73 15.23
CA THR B 485 -21.02 -20.95 15.92
C THR B 485 -21.88 -21.23 17.14
N VAL B 486 -22.03 -22.53 17.43
CA VAL B 486 -22.97 -23.02 18.44
C VAL B 486 -22.24 -23.83 19.52
N TRP B 487 -21.02 -23.45 19.84
CA TRP B 487 -20.21 -24.22 20.77
C TRP B 487 -19.24 -23.31 21.48
N VAL B 488 -18.50 -23.88 22.42
CA VAL B 488 -17.40 -23.21 23.08
C VAL B 488 -16.20 -24.14 23.03
N SER B 489 -15.01 -23.56 22.93
CA SER B 489 -13.79 -24.28 22.57
C SER B 489 -12.70 -24.00 23.60
N THR B 490 -11.90 -25.02 23.88
CA THR B 490 -11.15 -25.10 25.12
C THR B 490 -9.78 -25.69 24.89
N ALA B 491 -8.81 -25.19 25.66
CA ALA B 491 -7.40 -25.46 25.43
C ALA B 491 -6.78 -25.99 26.71
N ILE B 492 -5.86 -26.94 26.55
CA ILE B 492 -5.42 -27.76 27.66
C ILE B 492 -4.07 -27.33 28.22
N ASN B 493 -3.43 -26.30 27.65
CA ASN B 493 -2.00 -26.12 27.87
C ASN B 493 -1.59 -24.66 27.98
N THR B 494 -2.54 -23.73 28.02
CA THR B 494 -2.35 -22.28 27.96
C THR B 494 -1.81 -21.76 26.64
N GLU B 495 -1.75 -22.60 25.61
CA GLU B 495 -1.19 -22.21 24.33
C GLU B 495 -2.23 -21.74 23.32
N ALA B 496 -3.42 -21.40 23.79
CA ALA B 496 -4.59 -21.25 22.92
C ALA B 496 -4.28 -20.48 21.65
N GLY B 497 -4.80 -20.99 20.54
CA GLY B 497 -4.76 -20.32 19.26
C GLY B 497 -5.73 -19.16 19.19
N GLY B 498 -5.44 -18.11 19.93
CA GLY B 498 -6.30 -16.94 19.97
C GLY B 498 -5.58 -15.84 20.71
N GLN B 499 -6.33 -14.92 21.32
CA GLN B 499 -5.70 -13.77 21.97
C GLN B 499 -4.57 -14.22 22.88
N SER B 500 -4.82 -15.24 23.70
CA SER B 500 -3.77 -16.00 24.37
C SER B 500 -2.76 -15.11 25.09
N SER B 501 -3.17 -13.87 25.39
CA SER B 501 -2.27 -12.89 25.98
C SER B 501 -3.10 -11.74 26.52
N GLY B 502 -2.79 -11.30 27.73
CA GLY B 502 -3.52 -10.24 28.40
C GLY B 502 -4.89 -10.67 28.85
N ALA B 503 -5.60 -11.42 28.01
CA ALA B 503 -6.68 -12.30 28.41
C ALA B 503 -6.30 -13.08 29.67
N PRO B 504 -7.11 -13.00 30.72
CA PRO B 504 -6.93 -13.92 31.84
C PRO B 504 -7.30 -15.34 31.44
N LEU B 505 -7.04 -16.26 32.33
CA LEU B 505 -7.21 -17.68 32.05
C LEU B 505 -8.05 -18.29 33.16
N HIS B 506 -8.93 -19.20 32.80
CA HIS B 506 -9.93 -19.73 33.71
C HIS B 506 -9.85 -21.24 33.67
N LYS B 507 -10.12 -21.88 34.80
CA LYS B 507 -9.81 -23.29 34.93
C LYS B 507 -11.02 -24.09 35.40
N ILE B 508 -11.28 -25.17 34.68
CA ILE B 508 -12.55 -25.88 34.69
C ILE B 508 -12.23 -27.35 34.91
N ASP B 509 -13.03 -28.03 35.72
CA ASP B 509 -12.78 -29.44 35.94
C ASP B 509 -14.04 -30.28 35.79
N MET B 510 -13.86 -31.46 35.19
CA MET B 510 -14.90 -32.23 34.56
C MET B 510 -14.58 -33.71 34.74
N ASP B 511 -15.62 -34.53 34.84
CA ASP B 511 -15.43 -35.97 34.92
C ASP B 511 -16.41 -36.67 33.98
N LEU B 512 -15.88 -37.57 33.14
CA LEU B 512 -16.48 -37.86 31.85
C LEU B 512 -16.24 -39.31 31.45
N TYR B 513 -17.03 -39.75 30.47
CA TYR B 513 -16.84 -41.02 29.80
C TYR B 513 -16.48 -40.75 28.35
N GLU B 514 -15.64 -41.60 27.77
CA GLU B 514 -14.93 -41.28 26.53
C GLU B 514 -15.09 -42.40 25.52
N PHE B 515 -15.27 -42.03 24.25
CA PHE B 515 -15.68 -42.98 23.23
C PHE B 515 -15.04 -42.70 21.90
N ALA B 516 -14.72 -43.77 21.19
CA ALA B 516 -14.28 -43.75 19.81
C ALA B 516 -15.34 -44.51 19.02
N ILE B 517 -15.56 -44.09 17.79
CA ILE B 517 -16.78 -44.45 17.10
C ILE B 517 -16.44 -44.97 15.71
N ASP B 518 -16.93 -46.15 15.40
CA ASP B 518 -16.78 -46.70 14.05
C ASP B 518 -17.70 -46.00 13.07
N GLY B 519 -18.87 -45.59 13.52
CA GLY B 519 -19.85 -44.94 12.67
C GLY B 519 -21.23 -45.38 13.09
N GLN B 520 -21.29 -46.40 13.95
CA GLN B 520 -22.57 -46.96 14.36
C GLN B 520 -22.65 -47.27 15.84
N LYS B 521 -21.54 -47.37 16.55
CA LYS B 521 -21.52 -47.69 17.96
C LYS B 521 -20.56 -46.75 18.67
N LEU B 522 -20.63 -46.73 19.99
CA LEU B 522 -19.68 -45.99 20.79
C LEU B 522 -19.11 -46.98 21.80
N ASN B 523 -17.79 -47.02 21.88
CA ASN B 523 -17.13 -48.22 22.29
C ASN B 523 -16.11 -47.92 23.38
N PRO B 524 -15.96 -48.80 24.35
CA PRO B 524 -15.26 -48.41 25.57
C PRO B 524 -13.79 -48.20 25.30
N LEU B 525 -13.24 -47.19 25.94
CA LEU B 525 -11.85 -46.79 25.77
C LEU B 525 -11.24 -46.57 27.13
N PRO B 526 -11.05 -47.63 27.92
CA PRO B 526 -10.26 -47.46 29.14
C PRO B 526 -8.86 -46.99 28.82
N GLU B 527 -8.19 -47.64 27.89
CA GLU B 527 -7.13 -47.00 27.14
C GLU B 527 -7.72 -45.95 26.22
N GLY B 528 -7.20 -44.72 26.33
CA GLY B 528 -7.88 -43.58 25.74
C GLY B 528 -7.69 -43.40 24.24
N ARG B 529 -6.58 -43.91 23.70
CA ARG B 529 -6.32 -43.87 22.26
C ARG B 529 -6.49 -42.46 21.70
N THR B 530 -5.95 -41.49 22.42
CA THR B 530 -6.01 -40.10 21.98
C THR B 530 -4.71 -39.60 21.35
N LYS B 531 -3.76 -40.49 21.10
CA LYS B 531 -2.60 -40.12 20.27
C LYS B 531 -2.83 -40.32 18.79
N ASN B 532 -3.50 -41.41 18.41
CA ASN B 532 -3.90 -41.57 17.02
C ASN B 532 -4.96 -40.52 16.68
N MET B 533 -4.81 -39.88 15.54
CA MET B 533 -5.51 -38.64 15.21
C MET B 533 -6.88 -38.90 14.61
N VAL B 534 -7.60 -39.87 15.16
CA VAL B 534 -9.04 -40.01 14.97
C VAL B 534 -9.66 -39.04 15.97
N PRO B 535 -10.87 -38.55 15.77
CA PRO B 535 -11.54 -37.80 16.82
C PRO B 535 -11.90 -38.68 18.00
N SER B 536 -12.23 -38.02 19.10
CA SER B 536 -12.79 -38.68 20.25
C SER B 536 -13.97 -37.90 20.78
N LEU B 537 -14.92 -38.62 21.35
CA LEU B 537 -16.20 -38.09 21.77
C LEU B 537 -16.41 -38.38 23.24
N LEU B 538 -16.97 -37.42 23.96
CA LEU B 538 -17.05 -37.47 25.41
C LEU B 538 -18.46 -37.18 25.87
N LEU B 539 -18.94 -37.97 26.83
CA LEU B 539 -20.32 -37.97 27.27
C LEU B 539 -20.34 -37.89 28.79
N ASP B 540 -21.36 -37.19 29.32
CA ASP B 540 -21.57 -37.16 30.76
C ASP B 540 -21.87 -38.53 31.36
N THR B 541 -22.46 -39.44 30.59
CA THR B 541 -23.10 -40.61 31.16
C THR B 541 -22.96 -41.76 30.18
N PRO B 542 -23.18 -43.01 30.64
CA PRO B 542 -22.91 -44.16 29.78
C PRO B 542 -23.80 -44.27 28.55
N GLN B 543 -24.65 -43.30 28.28
CA GLN B 543 -25.45 -43.33 27.05
C GLN B 543 -25.82 -41.90 26.71
N ILE B 544 -26.24 -41.70 25.46
CA ILE B 544 -26.51 -40.37 24.92
C ILE B 544 -27.61 -39.61 25.67
N GLU B 545 -28.51 -40.33 26.34
CA GLU B 545 -29.76 -39.72 26.80
C GLU B 545 -29.54 -38.51 27.69
N THR B 546 -28.64 -38.63 28.68
CA THR B 546 -28.53 -37.59 29.70
C THR B 546 -28.18 -36.24 29.09
N SER B 547 -27.29 -36.23 28.11
CA SER B 547 -27.07 -35.04 27.28
C SER B 547 -26.84 -33.79 28.12
N SER B 548 -26.33 -33.95 29.34
CA SER B 548 -26.04 -32.76 30.14
C SER B 548 -24.75 -32.06 29.74
N ILE B 549 -23.74 -32.80 29.30
CA ILE B 549 -22.65 -32.24 28.53
C ILE B 549 -22.38 -33.15 27.33
N ILE B 550 -22.13 -32.54 26.18
CA ILE B 550 -21.56 -33.27 25.06
C ILE B 550 -20.38 -32.50 24.55
N ALA B 551 -19.22 -33.16 24.54
CA ALA B 551 -17.98 -32.51 24.21
C ALA B 551 -17.11 -33.52 23.49
N LEU B 552 -16.32 -33.04 22.55
CA LEU B 552 -15.45 -33.91 21.78
C LEU B 552 -14.05 -33.32 21.73
N ASN B 553 -13.09 -34.22 21.51
CA ASN B 553 -11.68 -33.90 21.65
C ASN B 553 -11.02 -34.36 20.35
N HIS B 554 -10.30 -33.45 19.72
CA HIS B 554 -9.63 -33.73 18.48
C HIS B 554 -8.40 -32.85 18.36
N GLY B 555 -7.37 -33.39 17.74
CA GLY B 555 -6.11 -32.69 17.61
C GLY B 555 -4.97 -33.67 17.82
N PRO B 556 -3.76 -33.16 17.98
CA PRO B 556 -2.67 -34.02 18.44
C PRO B 556 -2.82 -34.35 19.91
N VAL B 557 -2.01 -35.31 20.37
CA VAL B 557 -2.07 -35.72 21.77
C VAL B 557 -1.80 -34.55 22.70
N ASN B 558 -0.82 -33.72 22.36
CA ASN B 558 -0.37 -32.67 23.26
C ASN B 558 -1.16 -31.37 23.06
N ASP B 559 -1.19 -30.88 21.84
CA ASP B 559 -1.90 -29.64 21.52
C ASP B 559 -3.39 -29.91 21.35
N ALA B 560 -3.99 -30.57 22.34
CA ALA B 560 -5.35 -31.07 22.22
C ALA B 560 -6.35 -29.98 22.54
N SER B 561 -7.54 -30.11 21.97
CA SER B 561 -8.59 -29.12 22.13
C SER B 561 -9.92 -29.82 22.28
N ILE B 562 -10.78 -29.25 23.13
CA ILE B 562 -12.07 -29.81 23.47
C ILE B 562 -13.13 -28.74 23.31
N SER B 563 -14.28 -29.13 22.80
CA SER B 563 -15.35 -28.19 22.49
C SER B 563 -16.69 -28.79 22.90
N PHE B 564 -17.61 -27.92 23.30
CA PHE B 564 -18.79 -28.32 24.06
C PHE B 564 -20.01 -27.79 23.35
N LEU B 565 -21.02 -28.62 23.23
CA LEU B 565 -22.31 -28.16 22.77
C LEU B 565 -23.24 -27.80 23.91
N THR B 566 -22.69 -27.56 25.11
CA THR B 566 -23.48 -27.51 26.32
C THR B 566 -22.87 -26.52 27.28
N THR B 567 -23.73 -25.84 28.04
CA THR B 567 -23.30 -24.77 28.94
C THR B 567 -22.21 -25.24 29.90
N ILE B 568 -21.24 -24.36 30.14
CA ILE B 568 -20.23 -24.58 31.15
C ILE B 568 -20.47 -23.60 32.29
N PRO B 569 -21.24 -23.97 33.30
CA PRO B 569 -21.62 -23.02 34.34
C PRO B 569 -20.47 -22.71 35.28
N LEU B 570 -20.62 -21.59 35.99
CA LEU B 570 -19.64 -21.17 36.99
C LEU B 570 -19.40 -22.27 38.02
N LYS B 571 -20.40 -23.10 38.28
CA LYS B 571 -20.23 -24.21 39.21
C LYS B 571 -19.01 -25.04 38.88
N ASN B 572 -18.79 -25.27 37.60
CA ASN B 572 -17.59 -25.96 37.16
C ASN B 572 -16.33 -25.12 37.26
N VAL B 573 -16.42 -23.79 37.28
CA VAL B 573 -15.34 -22.93 36.81
C VAL B 573 -14.87 -22.01 37.93
N LYS B 574 -13.57 -21.79 37.97
CA LYS B 574 -12.84 -20.94 38.91
C LYS B 574 -11.93 -19.98 38.17
N PRO B 575 -11.48 -18.91 38.82
CA PRO B 575 -10.38 -18.11 38.27
C PRO B 575 -9.08 -18.88 38.31
N HIS B 576 -8.22 -18.63 37.32
CA HIS B 576 -6.96 -19.36 37.25
C HIS B 576 -5.78 -18.47 36.88
N LYS B 577 -4.60 -19.03 37.13
CA LYS B 577 -3.32 -18.34 37.09
C LYS B 577 -2.87 -18.10 35.66
N ARG B 578 -2.89 -16.85 35.23
CA ARG B 578 -2.35 -16.49 33.91
C ARG B 578 -0.92 -16.98 33.72
N THR C 7 -47.51 -6.82 23.75
CA THR C 7 -48.17 -5.53 23.83
C THR C 7 -47.15 -4.41 23.91
N THR C 8 -45.95 -4.75 24.37
CA THR C 8 -44.87 -3.78 24.47
C THR C 8 -44.38 -3.44 23.07
N ALA C 9 -44.65 -2.22 22.64
CA ALA C 9 -44.18 -1.74 21.35
C ALA C 9 -42.66 -1.69 21.33
N LEU C 10 -42.13 -1.38 20.16
CA LEU C 10 -40.71 -1.44 19.88
C LEU C 10 -40.19 -0.10 19.41
N VAL C 11 -38.98 0.22 19.84
CA VAL C 11 -38.41 1.54 19.65
C VAL C 11 -37.09 1.34 18.96
N CYS C 12 -36.95 1.97 17.82
CA CYS C 12 -35.89 1.63 16.88
C CYS C 12 -35.37 2.92 16.29
N ASP C 13 -34.06 2.99 16.13
CA ASP C 13 -33.40 4.24 15.87
C ASP C 13 -32.48 4.13 14.68
N ASN C 14 -32.37 5.22 13.95
CA ASN C 14 -31.57 5.25 12.74
C ASN C 14 -30.55 6.34 12.95
N GLY C 15 -29.29 5.98 12.83
CA GLY C 15 -28.25 6.90 13.20
C GLY C 15 -27.06 6.70 12.29
N SER C 16 -26.42 7.78 11.89
CA SER C 16 -25.34 7.64 10.93
C SER C 16 -24.15 6.93 11.55
N GLY C 17 -24.09 6.86 12.88
CA GLY C 17 -23.02 6.14 13.52
C GLY C 17 -23.50 4.92 14.27
N LEU C 18 -24.54 5.07 15.07
CA LEU C 18 -24.98 4.00 15.95
C LEU C 18 -26.48 3.82 15.87
N VAL C 19 -26.91 2.57 16.03
CA VAL C 19 -28.30 2.16 15.88
C VAL C 19 -28.77 1.52 17.17
N LYS C 20 -29.94 1.91 17.65
CA LYS C 20 -30.36 1.64 19.01
C LYS C 20 -31.75 1.04 18.98
N ALA C 21 -31.97 0.01 19.77
CA ALA C 21 -33.24 -0.71 19.73
C ALA C 21 -33.69 -0.98 21.15
N GLY C 22 -34.98 -0.85 21.38
CA GLY C 22 -35.49 -0.67 22.73
C GLY C 22 -36.85 -1.31 22.90
N PHE C 23 -37.15 -1.70 24.13
CA PHE C 23 -38.48 -2.13 24.49
C PHE C 23 -39.05 -1.15 25.50
N ALA C 24 -40.35 -0.90 25.38
CA ALA C 24 -41.01 0.06 26.23
C ALA C 24 -40.88 -0.33 27.70
N GLY C 25 -40.37 0.59 28.51
CA GLY C 25 -40.10 0.34 29.90
C GLY C 25 -38.66 0.06 30.23
N ASP C 26 -37.82 -0.20 29.24
CA ASP C 26 -36.39 -0.15 29.47
C ASP C 26 -35.96 1.29 29.72
N ASP C 27 -34.86 1.46 30.45
CA ASP C 27 -34.22 2.77 30.54
C ASP C 27 -32.76 2.73 30.09
N ALA C 28 -32.35 1.69 29.38
CA ALA C 28 -31.05 1.67 28.75
C ALA C 28 -31.20 0.88 27.48
N PRO C 29 -30.49 1.25 26.42
CA PRO C 29 -30.72 0.57 25.14
C PRO C 29 -30.27 -0.87 25.23
N ARG C 30 -31.09 -1.75 24.67
CA ARG C 30 -30.83 -3.17 24.78
C ARG C 30 -29.65 -3.61 23.93
N ALA C 31 -29.44 -2.96 22.80
CA ALA C 31 -28.24 -3.18 22.02
C ALA C 31 -27.82 -1.89 21.35
N VAL C 32 -26.51 -1.68 21.26
CA VAL C 32 -25.95 -0.63 20.41
C VAL C 32 -24.73 -1.20 19.72
N PHE C 33 -24.65 -1.03 18.42
CA PHE C 33 -23.53 -1.55 17.67
C PHE C 33 -23.26 -0.70 16.44
N PRO C 34 -22.03 -0.69 15.94
CA PRO C 34 -21.69 0.13 14.77
C PRO C 34 -22.43 -0.31 13.53
N SER C 35 -23.03 0.67 12.86
CA SER C 35 -23.99 0.45 11.78
C SER C 35 -23.32 0.14 10.45
N ILE C 36 -22.52 -0.93 10.40
CA ILE C 36 -21.56 -1.13 9.33
C ILE C 36 -21.78 -2.50 8.71
N VAL C 37 -21.65 -2.59 7.39
CA VAL C 37 -21.82 -3.84 6.66
C VAL C 37 -20.61 -4.08 5.78
N GLY C 38 -20.11 -5.30 5.81
CA GLY C 38 -18.80 -5.61 5.26
C GLY C 38 -18.82 -6.91 4.50
N ARG C 39 -18.03 -6.97 3.44
CA ARG C 39 -17.93 -8.18 2.65
C ARG C 39 -16.47 -8.47 2.31
N PRO C 40 -16.12 -9.74 2.09
CA PRO C 40 -14.71 -10.14 2.08
C PRO C 40 -13.96 -9.80 0.80
N ARG C 41 -12.73 -9.36 0.99
CA ARG C 41 -11.80 -8.94 -0.06
C ARG C 41 -11.03 -10.08 -0.70
N HIS C 42 -11.09 -11.29 -0.17
CA HIS C 42 -10.22 -12.36 -0.63
C HIS C 42 -10.98 -13.67 -0.74
N GLN C 43 -10.40 -14.59 -1.51
CA GLN C 43 -11.11 -15.80 -1.88
C GLN C 43 -11.42 -16.66 -0.67
N GLY C 44 -10.43 -16.91 0.17
CA GLY C 44 -10.59 -17.92 1.20
C GLY C 44 -10.15 -19.25 0.61
N VAL C 45 -9.53 -20.12 1.40
CA VAL C 45 -8.84 -21.24 0.78
C VAL C 45 -9.05 -22.54 1.52
N MET C 46 -9.27 -22.49 2.82
CA MET C 46 -9.38 -23.73 3.57
C MET C 46 -10.76 -24.34 3.42
N VAL C 47 -10.78 -25.64 3.12
CA VAL C 47 -12.00 -26.33 2.76
C VAL C 47 -12.90 -26.47 3.96
N GLY C 48 -14.21 -26.33 3.74
CA GLY C 48 -15.20 -26.44 4.78
C GLY C 48 -15.31 -25.26 5.73
N MET C 49 -14.57 -24.18 5.48
CA MET C 49 -14.60 -23.05 6.39
C MET C 49 -15.98 -22.43 6.50
N GLY C 50 -16.86 -22.67 5.53
CA GLY C 50 -18.24 -22.24 5.69
C GLY C 50 -18.43 -20.75 5.71
N GLN C 51 -17.74 -20.01 4.84
CA GLN C 51 -17.75 -18.56 4.90
C GLN C 51 -19.13 -17.98 4.61
N LYS C 52 -19.44 -16.88 5.29
CA LYS C 52 -20.68 -16.16 5.03
C LYS C 52 -20.58 -15.36 3.74
N ASP C 53 -21.74 -14.85 3.33
CA ASP C 53 -21.80 -13.83 2.29
C ASP C 53 -21.32 -12.47 2.77
N SER C 54 -21.54 -12.14 4.03
CA SER C 54 -21.40 -10.76 4.49
C SER C 54 -21.41 -10.74 6.00
N TYR C 55 -20.95 -9.63 6.57
CA TYR C 55 -20.83 -9.48 8.01
C TYR C 55 -21.34 -8.12 8.42
N VAL C 56 -21.88 -8.04 9.63
CA VAL C 56 -22.56 -6.84 10.08
C VAL C 56 -22.31 -6.62 11.56
N GLY C 57 -22.20 -5.36 11.95
CA GLY C 57 -21.90 -4.99 13.32
C GLY C 57 -20.58 -5.50 13.83
N ASP C 58 -20.59 -6.05 15.04
CA ASP C 58 -19.36 -6.39 15.74
C ASP C 58 -18.49 -7.36 14.94
N GLU C 59 -19.12 -8.25 14.19
CA GLU C 59 -18.36 -9.18 13.36
C GLU C 59 -17.41 -8.43 12.46
N ALA C 60 -17.85 -7.30 11.92
CA ALA C 60 -17.00 -6.55 11.02
C ALA C 60 -15.83 -5.93 11.74
N GLN C 61 -15.99 -5.57 13.01
CA GLN C 61 -14.85 -5.11 13.78
C GLN C 61 -13.87 -6.23 14.08
N SER C 62 -14.38 -7.42 14.40
CA SER C 62 -13.49 -8.53 14.72
C SER C 62 -12.66 -8.94 13.51
N LYS C 63 -13.27 -9.02 12.34
CA LYS C 63 -12.62 -9.44 11.11
C LYS C 63 -12.07 -8.26 10.31
N ARG C 64 -11.85 -7.13 10.97
CA ARG C 64 -11.71 -5.86 10.29
C ARG C 64 -10.61 -5.85 9.22
N GLY C 65 -9.50 -6.52 9.49
CA GLY C 65 -8.40 -6.47 8.53
C GLY C 65 -8.69 -7.06 7.16
N ILE C 66 -9.43 -8.17 7.12
CA ILE C 66 -9.69 -8.82 5.84
C ILE C 66 -10.75 -8.15 5.00
N LEU C 67 -11.33 -7.04 5.43
CA LEU C 67 -12.67 -6.66 5.02
C LEU C 67 -12.71 -5.23 4.51
N THR C 68 -13.77 -4.95 3.76
CA THR C 68 -14.08 -3.65 3.19
C THR C 68 -15.45 -3.22 3.67
N LEU C 69 -15.60 -1.94 3.96
CA LEU C 69 -16.61 -1.46 4.89
C LEU C 69 -17.44 -0.38 4.25
N LYS C 70 -18.72 -0.40 4.53
CA LYS C 70 -19.66 0.55 3.96
C LYS C 70 -20.47 1.18 5.07
N TYR C 71 -20.78 2.40 4.90
CA TYR C 71 -21.91 2.85 5.66
C TYR C 71 -23.12 2.94 4.76
N PRO C 72 -24.26 2.42 5.20
CA PRO C 72 -25.49 2.53 4.41
C PRO C 72 -26.20 3.86 4.55
N ILE C 73 -25.58 4.84 5.18
CA ILE C 73 -26.20 6.12 5.49
C ILE C 73 -25.32 7.23 4.92
N GLU C 74 -25.96 8.28 4.42
CA GLU C 74 -25.25 9.54 4.21
C GLU C 74 -26.01 10.72 4.78
N GLY C 76 -28.34 12.27 6.15
CA GLY C 76 -29.58 11.59 6.47
C GLY C 76 -30.16 10.80 5.32
N ILE C 77 -29.43 10.77 4.22
CA ILE C 77 -29.86 10.00 3.06
C ILE C 77 -29.50 8.53 3.28
N ILE C 78 -30.22 7.64 2.62
CA ILE C 78 -29.80 6.26 2.50
C ILE C 78 -29.67 5.89 1.04
N THR C 79 -28.66 5.07 0.74
CA THR C 79 -28.25 4.77 -0.63
C THR C 79 -28.27 3.29 -0.99
N ASN C 80 -28.61 2.40 -0.08
CA ASN C 80 -28.37 0.98 -0.28
C ASN C 80 -29.36 0.21 0.56
N TRP C 81 -30.59 0.12 0.07
CA TRP C 81 -31.71 -0.30 0.89
C TRP C 81 -31.59 -1.73 1.40
N ASP C 82 -30.96 -2.61 0.63
CA ASP C 82 -30.86 -3.99 1.05
C ASP C 82 -29.90 -4.16 2.21
N ASP C 83 -28.78 -3.43 2.21
CA ASP C 83 -27.90 -3.51 3.36
C ASP C 83 -28.57 -2.95 4.61
N MET C 84 -29.34 -1.88 4.45
CA MET C 84 -30.11 -1.37 5.57
C MET C 84 -31.05 -2.44 6.11
N GLU C 85 -31.74 -3.13 5.21
CA GLU C 85 -32.60 -4.22 5.64
C GLU C 85 -31.85 -5.30 6.36
N LYS C 86 -30.65 -5.63 5.88
CA LYS C 86 -29.87 -6.65 6.56
C LYS C 86 -29.49 -6.22 7.95
N ILE C 87 -29.28 -4.92 8.14
CA ILE C 87 -29.05 -4.43 9.49
C ILE C 87 -30.25 -4.70 10.36
N TRP C 88 -31.44 -4.31 9.90
CA TRP C 88 -32.62 -4.56 10.73
C TRP C 88 -32.81 -6.04 11.02
N HIS C 89 -32.64 -6.87 10.00
CA HIS C 89 -32.83 -8.31 10.14
C HIS C 89 -31.94 -8.87 11.22
N HIS C 90 -30.66 -8.52 11.16
CA HIS C 90 -29.73 -8.96 12.18
C HIS C 90 -30.09 -8.40 13.53
N THR C 91 -30.61 -7.17 13.54
CA THR C 91 -30.93 -6.55 14.82
C THR C 91 -32.00 -7.31 15.55
N PHE C 92 -33.12 -7.57 14.87
CA PHE C 92 -34.21 -8.23 15.57
C PHE C 92 -33.86 -9.66 15.93
N TYR C 93 -33.38 -10.44 14.96
CA TYR C 93 -33.24 -11.87 15.24
C TYR C 93 -32.08 -12.15 16.17
N ASN C 94 -30.91 -11.63 15.89
CA ASN C 94 -29.83 -11.98 16.80
C ASN C 94 -29.86 -11.12 18.04
N GLU C 95 -29.95 -9.80 17.89
CA GLU C 95 -29.81 -8.96 19.06
C GLU C 95 -31.04 -9.03 19.95
N LEU C 96 -32.24 -8.92 19.36
CA LEU C 96 -33.36 -8.92 20.28
C LEU C 96 -33.97 -10.28 20.52
N ARG C 97 -33.86 -11.20 19.56
CA ARG C 97 -34.45 -12.53 19.72
C ARG C 97 -35.94 -12.44 20.01
N VAL C 98 -36.59 -11.46 19.38
CA VAL C 98 -38.02 -11.28 19.45
C VAL C 98 -38.56 -11.21 18.03
N ALA C 99 -39.72 -11.77 17.82
CA ALA C 99 -40.26 -11.76 16.47
C ALA C 99 -40.98 -10.44 16.17
N PRO C 100 -40.86 -9.94 14.95
CA PRO C 100 -41.29 -8.56 14.67
C PRO C 100 -42.80 -8.37 14.64
N GLU C 101 -43.57 -9.38 14.23
CA GLU C 101 -45.02 -9.25 14.16
C GLU C 101 -45.63 -8.94 15.52
N GLU C 102 -44.95 -9.34 16.61
CA GLU C 102 -45.54 -9.20 17.93
C GLU C 102 -45.99 -7.79 18.21
N HIS C 103 -45.27 -6.80 17.69
CA HIS C 103 -45.39 -5.46 18.24
C HIS C 103 -45.43 -4.43 17.14
N PRO C 104 -46.09 -3.30 17.37
CA PRO C 104 -45.94 -2.14 16.50
C PRO C 104 -44.55 -1.54 16.65
N THR C 105 -44.18 -0.72 15.68
CA THR C 105 -42.79 -0.34 15.49
C THR C 105 -42.70 1.16 15.35
N LEU C 106 -41.61 1.72 15.88
CA LEU C 106 -41.39 3.16 15.92
C LEU C 106 -40.04 3.53 15.32
N LEU C 107 -40.05 4.50 14.40
CA LEU C 107 -38.90 4.81 13.57
C LEU C 107 -38.69 6.31 13.51
N THR C 108 -37.42 6.71 13.36
CA THR C 108 -36.96 8.07 13.64
C THR C 108 -36.27 8.66 12.43
N GLU C 109 -36.47 9.96 12.23
CA GLU C 109 -35.88 10.69 11.12
C GLU C 109 -35.44 12.09 11.51
N ALA C 110 -34.36 12.54 10.89
CA ALA C 110 -33.90 13.90 11.06
C ALA C 110 -34.91 14.91 10.50
N PRO C 111 -34.92 16.14 11.02
CA PRO C 111 -36.10 17.00 10.90
C PRO C 111 -36.44 17.44 9.50
N LEU C 112 -35.56 17.28 8.52
CA LEU C 112 -35.90 17.67 7.16
C LEU C 112 -35.24 16.68 6.21
N ASN C 113 -36.03 15.75 5.67
CA ASN C 113 -35.45 14.78 4.76
C ASN C 113 -36.48 14.37 3.72
N PRO C 114 -36.03 14.02 2.51
CA PRO C 114 -36.96 13.86 1.39
C PRO C 114 -37.92 12.69 1.56
N LYS C 115 -39.16 12.92 1.13
CA LYS C 115 -40.28 12.03 1.45
C LYS C 115 -40.03 10.59 1.05
N ALA C 116 -39.30 10.38 -0.04
CA ALA C 116 -39.10 9.02 -0.54
C ALA C 116 -38.52 8.08 0.50
N ASN C 117 -37.67 8.57 1.40
CA ASN C 117 -37.14 7.67 2.43
C ASN C 117 -38.23 7.14 3.35
N ARG C 118 -39.11 8.02 3.81
CA ARG C 118 -40.17 7.54 4.67
C ARG C 118 -41.13 6.64 3.92
N GLU C 119 -41.39 6.90 2.65
CA GLU C 119 -42.18 5.94 1.89
C GLU C 119 -41.51 4.56 1.81
N LYS C 120 -40.19 4.52 1.59
CA LYS C 120 -39.55 3.22 1.54
C LYS C 120 -39.65 2.51 2.88
N MET C 121 -39.33 3.21 3.96
CA MET C 121 -39.41 2.57 5.27
C MET C 121 -40.80 2.06 5.56
N THR C 122 -41.83 2.82 5.20
CA THR C 122 -43.19 2.35 5.46
C THR C 122 -43.49 1.08 4.70
N GLN C 123 -43.20 1.09 3.41
CA GLN C 123 -43.50 -0.08 2.60
C GLN C 123 -42.76 -1.30 3.12
N ILE C 124 -41.47 -1.14 3.40
CA ILE C 124 -40.68 -2.27 3.87
C ILE C 124 -41.16 -2.76 5.23
N MET C 125 -41.44 -1.85 6.16
CA MET C 125 -41.84 -2.31 7.49
C MET C 125 -43.14 -3.09 7.48
N PHE C 126 -44.12 -2.66 6.68
CA PHE C 126 -45.33 -3.48 6.62
C PHE C 126 -45.11 -4.77 5.86
N GLU C 127 -44.50 -4.71 4.68
CA GLU C 127 -44.47 -5.89 3.84
C GLU C 127 -43.49 -6.96 4.33
N THR C 128 -42.29 -6.59 4.78
CA THR C 128 -41.32 -7.61 5.15
C THR C 128 -41.54 -8.18 6.55
N PHE C 129 -41.78 -7.33 7.54
CA PHE C 129 -41.77 -7.79 8.92
C PHE C 129 -43.15 -7.99 9.50
N ASN C 130 -44.21 -7.75 8.73
CA ASN C 130 -45.57 -8.09 9.13
C ASN C 130 -45.94 -7.48 10.48
N VAL C 131 -45.43 -6.30 10.77
CA VAL C 131 -45.73 -5.59 12.00
C VAL C 131 -47.21 -5.22 12.01
N PRO C 132 -47.84 -5.08 13.16
CA PRO C 132 -49.23 -4.62 13.18
C PRO C 132 -49.40 -3.17 12.78
N ALA C 133 -48.50 -2.28 13.21
CA ALA C 133 -48.67 -0.86 12.94
C ALA C 133 -47.33 -0.15 13.05
N MET C 134 -47.26 1.06 12.48
CA MET C 134 -45.99 1.77 12.38
C MET C 134 -46.22 3.27 12.58
N TYR C 135 -45.24 3.91 13.21
CA TYR C 135 -45.24 5.36 13.44
C TYR C 135 -43.87 5.97 13.18
N VAL C 136 -43.86 7.22 12.73
CA VAL C 136 -42.64 7.93 12.39
C VAL C 136 -42.62 9.26 13.13
N ALA C 137 -41.45 9.61 13.65
CA ALA C 137 -41.29 10.55 14.75
C ALA C 137 -40.02 11.34 14.52
N ILE C 138 -39.96 12.55 15.09
CA ILE C 138 -38.98 13.55 14.67
C ILE C 138 -38.05 13.83 15.83
N GLN C 139 -36.76 13.66 15.57
CA GLN C 139 -35.80 13.32 16.60
C GLN C 139 -35.66 14.43 17.65
N ALA C 140 -35.72 15.68 17.22
CA ALA C 140 -35.61 16.78 18.17
C ALA C 140 -36.66 16.70 19.26
N VAL C 141 -37.88 16.30 18.92
CA VAL C 141 -38.94 16.24 19.91
C VAL C 141 -38.65 15.16 20.96
N LEU C 142 -38.24 13.99 20.49
CA LEU C 142 -37.96 12.92 21.43
C LEU C 142 -36.79 13.29 22.31
N SER C 143 -35.78 13.94 21.74
CA SER C 143 -34.69 14.44 22.55
C SER C 143 -35.20 15.41 23.60
N LEU C 144 -36.13 16.28 23.22
CA LEU C 144 -36.64 17.27 24.15
C LEU C 144 -37.34 16.62 25.32
N TYR C 145 -38.06 15.53 25.09
CA TYR C 145 -38.72 14.83 26.20
C TYR C 145 -37.75 14.45 27.30
N ALA C 146 -36.46 14.31 27.00
CA ALA C 146 -35.50 14.00 28.04
C ALA C 146 -35.54 15.00 29.17
N SER C 147 -35.93 16.24 28.89
CA SER C 147 -36.14 17.22 29.96
C SER C 147 -37.51 17.86 29.93
N GLY C 148 -38.35 17.53 28.96
CA GLY C 148 -39.78 17.77 29.02
C GLY C 148 -40.25 19.20 29.05
N ARG C 149 -39.35 20.18 29.00
CA ARG C 149 -39.78 21.57 29.14
C ARG C 149 -40.72 21.93 27.99
N THR C 150 -41.83 22.58 28.32
CA THR C 150 -42.88 22.78 27.32
C THR C 150 -42.52 23.84 26.31
N THR C 151 -41.50 24.65 26.58
CA THR C 151 -40.92 25.54 25.60
C THR C 151 -39.42 25.27 25.55
N GLY C 152 -38.92 24.96 24.37
CA GLY C 152 -37.57 24.45 24.24
C GLY C 152 -36.97 24.85 22.93
N ILE C 153 -35.65 25.02 22.95
CA ILE C 153 -34.85 25.17 21.74
C ILE C 153 -33.80 24.09 21.75
N VAL C 154 -33.60 23.49 20.59
CA VAL C 154 -32.96 22.20 20.48
C VAL C 154 -31.84 22.34 19.49
N LEU C 155 -30.71 21.76 19.82
CA LEU C 155 -29.59 21.69 18.91
C LEU C 155 -29.15 20.25 18.90
N ASP C 156 -28.97 19.71 17.73
CA ASP C 156 -28.54 18.35 17.60
C ASP C 156 -27.37 18.33 16.65
N SER C 157 -26.39 17.51 16.97
CA SER C 157 -25.37 17.23 15.98
C SER C 157 -24.94 15.78 16.18
N GLY C 158 -25.09 14.99 15.13
CA GLY C 158 -24.85 13.57 15.20
C GLY C 158 -23.79 13.17 14.21
N ASP C 159 -23.72 11.89 13.88
CA ASP C 159 -22.70 11.46 12.95
C ASP C 159 -22.86 12.07 11.57
N GLY C 160 -24.03 12.61 11.25
CA GLY C 160 -24.24 13.08 9.90
C GLY C 160 -24.97 14.39 9.67
N VAL C 161 -25.50 15.02 10.72
CA VAL C 161 -26.30 16.22 10.52
C VAL C 161 -26.23 17.09 11.77
N THR C 162 -26.34 18.40 11.57
CA THR C 162 -26.58 19.36 12.64
C THR C 162 -27.78 20.20 12.23
N HIS C 163 -28.72 20.37 13.14
CA HIS C 163 -29.98 20.98 12.78
C HIS C 163 -30.58 21.68 13.99
N ASN C 164 -31.46 22.63 13.72
CA ASN C 164 -32.06 23.42 14.78
C ASN C 164 -33.58 23.38 14.70
N VAL C 165 -34.21 23.28 15.86
CA VAL C 165 -35.65 23.49 15.98
C VAL C 165 -35.91 24.19 17.30
N PRO C 166 -36.42 25.41 17.29
CA PRO C 166 -37.05 25.96 18.49
C PRO C 166 -38.49 25.51 18.62
N ILE C 167 -38.90 25.18 19.85
CA ILE C 167 -40.30 24.90 20.13
C ILE C 167 -40.76 25.76 21.30
N TYR C 168 -41.96 26.31 21.18
CA TYR C 168 -42.62 27.04 22.24
C TYR C 168 -43.99 26.46 22.50
N GLU C 169 -44.30 26.26 23.79
CA GLU C 169 -45.58 25.74 24.28
C GLU C 169 -46.02 24.56 23.43
N GLY C 170 -45.06 23.77 22.98
CA GLY C 170 -45.38 22.62 22.19
C GLY C 170 -45.53 22.93 20.73
N TYR C 171 -45.16 24.12 20.30
CA TYR C 171 -45.19 24.47 18.89
C TYR C 171 -43.77 24.69 18.36
N ALA C 172 -43.43 23.97 17.31
CA ALA C 172 -42.24 24.27 16.52
C ALA C 172 -42.53 25.34 15.49
N LEU C 173 -41.48 25.96 14.98
CA LEU C 173 -41.60 27.06 14.03
C LEU C 173 -40.92 26.72 12.73
N PRO C 174 -41.66 26.20 11.75
CA PRO C 174 -41.06 25.75 10.49
C PRO C 174 -40.12 26.75 9.86
N HIS C 175 -40.40 28.03 9.99
CA HIS C 175 -39.51 29.01 9.39
C HIS C 175 -38.16 29.02 10.07
N ALA C 176 -38.12 28.73 11.35
CA ALA C 176 -36.86 28.69 12.10
C ALA C 176 -36.00 27.46 11.82
N ILE C 177 -36.45 26.49 11.03
CA ILE C 177 -35.65 25.29 10.84
C ILE C 177 -34.37 25.62 10.09
N MET C 178 -33.23 25.25 10.67
CA MET C 178 -31.92 25.50 10.09
C MET C 178 -31.08 24.24 10.15
N ARG C 179 -30.30 24.01 9.12
CA ARG C 179 -29.57 22.76 8.95
C ARG C 179 -28.12 23.07 8.65
N LEU C 180 -27.22 22.31 9.25
CA LEU C 180 -25.80 22.37 8.94
C LEU C 180 -25.24 20.95 8.86
N ASP C 181 -24.62 20.61 7.73
CA ASP C 181 -24.17 19.24 7.53
C ASP C 181 -22.73 19.02 7.99
N LEU C 182 -22.35 19.53 9.15
CA LEU C 182 -21.02 19.37 9.69
C LEU C 182 -21.05 18.37 10.85
N ALA C 183 -20.23 17.34 10.79
CA ALA C 183 -20.40 16.22 11.69
C ALA C 183 -19.08 15.49 11.85
N GLY C 184 -19.13 14.41 12.65
CA GLY C 184 -17.93 13.65 12.95
C GLY C 184 -17.15 13.17 11.74
N ARG C 185 -17.83 12.91 10.63
CA ARG C 185 -17.11 12.52 9.42
C ARG C 185 -16.14 13.61 8.98
N ASP C 186 -16.55 14.86 9.10
CA ASP C 186 -15.65 15.94 8.69
C ASP C 186 -14.49 16.08 9.67
N LEU C 187 -14.77 15.94 10.96
CA LEU C 187 -13.67 15.98 11.91
C LEU C 187 -12.69 14.85 11.67
N THR C 188 -13.17 13.69 11.24
CA THR C 188 -12.27 12.59 10.98
C THR C 188 -11.39 12.85 9.77
N ASP C 189 -11.96 13.37 8.69
CA ASP C 189 -11.11 13.72 7.55
C ASP C 189 -10.08 14.79 7.91
N TYR C 190 -10.51 15.80 8.66
CA TYR C 190 -9.57 16.83 9.05
C TYR C 190 -8.48 16.27 9.95
N LEU C 191 -8.84 15.38 10.86
CA LEU C 191 -7.84 14.80 11.74
C LEU C 191 -6.87 13.92 10.99
N MET C 192 -7.32 13.23 9.94
CA MET C 192 -6.34 12.52 9.11
C MET C 192 -5.35 13.48 8.49
N LYS C 193 -5.81 14.64 8.03
CA LYS C 193 -4.84 15.57 7.45
C LYS C 193 -3.87 16.13 8.48
N ILE C 194 -4.35 16.40 9.69
CA ILE C 194 -3.41 16.90 10.69
C ILE C 194 -2.44 15.81 11.16
N LEU C 195 -2.87 14.57 11.28
CA LEU C 195 -1.86 13.55 11.58
C LEU C 195 -0.88 13.39 10.43
N THR C 196 -1.33 13.58 9.19
CA THR C 196 -0.39 13.63 8.08
C THR C 196 0.65 14.71 8.28
N GLU C 197 0.29 15.77 9.01
CA GLU C 197 1.31 16.78 9.32
C GLU C 197 2.52 16.16 10.02
N ARG C 198 2.31 15.32 11.03
CA ARG C 198 3.44 14.64 11.66
C ARG C 198 4.03 13.58 10.76
N GLY C 199 3.20 12.87 10.03
CA GLY C 199 3.68 12.00 8.97
C GLY C 199 3.35 10.54 9.12
N TYR C 200 2.48 10.20 10.07
CA TYR C 200 1.97 8.84 10.13
C TYR C 200 1.06 8.60 8.94
N SER C 201 1.07 7.38 8.42
CA SER C 201 0.15 6.99 7.37
C SER C 201 -1.17 6.53 7.94
N PHE C 202 -2.27 7.05 7.38
CA PHE C 202 -3.60 6.52 7.67
C PHE C 202 -4.46 6.62 6.42
N VAL C 203 -4.86 5.47 5.88
CA VAL C 203 -5.70 5.42 4.70
C VAL C 203 -6.46 4.10 4.72
N THR C 204 -7.61 4.09 4.08
CA THR C 204 -8.54 2.96 4.04
C THR C 204 -9.26 2.75 5.37
N THR C 205 -10.51 2.30 5.26
CA THR C 205 -11.48 2.33 6.35
C THR C 205 -10.96 1.71 7.64
N ALA C 206 -10.18 0.64 7.54
CA ALA C 206 -9.68 0.01 8.76
C ALA C 206 -8.88 1.00 9.58
N GLU C 207 -8.08 1.82 8.92
CA GLU C 207 -7.33 2.83 9.63
C GLU C 207 -8.25 3.93 10.13
N ARG C 208 -9.29 4.24 9.35
CA ARG C 208 -10.26 5.25 9.73
C ARG C 208 -10.90 4.95 11.08
N GLU C 209 -11.19 3.68 11.36
CA GLU C 209 -11.77 3.39 12.68
C GLU C 209 -10.80 3.60 13.83
N ILE C 210 -9.52 3.33 13.62
CA ILE C 210 -8.55 3.63 14.67
C ILE C 210 -8.48 5.12 14.90
N VAL C 211 -8.54 5.90 13.83
CA VAL C 211 -8.58 7.33 14.00
C VAL C 211 -9.76 7.73 14.85
N ARG C 212 -10.92 7.13 14.60
CA ARG C 212 -12.10 7.50 15.39
C ARG C 212 -11.91 7.20 16.86
N ASP C 213 -11.26 6.08 17.18
CA ASP C 213 -10.97 5.80 18.58
C ASP C 213 -10.07 6.86 19.20
N ILE C 214 -9.01 7.23 18.50
CA ILE C 214 -8.11 8.24 19.04
C ILE C 214 -8.86 9.54 19.27
N LYS C 215 -9.70 9.92 18.32
CA LYS C 215 -10.50 11.11 18.46
C LYS C 215 -11.33 11.06 19.72
N GLU C 216 -11.96 9.93 20.00
CA GLU C 216 -12.84 9.86 21.16
C GLU C 216 -12.07 9.89 22.47
N LYS C 217 -10.89 9.27 22.52
CA LYS C 217 -10.16 9.30 23.78
C LYS C 217 -9.40 10.60 24.06
N LEU C 218 -8.50 10.99 23.16
CA LEU C 218 -7.51 12.01 23.50
C LEU C 218 -8.00 13.47 23.43
N CYS C 219 -8.94 13.78 22.55
CA CYS C 219 -9.09 15.16 22.07
C CYS C 219 -9.94 16.00 23.01
N TYR C 220 -9.71 17.33 22.98
CA TYR C 220 -10.44 18.23 23.86
C TYR C 220 -10.46 19.64 23.29
N VAL C 221 -11.43 20.42 23.79
CA VAL C 221 -11.72 21.79 23.36
C VAL C 221 -10.79 22.78 24.03
N ALA C 222 -10.37 23.79 23.26
CA ALA C 222 -9.62 24.92 23.77
C ALA C 222 -10.53 26.03 24.29
N LEU C 223 -10.12 26.64 25.41
CA LEU C 223 -10.82 27.80 25.97
C LEU C 223 -10.47 29.10 25.27
N ASP C 224 -9.24 29.24 24.78
CA ASP C 224 -8.93 30.15 23.69
C ASP C 224 -7.94 29.51 22.75
N PHE C 225 -8.28 29.50 21.47
CA PHE C 225 -7.40 28.90 20.49
C PHE C 225 -6.05 29.59 20.42
N GLU C 226 -6.02 30.93 20.41
CA GLU C 226 -4.76 31.61 20.17
C GLU C 226 -3.78 31.54 21.34
N ASN C 227 -4.26 31.76 22.57
CA ASN C 227 -3.36 31.67 23.71
C ASN C 227 -2.92 30.24 23.97
N GLU C 228 -3.83 29.30 23.82
CA GLU C 228 -3.47 27.91 24.05
C GLU C 228 -2.44 27.46 23.03
N MET C 229 -2.65 27.80 21.76
CA MET C 229 -1.69 27.35 20.76
C MET C 229 -0.35 28.05 20.92
N ALA C 230 -0.36 29.32 21.32
CA ALA C 230 0.91 29.99 21.60
C ALA C 230 1.65 29.34 22.77
N THR C 231 0.93 28.91 23.79
CA THR C 231 1.56 28.17 24.88
C THR C 231 2.10 26.83 24.40
N ALA C 232 1.30 26.12 23.61
CA ALA C 232 1.71 24.81 23.12
C ALA C 232 2.96 24.89 22.26
N ALA C 233 3.15 25.99 21.54
CA ALA C 233 4.38 26.13 20.78
C ALA C 233 5.61 26.15 21.69
N SER C 234 5.48 26.74 22.88
CA SER C 234 6.57 26.74 23.86
C SER C 234 6.65 25.45 24.67
N SER C 235 5.52 24.94 25.15
CA SER C 235 5.50 23.96 26.22
C SER C 235 5.14 22.57 25.71
N SER C 236 5.95 21.59 26.13
CA SER C 236 5.68 20.18 25.84
C SER C 236 4.43 19.67 26.54
N SER C 237 4.09 20.24 27.70
CA SER C 237 3.16 19.61 28.64
C SER C 237 1.84 19.21 27.99
N LEU C 238 1.43 19.90 26.93
CA LEU C 238 0.21 19.52 26.25
C LEU C 238 0.30 18.15 25.58
N GLU C 239 1.50 17.77 25.12
CA GLU C 239 1.60 16.60 24.25
C GLU C 239 1.26 15.31 24.98
N LYS C 240 0.67 14.38 24.24
CA LYS C 240 0.15 13.13 24.78
C LYS C 240 0.59 11.99 23.87
N SER C 241 0.83 10.82 24.45
CA SER C 241 1.33 9.70 23.69
C SER C 241 0.52 8.45 23.92
N TYR C 242 0.35 7.66 22.86
CA TYR C 242 -0.75 6.72 22.69
C TYR C 242 -0.25 5.55 21.85
N GLU C 243 -0.86 4.38 22.05
CA GLU C 243 -0.31 3.14 21.50
C GLU C 243 -1.33 2.43 20.63
N LEU C 244 -0.93 2.13 19.41
CA LEU C 244 -1.78 1.54 18.41
C LEU C 244 -1.98 0.06 18.72
N PRO C 245 -2.97 -0.56 18.12
CA PRO C 245 -3.04 -2.04 18.18
C PRO C 245 -1.76 -2.74 17.75
N ASP C 246 -0.95 -2.10 16.90
CA ASP C 246 0.35 -2.65 16.51
C ASP C 246 1.47 -2.34 17.48
N GLY C 247 1.19 -1.67 18.60
CA GLY C 247 2.25 -1.27 19.51
C GLY C 247 3.14 -0.15 19.01
N GLN C 248 2.97 0.28 17.77
CA GLN C 248 3.48 1.56 17.34
C GLN C 248 2.87 2.66 18.20
N VAL C 249 3.60 3.76 18.37
CA VAL C 249 3.26 4.76 19.37
C VAL C 249 3.23 6.14 18.73
N ILE C 250 2.35 6.98 19.24
CA ILE C 250 1.92 8.20 18.58
C ILE C 250 2.04 9.35 19.56
N THR C 251 2.36 10.54 19.05
CA THR C 251 2.44 11.75 19.87
C THR C 251 1.65 12.85 19.19
N ILE C 252 0.99 13.68 19.97
CA ILE C 252 0.07 14.69 19.47
C ILE C 252 0.39 16.04 20.11
N GLY C 253 0.27 17.11 19.31
CA GLY C 253 0.46 18.45 19.81
C GLY C 253 -0.73 19.36 19.58
N ASN C 254 -0.55 20.40 18.76
CA ASN C 254 -1.61 21.38 18.51
C ASN C 254 -2.90 20.74 18.03
N GLU C 255 -2.78 19.60 17.36
CA GLU C 255 -3.93 18.90 16.79
C GLU C 255 -5.03 18.64 17.80
N ARG C 256 -4.65 18.41 19.06
CA ARG C 256 -5.63 18.07 20.08
C ARG C 256 -6.68 19.14 20.25
N PHE C 257 -6.27 20.39 20.38
CA PHE C 257 -7.34 21.39 20.35
C PHE C 257 -7.75 21.70 18.92
N ARG C 258 -6.84 21.62 17.96
CA ARG C 258 -7.14 22.14 16.63
C ARG C 258 -8.37 21.48 15.99
N CYS C 259 -8.65 20.22 16.32
CA CYS C 259 -9.85 19.62 15.74
C CYS C 259 -11.15 20.29 16.17
N PRO C 260 -11.52 20.32 17.46
CA PRO C 260 -12.80 20.93 17.82
C PRO C 260 -12.97 22.34 17.30
N GLU C 261 -11.87 23.06 17.10
CA GLU C 261 -11.97 24.41 16.57
C GLU C 261 -12.78 24.46 15.29
N THR C 262 -12.75 23.38 14.51
CA THR C 262 -13.57 23.31 13.30
C THR C 262 -15.04 23.66 13.56
N LEU C 263 -15.59 23.18 14.67
CA LEU C 263 -16.99 23.47 14.96
C LEU C 263 -17.22 24.95 15.11
N PHE C 264 -16.22 25.69 15.58
CA PHE C 264 -16.34 27.12 15.69
C PHE C 264 -15.90 27.89 14.46
N GLN C 265 -15.16 27.28 13.54
CA GLN C 265 -14.75 27.96 12.31
C GLN C 265 -14.73 27.00 11.13
N PRO C 266 -15.87 26.76 10.51
CA PRO C 266 -15.92 25.94 9.29
C PRO C 266 -14.92 26.35 8.23
N SER C 267 -14.53 27.62 8.19
CA SER C 267 -13.53 28.05 7.21
C SER C 267 -12.25 27.23 7.26
N PHE C 268 -11.94 26.59 8.38
CA PHE C 268 -10.81 25.67 8.37
C PHE C 268 -10.99 24.53 7.38
N ILE C 269 -12.22 24.07 7.19
CA ILE C 269 -12.46 22.99 6.25
C ILE C 269 -13.08 23.49 4.95
N GLY C 270 -13.22 24.79 4.78
CA GLY C 270 -13.84 25.32 3.59
C GLY C 270 -15.35 25.22 3.58
N MET C 271 -15.96 24.67 4.62
CA MET C 271 -17.38 24.83 4.82
C MET C 271 -17.65 26.30 5.13
N GLU C 272 -18.87 26.74 4.85
CA GLU C 272 -19.15 28.16 4.83
C GLU C 272 -20.24 28.58 5.82
N SER C 273 -21.32 27.83 5.92
CA SER C 273 -22.33 28.04 6.95
C SER C 273 -21.70 28.12 8.34
N ALA C 274 -21.97 29.23 9.03
CA ALA C 274 -21.15 29.75 10.11
C ALA C 274 -20.94 28.74 11.24
N GLY C 275 -19.97 29.01 12.10
CA GLY C 275 -19.79 28.21 13.29
C GLY C 275 -21.06 28.13 14.12
N ILE C 276 -21.18 27.02 14.85
CA ILE C 276 -22.48 26.55 15.31
C ILE C 276 -23.20 27.57 16.18
N HIS C 277 -22.45 28.36 16.94
CA HIS C 277 -23.08 29.38 17.76
C HIS C 277 -23.72 30.46 16.92
N GLU C 278 -23.03 30.87 15.87
CA GLU C 278 -23.55 31.91 14.99
C GLU C 278 -24.84 31.47 14.32
N THR C 279 -24.94 30.21 13.91
CA THR C 279 -26.21 29.73 13.39
C THR C 279 -27.27 29.69 14.48
N THR C 280 -26.90 29.26 15.68
CA THR C 280 -27.87 29.19 16.76
C THR C 280 -28.47 30.57 17.03
N TYR C 281 -27.61 31.56 17.11
CA TYR C 281 -28.04 32.93 17.26
C TYR C 281 -28.92 33.39 16.12
N ASN C 282 -28.54 33.08 14.87
CA ASN C 282 -29.38 33.50 13.75
C ASN C 282 -30.75 32.86 13.77
N SER C 283 -30.83 31.59 14.15
CA SER C 283 -32.14 30.96 14.23
C SER C 283 -32.97 31.60 15.32
N ILE C 284 -32.35 32.02 16.42
CA ILE C 284 -33.10 32.79 17.41
C ILE C 284 -33.54 34.12 16.82
N MET C 285 -32.68 34.79 16.05
CA MET C 285 -33.05 36.05 15.44
C MET C 285 -34.29 35.94 14.56
N LYS C 286 -34.53 34.78 13.96
CA LYS C 286 -35.77 34.60 13.22
C LYS C 286 -36.97 34.40 14.13
N CYS C 287 -36.80 34.47 15.44
CA CYS C 287 -37.94 34.44 16.34
C CYS C 287 -38.55 35.83 16.48
N ASP C 288 -39.79 35.85 16.98
CA ASP C 288 -40.38 37.10 17.45
C ASP C 288 -39.52 37.77 18.51
N ILE C 289 -39.59 39.10 18.52
CA ILE C 289 -38.82 39.96 19.38
C ILE C 289 -39.04 39.70 20.87
N ASP C 290 -40.16 39.09 21.23
CA ASP C 290 -40.40 38.73 22.63
C ASP C 290 -39.66 37.46 23.04
N ILE C 291 -39.77 36.42 22.22
CA ILE C 291 -39.28 35.09 22.56
C ILE C 291 -37.77 35.03 22.80
N ARG C 292 -36.99 35.87 22.10
CA ARG C 292 -35.53 35.80 22.16
C ARG C 292 -34.99 35.69 23.58
N LYS C 293 -35.50 36.49 24.50
CA LYS C 293 -35.04 36.40 25.86
C LYS C 293 -35.35 35.03 26.42
N ASP C 294 -36.58 34.59 26.18
CA ASP C 294 -37.05 33.36 26.79
C ASP C 294 -36.24 32.16 26.31
N LEU C 295 -35.73 32.20 25.09
CA LEU C 295 -34.87 31.11 24.67
C LEU C 295 -33.40 31.29 25.06
N TYR C 296 -32.87 32.52 25.13
CA TYR C 296 -31.53 32.66 25.68
C TYR C 296 -31.48 32.05 27.07
N ALA C 297 -32.60 32.09 27.77
CA ALA C 297 -32.57 31.59 29.13
C ALA C 297 -32.30 30.10 29.18
N ASN C 298 -32.77 29.32 28.21
CA ASN C 298 -32.50 27.89 28.26
C ASN C 298 -32.39 27.28 26.87
N ASN C 299 -31.38 26.42 26.70
CA ASN C 299 -30.87 25.96 25.42
C ASN C 299 -30.40 24.53 25.60
N VAL C 300 -30.69 23.66 24.62
CA VAL C 300 -30.61 22.22 24.80
C VAL C 300 -29.78 21.59 23.70
N MET C 301 -28.87 20.69 24.07
CA MET C 301 -27.87 20.13 23.18
C MET C 301 -27.90 18.62 23.25
N SER C 302 -27.68 17.96 22.11
CA SER C 302 -27.78 16.50 22.07
C SER C 302 -26.82 15.94 21.03
N GLY C 303 -26.33 14.75 21.30
CA GLY C 303 -25.68 13.95 20.29
C GLY C 303 -24.17 13.91 20.42
N GLY C 304 -23.60 12.88 19.80
CA GLY C 304 -22.25 12.45 20.11
C GLY C 304 -21.19 13.54 19.99
N THR C 305 -21.33 14.43 19.02
CA THR C 305 -20.36 15.49 18.89
C THR C 305 -20.27 16.38 20.13
N THR C 306 -21.40 16.60 20.80
CA THR C 306 -21.38 17.40 22.03
C THR C 306 -20.63 16.75 23.16
N MET C 307 -20.47 15.43 23.12
CA MET C 307 -19.91 14.71 24.25
C MET C 307 -18.56 15.25 24.71
N TYR C 308 -17.78 15.86 23.82
CA TYR C 308 -16.46 16.37 24.16
C TYR C 308 -16.45 17.23 25.42
N PRO C 309 -15.34 17.24 26.15
CA PRO C 309 -15.25 18.07 27.36
C PRO C 309 -15.12 19.55 27.05
N GLY C 310 -15.85 20.36 27.80
CA GLY C 310 -15.69 21.80 27.76
C GLY C 310 -16.36 22.55 26.62
N ILE C 311 -17.03 21.88 25.69
CA ILE C 311 -17.55 22.57 24.52
C ILE C 311 -18.59 23.60 24.92
N ALA C 312 -19.37 23.30 25.95
CA ALA C 312 -20.39 24.23 26.39
C ALA C 312 -19.76 25.52 26.89
N ASP C 313 -18.62 25.42 27.56
CA ASP C 313 -17.98 26.62 28.07
C ASP C 313 -17.63 27.57 26.93
N ARG C 314 -17.06 27.04 25.86
CA ARG C 314 -16.73 27.90 24.74
C ARG C 314 -17.99 28.44 24.06
N MET C 315 -19.03 27.61 23.96
CA MET C 315 -20.31 28.11 23.41
C MET C 315 -20.81 29.30 24.22
N GLN C 316 -20.82 29.16 25.53
CA GLN C 316 -21.26 30.21 26.44
C GLN C 316 -20.45 31.48 26.25
N LYS C 317 -19.13 31.38 26.26
CA LYS C 317 -18.31 32.59 26.09
C LYS C 317 -18.52 33.22 24.73
N GLU C 318 -18.70 32.40 23.69
CA GLU C 318 -18.88 32.97 22.37
C GLU C 318 -20.22 33.66 22.22
N ILE C 319 -21.30 33.06 22.69
CA ILE C 319 -22.59 33.72 22.56
C ILE C 319 -22.69 34.92 23.50
N THR C 320 -22.06 34.86 24.67
CA THR C 320 -21.96 36.05 25.51
C THR C 320 -21.24 37.18 24.80
N ALA C 321 -20.15 36.86 24.10
CA ALA C 321 -19.44 37.88 23.35
C ALA C 321 -20.24 38.37 22.15
N LEU C 322 -20.99 37.47 21.51
CA LEU C 322 -21.94 37.93 20.51
C LEU C 322 -22.96 38.86 21.12
N ALA C 323 -23.31 38.62 22.38
CA ALA C 323 -24.23 39.46 23.12
C ALA C 323 -25.44 39.88 22.30
N PRO C 324 -26.36 38.98 21.99
CA PRO C 324 -27.64 39.43 21.43
C PRO C 324 -28.26 40.53 22.26
N SER C 325 -27.92 40.55 23.55
CA SER C 325 -28.24 41.65 24.46
C SER C 325 -27.33 41.52 25.67
N THR C 326 -27.40 42.53 26.53
CA THR C 326 -27.01 42.37 27.92
C THR C 326 -28.05 41.51 28.62
N MET C 327 -27.92 40.20 28.44
CA MET C 327 -28.88 39.27 29.00
C MET C 327 -28.13 38.04 29.49
N LYS C 328 -28.67 37.39 30.51
CA LYS C 328 -28.09 36.17 31.03
C LYS C 328 -28.17 35.03 30.01
N ILE C 329 -27.16 34.17 30.01
CA ILE C 329 -27.03 33.07 29.06
C ILE C 329 -26.81 31.78 29.83
N LYS C 330 -27.41 30.69 29.36
CA LYS C 330 -27.27 29.41 30.03
C LYS C 330 -27.30 28.30 29.00
N ILE C 331 -26.75 27.14 29.38
CA ILE C 331 -26.74 25.95 28.52
C ILE C 331 -27.23 24.75 29.31
N ILE C 332 -28.10 23.96 28.70
CA ILE C 332 -28.57 22.70 29.27
C ILE C 332 -27.86 21.54 28.58
N ALA C 333 -26.79 21.04 29.19
CA ALA C 333 -25.97 19.95 28.63
C ALA C 333 -25.93 18.78 29.61
N PRO C 334 -27.03 18.03 29.72
CA PRO C 334 -27.10 16.98 30.73
C PRO C 334 -26.15 15.83 30.38
N PRO C 335 -25.68 15.10 31.39
CA PRO C 335 -24.83 13.93 31.13
C PRO C 335 -25.58 12.80 30.46
N GLU C 336 -24.79 11.85 29.92
CA GLU C 336 -25.32 10.66 29.26
C GLU C 336 -26.18 11.03 28.07
N ARG C 337 -25.79 12.14 27.46
CA ARG C 337 -26.57 12.84 26.45
C ARG C 337 -26.83 11.98 25.20
N LYS C 338 -25.82 11.25 24.77
CA LYS C 338 -25.92 10.36 23.61
C LYS C 338 -27.09 9.38 23.66
N TYR C 339 -27.27 8.69 24.77
CA TYR C 339 -28.43 7.83 24.96
C TYR C 339 -29.77 8.56 25.01
N SER C 340 -29.77 9.83 25.39
CA SER C 340 -31.03 10.53 25.63
C SER C 340 -32.03 10.42 24.48
N VAL C 341 -31.60 10.44 23.23
CA VAL C 341 -32.59 10.34 22.16
C VAL C 341 -33.34 9.02 22.21
N TRP C 342 -32.64 7.94 22.53
CA TRP C 342 -33.35 6.69 22.72
C TRP C 342 -34.20 6.70 23.98
N ILE C 343 -33.67 7.22 25.08
CA ILE C 343 -34.42 7.14 26.33
C ILE C 343 -35.74 7.88 26.18
N GLY C 344 -35.68 9.07 25.60
CA GLY C 344 -36.88 9.81 25.34
C GLY C 344 -37.83 9.07 24.43
N GLY C 345 -37.28 8.44 23.38
CA GLY C 345 -38.15 7.65 22.53
C GLY C 345 -38.89 6.56 23.30
N SER C 346 -38.23 5.98 24.29
CA SER C 346 -38.91 4.95 25.08
C SER C 346 -40.02 5.55 25.93
N ILE C 347 -39.76 6.66 26.58
CA ILE C 347 -40.81 7.24 27.42
C ILE C 347 -42.02 7.63 26.58
N LEU C 348 -41.80 8.31 25.47
CA LEU C 348 -42.96 8.74 24.69
C LEU C 348 -43.67 7.53 24.09
N ALA C 349 -42.91 6.51 23.70
CA ALA C 349 -43.51 5.27 23.25
C ALA C 349 -44.43 4.65 24.29
N SER C 350 -44.16 4.90 25.57
CA SER C 350 -45.04 4.34 26.60
C SER C 350 -46.43 4.98 26.61
N LEU C 351 -46.55 6.25 26.23
CA LEU C 351 -47.78 6.99 26.49
C LEU C 351 -49.00 6.36 25.84
N SER C 352 -50.15 6.54 26.49
CA SER C 352 -51.43 6.04 26.01
C SER C 352 -51.77 6.57 24.62
N THR C 353 -51.61 7.87 24.40
CA THR C 353 -52.06 8.49 23.16
C THR C 353 -51.45 7.82 21.93
N PHE C 354 -50.26 7.28 22.05
CA PHE C 354 -49.68 6.59 20.90
C PHE C 354 -50.60 5.48 20.43
N GLN C 355 -51.39 4.89 21.34
CA GLN C 355 -52.40 3.94 20.93
C GLN C 355 -53.40 4.57 19.98
N GLN C 356 -53.56 5.89 20.02
CA GLN C 356 -54.23 6.59 18.94
C GLN C 356 -53.33 6.67 17.71
N MET C 357 -52.06 7.00 17.94
CA MET C 357 -51.15 7.32 16.84
C MET C 357 -50.70 6.11 16.02
N TRP C 358 -50.60 4.93 16.60
CA TRP C 358 -50.16 3.76 15.83
C TRP C 358 -51.02 3.58 14.60
N ILE C 359 -50.38 3.57 13.43
CA ILE C 359 -51.09 3.46 12.16
C ILE C 359 -51.13 1.99 11.76
N THR C 360 -52.34 1.45 11.58
CA THR C 360 -52.45 0.02 11.30
C THR C 360 -52.06 -0.29 9.87
N LYS C 361 -51.71 -1.55 9.65
CA LYS C 361 -51.48 -2.00 8.28
C LYS C 361 -52.74 -1.87 7.45
N GLN C 362 -53.89 -2.20 8.05
CA GLN C 362 -55.14 -2.10 7.32
C GLN C 362 -55.42 -0.67 6.90
N GLU C 363 -55.22 0.27 7.80
CA GLU C 363 -55.38 1.67 7.48
C GLU C 363 -54.36 2.13 6.43
N TYR C 364 -53.13 1.63 6.51
CA TYR C 364 -52.16 1.97 5.47
C TYR C 364 -52.60 1.48 4.10
N ASP C 365 -53.18 0.28 4.03
CA ASP C 365 -53.67 -0.19 2.75
C ASP C 365 -54.86 0.64 2.27
N GLU C 366 -55.73 1.05 3.20
CA GLU C 366 -56.85 1.90 2.81
C GLU C 366 -56.38 3.24 2.29
N ALA C 367 -55.50 3.92 3.04
CA ALA C 367 -55.05 5.27 2.72
C ALA C 367 -54.03 5.29 1.59
N GLY C 368 -53.17 4.29 1.52
CA GLY C 368 -51.88 4.45 0.88
C GLY C 368 -50.87 5.16 1.75
N PRO C 369 -49.66 5.31 1.22
CA PRO C 369 -48.56 5.87 2.04
C PRO C 369 -48.74 7.32 2.46
N SER C 370 -49.28 8.17 1.58
CA SER C 370 -49.17 9.61 1.80
C SER C 370 -49.72 10.04 3.15
N ILE C 371 -50.73 9.34 3.64
CA ILE C 371 -51.25 9.67 4.96
C ILE C 371 -50.16 9.52 6.00
N VAL C 372 -49.21 8.61 5.79
CA VAL C 372 -48.17 8.44 6.80
C VAL C 372 -47.27 9.66 6.86
N HIS C 373 -47.02 10.32 5.72
CA HIS C 373 -46.31 11.58 5.83
C HIS C 373 -47.19 12.63 6.49
N ARG C 374 -48.48 12.60 6.19
CA ARG C 374 -49.38 13.69 6.57
C ARG C 374 -49.37 13.95 8.08
N LYS C 375 -49.03 12.93 8.88
CA LYS C 375 -49.12 13.05 10.32
C LYS C 375 -48.37 14.25 10.88
N CYS C 376 -47.34 14.74 10.18
CA CYS C 376 -46.65 15.93 10.63
C CYS C 376 -45.86 16.47 9.44
N PHE C 377 -44.87 17.31 9.73
CA PHE C 377 -43.92 17.75 8.72
C PHE C 377 -43.05 16.62 8.22
N THR D 7 68.46 -4.15 0.21
CA THR D 7 67.12 -3.57 0.13
C THR D 7 66.27 -4.30 -0.88
N THR D 8 66.91 -4.97 -1.83
CA THR D 8 66.16 -5.71 -2.84
C THR D 8 65.53 -6.94 -2.19
N ALA D 9 64.21 -6.92 -2.04
CA ALA D 9 63.52 -8.07 -1.51
C ALA D 9 63.62 -9.26 -2.44
N LEU D 10 63.17 -10.41 -1.95
CA LEU D 10 63.32 -11.67 -2.65
C LEU D 10 61.97 -12.34 -2.80
N VAL D 11 61.80 -12.97 -3.95
CA VAL D 11 60.51 -13.49 -4.37
C VAL D 11 60.72 -14.95 -4.69
N CYS D 12 59.96 -15.81 -4.04
CA CYS D 12 60.27 -17.22 -4.06
C CYS D 12 58.98 -18.00 -4.18
N ASP D 13 59.03 -19.05 -4.97
CA ASP D 13 57.84 -19.71 -5.44
C ASP D 13 57.96 -21.19 -5.14
N ASN D 14 56.83 -21.80 -4.85
CA ASN D 14 56.81 -23.20 -4.45
C ASN D 14 55.90 -23.91 -5.43
N GLY D 15 56.43 -24.93 -6.07
CA GLY D 15 55.73 -25.56 -7.17
C GLY D 15 56.02 -27.03 -7.15
N SER D 16 55.02 -27.85 -7.45
CA SER D 16 55.25 -29.28 -7.35
C SER D 16 56.23 -29.74 -8.41
N GLY D 17 56.44 -28.92 -9.44
CA GLY D 17 57.39 -29.24 -10.49
C GLY D 17 58.59 -28.31 -10.52
N LEU D 18 58.36 -27.00 -10.44
CA LEU D 18 59.44 -26.04 -10.64
C LEU D 18 59.43 -24.99 -9.54
N VAL D 19 60.62 -24.55 -9.14
CA VAL D 19 60.79 -23.60 -8.05
C VAL D 19 61.60 -22.42 -8.57
N LYS D 20 61.14 -21.21 -8.27
CA LYS D 20 61.58 -20.00 -8.96
C LYS D 20 62.01 -18.98 -7.93
N ALA D 21 63.12 -18.32 -8.18
CA ALA D 21 63.70 -17.39 -7.22
C ALA D 21 64.07 -16.14 -7.99
N GLY D 22 63.82 -14.99 -7.39
CA GLY D 22 63.70 -13.75 -8.15
C GLY D 22 64.16 -12.53 -7.38
N PHE D 23 64.62 -11.53 -8.13
CA PHE D 23 64.87 -10.21 -7.57
C PHE D 23 63.93 -9.22 -8.23
N ALA D 24 63.43 -8.28 -7.43
CA ALA D 24 62.49 -7.28 -7.92
C ALA D 24 63.11 -6.44 -9.02
N GLY D 25 62.45 -6.37 -10.16
CA GLY D 25 63.00 -5.66 -11.30
C GLY D 25 63.63 -6.54 -12.36
N ASP D 26 63.85 -7.81 -12.06
CA ASP D 26 64.15 -8.76 -13.13
C ASP D 26 62.91 -8.92 -14.00
N ASP D 27 63.13 -9.31 -15.25
CA ASP D 27 62.03 -9.76 -16.11
C ASP D 27 62.26 -11.18 -16.61
N ALA D 28 63.18 -11.91 -15.99
CA ALA D 28 63.32 -13.33 -16.22
C ALA D 28 63.81 -13.92 -14.91
N PRO D 29 63.35 -15.11 -14.56
CA PRO D 29 63.71 -15.68 -13.26
C PRO D 29 65.18 -16.08 -13.18
N ARG D 30 65.78 -15.78 -12.02
CA ARG D 30 67.21 -16.02 -11.81
C ARG D 30 67.56 -17.50 -11.69
N ALA D 31 66.65 -18.33 -11.19
CA ALA D 31 66.90 -19.76 -11.22
C ALA D 31 65.59 -20.49 -11.46
N VAL D 32 65.66 -21.58 -12.22
CA VAL D 32 64.57 -22.54 -12.35
C VAL D 32 65.16 -23.94 -12.31
N PHE D 33 64.59 -24.80 -11.48
CA PHE D 33 65.10 -26.15 -11.35
C PHE D 33 63.99 -27.12 -10.97
N PRO D 34 64.13 -28.39 -11.33
CA PRO D 34 63.09 -29.38 -11.02
C PRO D 34 62.93 -29.60 -9.52
N SER D 35 61.69 -29.55 -9.05
CA SER D 35 61.39 -29.51 -7.62
C SER D 35 61.53 -30.89 -7.00
N ILE D 36 62.74 -31.46 -7.10
CA ILE D 36 62.95 -32.88 -6.93
C ILE D 36 64.04 -33.13 -5.89
N VAL D 37 63.83 -34.14 -5.05
CA VAL D 37 64.77 -34.55 -4.02
C VAL D 37 64.99 -36.05 -4.16
N GLY D 38 66.24 -36.48 -4.09
CA GLY D 38 66.58 -37.84 -4.48
C GLY D 38 67.55 -38.45 -3.49
N ARG D 39 67.43 -39.75 -3.24
CA ARG D 39 68.34 -40.42 -2.32
C ARG D 39 68.72 -41.75 -2.93
N PRO D 40 69.90 -42.27 -2.61
CA PRO D 40 70.45 -43.37 -3.42
C PRO D 40 69.81 -44.71 -3.10
N ARG D 41 69.48 -45.44 -4.16
CA ARG D 41 68.87 -46.76 -4.03
C ARG D 41 69.90 -47.86 -3.91
N HIS D 42 71.18 -47.55 -4.09
CA HIS D 42 72.20 -48.57 -4.19
C HIS D 42 73.42 -48.19 -3.39
N GLN D 43 74.23 -49.20 -3.10
CA GLN D 43 75.31 -49.03 -2.15
C GLN D 43 76.34 -48.00 -2.63
N GLY D 44 76.82 -48.15 -3.85
CA GLY D 44 77.97 -47.28 -4.01
C GLY D 44 79.22 -48.01 -3.57
N VAL D 45 80.34 -47.72 -4.22
CA VAL D 45 81.43 -48.66 -4.02
C VAL D 45 82.81 -48.07 -3.78
N MET D 46 83.06 -46.86 -4.28
CA MET D 46 84.41 -46.31 -4.15
C MET D 46 84.63 -45.69 -2.77
N VAL D 47 85.72 -46.10 -2.13
CA VAL D 47 85.99 -45.73 -0.73
C VAL D 47 86.35 -44.25 -0.62
N GLY D 48 85.85 -43.61 0.43
CA GLY D 48 86.16 -42.21 0.67
C GLY D 48 85.49 -41.24 -0.28
N MET D 49 84.63 -41.72 -1.16
CA MET D 49 83.98 -40.85 -2.15
C MET D 49 83.12 -39.80 -1.50
N GLY D 50 82.78 -39.96 -0.22
CA GLY D 50 82.10 -38.89 0.48
C GLY D 50 80.73 -38.62 -0.06
N GLN D 51 79.96 -39.66 -0.34
CA GLN D 51 78.67 -39.48 -0.98
C GLN D 51 77.72 -38.71 -0.08
N LYS D 52 76.87 -37.92 -0.71
CA LYS D 52 75.87 -37.15 0.00
C LYS D 52 74.73 -38.03 0.50
N ASP D 53 73.90 -37.40 1.34
CA ASP D 53 72.61 -37.95 1.70
C ASP D 53 71.63 -37.87 0.53
N SER D 54 71.74 -36.85 -0.31
CA SER D 54 70.68 -36.52 -1.26
C SER D 54 71.21 -35.53 -2.28
N TYR D 55 70.49 -35.44 -3.40
CA TYR D 55 70.86 -34.62 -4.54
C TYR D 55 69.60 -33.91 -5.01
N VAL D 56 69.75 -32.71 -5.58
CA VAL D 56 68.57 -31.90 -5.86
C VAL D 56 68.73 -31.13 -7.16
N GLY D 57 67.61 -31.00 -7.88
CA GLY D 57 67.55 -30.35 -9.17
C GLY D 57 68.43 -31.04 -10.18
N ASP D 58 69.16 -30.23 -10.94
CA ASP D 58 69.93 -30.79 -12.03
C ASP D 58 70.95 -31.79 -11.50
N GLU D 59 71.50 -31.54 -10.31
CA GLU D 59 72.41 -32.50 -9.68
C GLU D 59 71.72 -33.85 -9.53
N ALA D 60 70.45 -33.82 -9.13
CA ALA D 60 69.65 -35.02 -8.96
C ALA D 60 69.30 -35.65 -10.30
N GLN D 61 69.17 -34.84 -11.34
CA GLN D 61 69.00 -35.36 -12.69
C GLN D 61 70.27 -36.03 -13.17
N SER D 62 71.41 -35.48 -12.81
CA SER D 62 72.69 -36.05 -13.21
C SER D 62 72.86 -37.44 -12.62
N LYS D 63 72.51 -37.60 -11.35
CA LYS D 63 72.66 -38.87 -10.66
C LYS D 63 71.40 -39.73 -10.72
N ARG D 64 70.51 -39.42 -11.66
CA ARG D 64 69.14 -39.90 -11.64
C ARG D 64 69.05 -41.43 -11.59
N GLY D 65 69.95 -42.11 -12.30
CA GLY D 65 69.90 -43.57 -12.36
C GLY D 65 70.08 -44.27 -11.02
N ILE D 66 70.96 -43.75 -10.17
CA ILE D 66 71.23 -44.39 -8.88
C ILE D 66 70.15 -44.16 -7.84
N LEU D 67 69.08 -43.45 -8.17
CA LEU D 67 68.34 -42.70 -7.17
C LEU D 67 66.85 -43.01 -7.20
N THR D 68 66.24 -42.74 -6.05
CA THR D 68 64.82 -42.89 -5.78
C THR D 68 64.33 -41.52 -5.31
N LEU D 69 63.11 -41.15 -5.73
CA LEU D 69 62.77 -39.74 -5.84
C LEU D 69 61.49 -39.38 -5.10
N LYS D 70 61.51 -38.19 -4.48
CA LYS D 70 60.42 -37.63 -3.70
C LYS D 70 60.12 -36.22 -4.15
N TYR D 71 58.88 -35.88 -4.14
CA TYR D 71 58.45 -34.50 -4.09
C TYR D 71 57.99 -34.21 -2.69
N PRO D 72 58.39 -33.12 -2.04
CA PRO D 72 57.87 -32.84 -0.71
C PRO D 72 56.51 -32.16 -0.67
N ILE D 73 55.85 -31.97 -1.81
CA ILE D 73 54.58 -31.26 -1.86
C ILE D 73 53.58 -32.12 -2.59
N GLU D 74 52.32 -32.05 -2.18
CA GLU D 74 51.28 -32.51 -3.10
C GLU D 74 50.12 -31.58 -3.30
N GLY D 76 49.54 -28.85 -3.57
CA GLY D 76 49.28 -27.76 -2.68
C GLY D 76 49.89 -27.99 -1.32
N ILE D 77 49.99 -29.25 -0.94
CA ILE D 77 50.23 -29.64 0.44
C ILE D 77 51.66 -30.11 0.58
N ILE D 78 52.34 -29.58 1.58
CA ILE D 78 53.67 -30.05 1.99
C ILE D 78 53.52 -31.25 2.90
N THR D 79 54.45 -32.20 2.74
CA THR D 79 54.40 -33.45 3.48
C THR D 79 55.62 -33.70 4.36
N ASN D 80 56.64 -32.84 4.32
CA ASN D 80 57.93 -33.16 4.95
C ASN D 80 58.66 -31.87 5.26
N TRP D 81 58.28 -31.21 6.34
CA TRP D 81 58.72 -29.84 6.54
C TRP D 81 60.22 -29.72 6.65
N ASP D 82 60.89 -30.73 7.18
CA ASP D 82 62.34 -30.61 7.31
C ASP D 82 63.06 -30.72 5.97
N ASP D 83 62.65 -31.66 5.13
CA ASP D 83 63.23 -31.74 3.81
C ASP D 83 62.85 -30.56 2.92
N MET D 84 61.61 -30.09 3.03
CA MET D 84 61.25 -28.87 2.31
C MET D 84 62.18 -27.75 2.74
N GLU D 85 62.42 -27.66 4.05
CA GLU D 85 63.39 -26.69 4.55
C GLU D 85 64.74 -26.91 3.90
N LYS D 86 65.11 -28.17 3.70
CA LYS D 86 66.38 -28.44 3.06
C LYS D 86 66.42 -27.89 1.64
N ILE D 87 65.29 -27.92 0.95
CA ILE D 87 65.20 -27.28 -0.36
C ILE D 87 65.41 -25.78 -0.24
N TRP D 88 64.67 -25.14 0.66
CA TRP D 88 64.84 -23.69 0.81
C TRP D 88 66.27 -23.32 1.20
N HIS D 89 66.87 -24.08 2.11
CA HIS D 89 68.23 -23.83 2.55
C HIS D 89 69.17 -23.87 1.35
N HIS D 90 69.02 -24.91 0.53
CA HIS D 90 69.81 -25.04 -0.67
C HIS D 90 69.54 -23.89 -1.62
N THR D 91 68.29 -23.44 -1.68
CA THR D 91 67.92 -22.36 -2.59
C THR D 91 68.62 -21.07 -2.21
N PHE D 92 68.53 -20.69 -0.93
CA PHE D 92 69.08 -19.41 -0.50
C PHE D 92 70.60 -19.41 -0.66
N TYR D 93 71.25 -20.43 -0.12
CA TYR D 93 72.71 -20.37 -0.14
C TYR D 93 73.29 -20.68 -1.51
N ASN D 94 72.86 -21.78 -2.12
CA ASN D 94 73.40 -22.27 -3.39
C ASN D 94 72.81 -21.61 -4.64
N GLU D 95 71.48 -21.53 -4.77
CA GLU D 95 70.90 -21.13 -6.07
C GLU D 95 71.12 -19.65 -6.35
N LEU D 96 70.82 -18.78 -5.39
CA LEU D 96 70.94 -17.34 -5.61
C LEU D 96 72.28 -16.78 -5.17
N ARG D 97 72.97 -17.45 -4.25
CA ARG D 97 74.25 -16.98 -3.72
C ARG D 97 74.07 -15.65 -3.00
N VAL D 98 72.91 -15.49 -2.37
CA VAL D 98 72.58 -14.34 -1.54
C VAL D 98 72.09 -14.85 -0.19
N ALA D 99 72.42 -14.12 0.85
CA ALA D 99 71.97 -14.65 2.13
C ALA D 99 70.51 -14.27 2.40
N PRO D 100 69.73 -15.18 2.98
CA PRO D 100 68.28 -15.01 3.03
C PRO D 100 67.80 -13.96 4.00
N GLU D 101 68.49 -13.74 5.12
CA GLU D 101 68.06 -12.76 6.11
C GLU D 101 67.98 -11.35 5.51
N GLU D 102 68.74 -11.13 4.45
CA GLU D 102 68.90 -9.80 3.89
C GLU D 102 67.58 -9.13 3.55
N HIS D 103 66.55 -9.89 3.16
CA HIS D 103 65.43 -9.30 2.43
C HIS D 103 64.09 -9.80 2.94
N PRO D 104 63.04 -8.99 2.81
CA PRO D 104 61.69 -9.51 2.97
C PRO D 104 61.32 -10.41 1.80
N THR D 105 60.28 -11.21 2.02
CA THR D 105 60.02 -12.38 1.19
C THR D 105 58.56 -12.46 0.76
N LEU D 106 58.36 -13.00 -0.45
CA LEU D 106 57.06 -13.10 -1.06
C LEU D 106 56.77 -14.54 -1.47
N LEU D 107 55.60 -15.04 -1.07
CA LEU D 107 55.25 -16.45 -1.17
C LEU D 107 53.84 -16.64 -1.70
N THR D 108 53.64 -17.76 -2.41
CA THR D 108 52.50 -17.98 -3.28
C THR D 108 51.80 -19.26 -2.85
N GLU D 109 50.46 -19.25 -2.94
CA GLU D 109 49.66 -20.39 -2.55
C GLU D 109 48.49 -20.52 -3.51
N ALA D 110 48.10 -21.75 -3.79
CA ALA D 110 46.92 -22.01 -4.59
C ALA D 110 45.67 -21.55 -3.84
N PRO D 111 44.58 -21.22 -4.55
CA PRO D 111 43.55 -20.35 -3.98
C PRO D 111 42.79 -20.93 -2.81
N LEU D 112 42.86 -22.23 -2.56
CA LEU D 112 42.14 -22.79 -1.42
C LEU D 112 42.98 -23.94 -0.87
N ASN D 113 43.64 -23.71 0.26
CA ASN D 113 44.47 -24.75 0.83
C ASN D 113 44.48 -24.67 2.34
N PRO D 114 44.66 -25.79 3.01
CA PRO D 114 44.42 -25.86 4.46
C PRO D 114 45.39 -25.00 5.26
N LYS D 115 44.86 -24.41 6.35
CA LYS D 115 45.52 -23.34 7.08
C LYS D 115 46.94 -23.70 7.48
N ALA D 116 47.17 -24.99 7.72
CA ALA D 116 48.46 -25.46 8.20
C ALA D 116 49.62 -25.06 7.31
N ASN D 117 49.43 -24.97 5.99
CA ASN D 117 50.57 -24.56 5.17
C ASN D 117 51.05 -23.16 5.49
N ARG D 118 50.15 -22.20 5.58
CA ARG D 118 50.60 -20.87 5.92
C ARG D 118 51.08 -20.76 7.35
N GLU D 119 50.45 -21.49 8.28
CA GLU D 119 50.98 -21.46 9.64
C GLU D 119 52.39 -22.01 9.75
N LYS D 120 52.67 -23.15 9.13
CA LYS D 120 54.02 -23.69 9.17
C LYS D 120 55.02 -22.84 8.41
N MET D 121 54.68 -22.40 7.20
CA MET D 121 55.63 -21.58 6.47
C MET D 121 55.97 -20.31 7.24
N THR D 122 54.97 -19.68 7.86
CA THR D 122 55.24 -18.50 8.65
C THR D 122 56.16 -18.81 9.80
N GLN D 123 55.81 -19.85 10.56
CA GLN D 123 56.60 -20.22 11.73
C GLN D 123 58.04 -20.57 11.37
N ILE D 124 58.21 -21.42 10.36
CA ILE D 124 59.55 -21.84 9.98
C ILE D 124 60.36 -20.69 9.40
N MET D 125 59.79 -19.89 8.51
CA MET D 125 60.58 -18.82 7.90
C MET D 125 61.03 -17.79 8.92
N PHE D 126 60.16 -17.43 9.85
CA PHE D 126 60.57 -16.48 10.87
C PHE D 126 61.56 -17.09 11.84
N GLU D 127 61.29 -18.29 12.34
CA GLU D 127 62.16 -18.80 13.38
C GLU D 127 63.50 -19.22 12.82
N THR D 128 63.52 -19.88 11.66
CA THR D 128 64.78 -20.38 11.13
C THR D 128 65.56 -19.29 10.41
N PHE D 129 64.94 -18.49 9.53
CA PHE D 129 65.77 -17.61 8.74
C PHE D 129 65.73 -16.16 9.21
N ASN D 130 64.97 -15.86 10.26
CA ASN D 130 65.02 -14.57 10.96
C ASN D 130 64.87 -13.36 10.04
N VAL D 131 64.05 -13.49 9.01
CA VAL D 131 63.79 -12.41 8.06
C VAL D 131 63.14 -11.20 8.74
N PRO D 132 63.34 -9.99 8.21
CA PRO D 132 62.67 -8.81 8.79
C PRO D 132 61.17 -8.69 8.56
N ALA D 133 60.66 -8.98 7.37
CA ALA D 133 59.23 -8.78 7.15
C ALA D 133 58.76 -9.66 6.00
N MET D 134 57.45 -9.89 5.97
CA MET D 134 56.93 -10.89 5.05
C MET D 134 55.56 -10.57 4.47
N TYR D 135 55.37 -10.99 3.22
CA TYR D 135 54.09 -10.96 2.52
C TYR D 135 53.86 -12.24 1.73
N VAL D 136 52.60 -12.65 1.65
CA VAL D 136 52.15 -13.87 0.98
C VAL D 136 51.02 -13.53 0.04
N ALA D 137 51.01 -14.15 -1.14
CA ALA D 137 50.29 -13.64 -2.29
C ALA D 137 49.75 -14.83 -3.07
N ILE D 138 48.66 -14.60 -3.79
CA ILE D 138 47.82 -15.68 -4.30
C ILE D 138 47.80 -15.63 -5.81
N GLN D 139 48.12 -16.77 -6.42
CA GLN D 139 48.70 -16.81 -7.75
C GLN D 139 47.77 -16.22 -8.80
N ALA D 140 46.46 -16.39 -8.66
CA ALA D 140 45.55 -15.79 -9.63
C ALA D 140 45.73 -14.28 -9.73
N VAL D 141 45.93 -13.63 -8.60
CA VAL D 141 46.07 -12.17 -8.59
C VAL D 141 47.35 -11.76 -9.29
N LEU D 142 48.44 -12.45 -8.97
CA LEU D 142 49.71 -12.12 -9.57
C LEU D 142 49.69 -12.36 -11.06
N SER D 143 49.04 -13.43 -11.49
CA SER D 143 48.85 -13.65 -12.92
C SER D 143 48.09 -12.50 -13.53
N LEU D 144 47.06 -12.01 -12.84
CA LEU D 144 46.28 -10.93 -13.43
C LEU D 144 47.14 -9.69 -13.66
N TYR D 145 48.05 -9.41 -12.73
CA TYR D 145 48.96 -8.27 -12.95
C TYR D 145 49.75 -8.37 -14.25
N ALA D 146 49.96 -9.57 -14.78
CA ALA D 146 50.71 -9.72 -16.02
C ALA D 146 50.14 -8.90 -17.16
N SER D 147 48.84 -8.64 -17.14
CA SER D 147 48.26 -7.75 -18.12
C SER D 147 47.46 -6.63 -17.49
N GLY D 148 47.39 -6.57 -16.16
CA GLY D 148 46.96 -5.41 -15.42
C GLY D 148 45.52 -5.03 -15.62
N ARG D 149 44.79 -5.78 -16.44
CA ARG D 149 43.41 -5.45 -16.77
C ARG D 149 42.56 -5.52 -15.50
N THR D 150 41.73 -4.52 -15.29
CA THR D 150 41.02 -4.39 -14.04
C THR D 150 39.86 -5.36 -13.87
N THR D 151 39.41 -6.03 -14.93
CA THR D 151 38.44 -7.12 -14.76
C THR D 151 38.91 -8.39 -15.46
N GLY D 152 39.01 -9.47 -14.71
CA GLY D 152 39.65 -10.66 -15.21
C GLY D 152 39.08 -11.92 -14.60
N ILE D 153 39.09 -12.99 -15.38
CA ILE D 153 38.89 -14.35 -14.90
C ILE D 153 40.09 -15.14 -15.38
N VAL D 154 40.61 -16.00 -14.52
CA VAL D 154 41.98 -16.48 -14.63
C VAL D 154 41.96 -17.99 -14.62
N LEU D 155 42.79 -18.59 -15.46
CA LEU D 155 42.93 -20.03 -15.46
C LEU D 155 44.40 -20.40 -15.39
N ASP D 156 44.71 -21.29 -14.47
CA ASP D 156 46.05 -21.81 -14.26
C ASP D 156 45.92 -23.31 -14.22
N SER D 157 46.87 -24.00 -14.83
CA SER D 157 46.94 -25.43 -14.60
C SER D 157 48.39 -25.86 -14.63
N GLY D 158 48.84 -26.47 -13.53
CA GLY D 158 50.23 -26.82 -13.42
C GLY D 158 50.40 -28.31 -13.19
N ASP D 159 51.57 -28.71 -12.72
CA ASP D 159 51.82 -30.13 -12.52
C ASP D 159 50.92 -30.76 -11.47
N GLY D 160 50.28 -29.96 -10.61
CA GLY D 160 49.55 -30.59 -9.53
C GLY D 160 48.18 -30.03 -9.22
N VAL D 161 47.79 -28.93 -9.85
CA VAL D 161 46.51 -28.31 -9.53
C VAL D 161 46.04 -27.52 -10.74
N THR D 162 44.73 -27.42 -10.89
CA THR D 162 44.10 -26.50 -11.82
C THR D 162 43.01 -25.73 -11.11
N HIS D 163 42.98 -24.41 -11.30
CA HIS D 163 42.04 -23.61 -10.55
C HIS D 163 41.67 -22.36 -11.33
N ASN D 164 40.50 -21.81 -11.00
CA ASN D 164 39.91 -20.66 -11.66
C ASN D 164 39.54 -19.60 -10.64
N VAL D 165 39.75 -18.34 -10.99
CA VAL D 165 39.26 -17.21 -10.20
C VAL D 165 38.73 -16.10 -11.10
N PRO D 166 37.45 -15.75 -11.04
CA PRO D 166 37.05 -14.45 -11.58
C PRO D 166 37.27 -13.33 -10.58
N ILE D 167 37.79 -12.22 -11.08
CA ILE D 167 37.94 -10.97 -10.34
C ILE D 167 37.34 -9.86 -11.17
N TYR D 168 36.59 -8.97 -10.54
CA TYR D 168 36.11 -7.79 -11.23
C TYR D 168 36.50 -6.53 -10.47
N GLU D 169 37.06 -5.57 -11.18
CA GLU D 169 37.46 -4.28 -10.67
C GLU D 169 38.13 -4.31 -9.32
N GLY D 170 38.90 -5.34 -9.02
CA GLY D 170 39.60 -5.36 -7.75
C GLY D 170 38.81 -5.91 -6.57
N TYR D 171 37.65 -6.50 -6.79
CA TYR D 171 36.89 -7.11 -5.73
C TYR D 171 36.92 -8.60 -5.99
N ALA D 172 37.32 -9.38 -5.00
CA ALA D 172 37.14 -10.80 -5.17
C ALA D 172 35.73 -11.25 -4.81
N LEU D 173 35.37 -12.42 -5.34
CA LEU D 173 34.05 -13.01 -5.13
C LEU D 173 34.37 -14.33 -4.45
N PRO D 174 34.42 -14.34 -3.14
CA PRO D 174 34.84 -15.55 -2.42
C PRO D 174 34.08 -16.81 -2.80
N HIS D 175 32.78 -16.69 -3.03
CA HIS D 175 31.97 -17.85 -3.39
C HIS D 175 32.23 -18.37 -4.79
N ALA D 176 32.58 -17.54 -5.76
CA ALA D 176 32.83 -18.08 -7.09
C ALA D 176 34.16 -18.81 -7.26
N ILE D 177 35.06 -18.84 -6.27
CA ILE D 177 36.34 -19.49 -6.43
C ILE D 177 36.18 -21.00 -6.53
N MET D 178 36.76 -21.60 -7.57
CA MET D 178 36.66 -23.04 -7.81
C MET D 178 38.02 -23.64 -8.08
N ARG D 179 38.21 -24.86 -7.59
CA ARG D 179 39.49 -25.57 -7.58
C ARG D 179 39.28 -26.96 -8.16
N LEU D 180 40.23 -27.40 -8.99
CA LEU D 180 40.21 -28.77 -9.47
C LEU D 180 41.59 -29.40 -9.48
N ASP D 181 41.74 -30.57 -8.85
CA ASP D 181 43.05 -31.21 -8.69
C ASP D 181 43.40 -32.18 -9.82
N LEU D 182 43.16 -31.77 -11.05
CA LEU D 182 43.47 -32.53 -12.25
C LEU D 182 44.66 -31.86 -12.93
N ALA D 183 45.71 -32.62 -13.24
CA ALA D 183 46.94 -31.94 -13.64
C ALA D 183 47.81 -32.83 -14.51
N GLY D 184 48.96 -32.27 -14.93
CA GLY D 184 49.89 -32.96 -15.82
C GLY D 184 50.36 -34.32 -15.36
N ARG D 185 50.47 -34.53 -14.04
CA ARG D 185 50.85 -35.85 -13.54
C ARG D 185 49.86 -36.91 -14.00
N ASP D 186 48.59 -36.57 -14.02
CA ASP D 186 47.59 -37.52 -14.44
C ASP D 186 47.71 -37.80 -15.93
N LEU D 187 48.01 -36.78 -16.73
CA LEU D 187 48.27 -37.04 -18.13
C LEU D 187 49.49 -37.93 -18.28
N THR D 188 50.45 -37.82 -17.37
CA THR D 188 51.62 -38.66 -17.45
C THR D 188 51.24 -40.12 -17.21
N ASP D 189 50.40 -40.35 -16.21
CA ASP D 189 49.90 -41.70 -15.98
C ASP D 189 49.10 -42.24 -17.16
N TYR D 190 48.26 -41.41 -17.76
CA TYR D 190 47.49 -41.85 -18.91
C TYR D 190 48.38 -42.22 -20.08
N LEU D 191 49.40 -41.41 -20.32
CA LEU D 191 50.30 -41.73 -21.42
C LEU D 191 51.12 -42.96 -21.12
N MET D 192 51.48 -43.17 -19.86
CA MET D 192 52.14 -44.41 -19.48
C MET D 192 51.28 -45.63 -19.73
N LYS D 193 49.98 -45.55 -19.44
CA LYS D 193 49.14 -46.73 -19.68
C LYS D 193 48.94 -47.00 -21.16
N ILE D 194 48.77 -45.97 -21.99
CA ILE D 194 48.62 -46.31 -23.40
C ILE D 194 49.93 -46.75 -24.02
N LEU D 195 51.07 -46.19 -23.60
CA LEU D 195 52.31 -46.76 -24.11
C LEU D 195 52.54 -48.19 -23.64
N THR D 196 52.12 -48.51 -22.41
CA THR D 196 52.15 -49.92 -22.04
C THR D 196 51.25 -50.76 -22.93
N GLU D 197 50.15 -50.17 -23.42
CA GLU D 197 49.32 -50.88 -24.39
C GLU D 197 50.15 -51.20 -25.63
N ARG D 198 50.91 -50.24 -26.14
CA ARG D 198 51.74 -50.58 -27.28
C ARG D 198 52.87 -51.51 -26.86
N GLY D 199 53.43 -51.30 -25.70
CA GLY D 199 54.31 -52.30 -25.11
C GLY D 199 55.74 -51.90 -24.84
N TYR D 200 56.05 -50.63 -24.97
CA TYR D 200 57.35 -50.18 -24.51
C TYR D 200 57.33 -50.27 -22.99
N SER D 201 58.48 -50.55 -22.40
CA SER D 201 58.54 -50.54 -20.95
C SER D 201 58.71 -49.11 -20.47
N PHE D 202 57.90 -48.72 -19.50
CA PHE D 202 58.09 -47.47 -18.79
C PHE D 202 57.69 -47.70 -17.34
N VAL D 203 58.66 -47.63 -16.44
CA VAL D 203 58.42 -47.80 -15.01
C VAL D 203 59.55 -47.13 -14.26
N THR D 204 59.25 -46.70 -13.03
CA THR D 204 60.19 -45.98 -12.16
C THR D 204 60.44 -44.55 -12.62
N THR D 205 60.67 -43.71 -11.63
CA THR D 205 60.64 -42.26 -11.79
C THR D 205 61.48 -41.75 -12.96
N ALA D 206 62.64 -42.35 -13.22
CA ALA D 206 63.47 -41.89 -14.33
C ALA D 206 62.74 -42.01 -15.65
N GLU D 207 62.00 -43.09 -15.83
CA GLU D 207 61.24 -43.22 -17.06
C GLU D 207 60.08 -42.23 -17.06
N ARG D 208 59.51 -41.98 -15.89
CA ARG D 208 58.48 -40.95 -15.79
C ARG D 208 59.01 -39.60 -16.27
N GLU D 209 60.28 -39.31 -15.94
CA GLU D 209 60.88 -38.06 -16.39
C GLU D 209 61.07 -38.06 -17.89
N ILE D 210 61.35 -39.25 -18.44
CA ILE D 210 61.42 -39.39 -19.89
C ILE D 210 60.05 -39.14 -20.50
N VAL D 211 59.01 -39.63 -19.85
CA VAL D 211 57.65 -39.36 -20.28
C VAL D 211 57.37 -37.88 -20.30
N ARG D 212 57.81 -37.18 -19.26
CA ARG D 212 57.57 -35.74 -19.20
C ARG D 212 58.25 -35.00 -20.35
N ASP D 213 59.48 -35.41 -20.66
CA ASP D 213 60.18 -34.85 -21.81
C ASP D 213 59.47 -35.13 -23.12
N ILE D 214 59.08 -36.38 -23.32
CA ILE D 214 58.40 -36.78 -24.55
C ILE D 214 57.09 -36.01 -24.70
N LYS D 215 56.36 -35.87 -23.60
CA LYS D 215 55.13 -35.09 -23.62
C LYS D 215 55.40 -33.67 -24.07
N GLU D 216 56.47 -33.07 -23.55
CA GLU D 216 56.70 -31.67 -23.87
C GLU D 216 57.08 -31.48 -25.33
N LYS D 217 57.86 -32.39 -25.89
CA LYS D 217 58.23 -32.24 -27.30
C LYS D 217 57.16 -32.70 -28.28
N LEU D 218 56.72 -33.94 -28.15
CA LEU D 218 55.98 -34.60 -29.21
C LEU D 218 54.52 -34.19 -29.29
N CYS D 219 53.88 -33.87 -28.18
CA CYS D 219 52.43 -33.90 -28.05
C CYS D 219 51.77 -32.60 -28.52
N TYR D 220 50.51 -32.71 -28.98
CA TYR D 220 49.79 -31.53 -29.43
C TYR D 220 48.29 -31.79 -29.32
N VAL D 221 47.52 -30.68 -29.30
CA VAL D 221 46.07 -30.74 -29.12
C VAL D 221 45.32 -31.02 -30.41
N ALA D 222 44.28 -31.86 -30.29
CA ALA D 222 43.31 -32.11 -31.34
C ALA D 222 42.16 -31.13 -31.24
N LEU D 223 41.69 -30.65 -32.39
CA LEU D 223 40.51 -29.79 -32.42
C LEU D 223 39.18 -30.54 -32.32
N ASP D 224 39.12 -31.77 -32.85
CA ASP D 224 38.12 -32.75 -32.44
C ASP D 224 38.72 -34.13 -32.32
N PHE D 225 38.46 -34.77 -31.18
CA PHE D 225 38.98 -36.11 -30.93
C PHE D 225 38.49 -37.11 -31.97
N GLU D 226 37.21 -37.05 -32.35
CA GLU D 226 36.69 -38.11 -33.21
C GLU D 226 37.25 -38.03 -34.62
N ASN D 227 37.35 -36.83 -35.19
CA ASN D 227 37.95 -36.71 -36.53
C ASN D 227 39.43 -37.01 -36.47
N GLU D 228 40.07 -36.60 -35.38
CA GLU D 228 41.50 -36.87 -35.22
C GLU D 228 41.74 -38.37 -35.18
N MET D 229 40.92 -39.08 -34.42
CA MET D 229 41.10 -40.53 -34.31
C MET D 229 40.77 -41.24 -35.60
N ALA D 230 39.74 -40.77 -36.31
CA ALA D 230 39.44 -41.38 -37.61
C ALA D 230 40.56 -41.17 -38.63
N THR D 231 41.14 -39.99 -38.66
CA THR D 231 42.27 -39.77 -39.56
C THR D 231 43.51 -40.56 -39.12
N ALA D 232 43.86 -40.50 -37.84
CA ALA D 232 45.04 -41.19 -37.33
C ALA D 232 44.95 -42.70 -37.48
N ALA D 233 43.74 -43.26 -37.39
CA ALA D 233 43.58 -44.69 -37.59
C ALA D 233 43.98 -45.13 -38.98
N SER D 234 43.75 -44.29 -39.99
CA SER D 234 44.17 -44.63 -41.34
C SER D 234 45.65 -44.37 -41.58
N SER D 235 46.15 -43.20 -41.19
CA SER D 235 47.42 -42.71 -41.70
C SER D 235 48.55 -42.75 -40.68
N SER D 236 49.69 -43.29 -41.12
CA SER D 236 50.92 -43.24 -40.33
C SER D 236 51.41 -41.80 -40.20
N SER D 237 51.10 -40.97 -41.21
CA SER D 237 51.77 -39.67 -41.40
C SER D 237 51.76 -38.85 -40.13
N LEU D 238 50.79 -39.11 -39.26
CA LEU D 238 50.72 -38.44 -37.97
C LEU D 238 51.93 -38.78 -37.13
N GLU D 239 52.50 -39.96 -37.32
CA GLU D 239 53.52 -40.49 -36.43
C GLU D 239 54.81 -39.68 -36.51
N LYS D 240 55.47 -39.58 -35.36
CA LYS D 240 56.68 -38.79 -35.17
C LYS D 240 57.63 -39.65 -34.36
N SER D 241 58.93 -39.50 -34.61
CA SER D 241 59.90 -40.36 -33.98
C SER D 241 61.05 -39.64 -33.29
N TYR D 242 61.51 -40.25 -32.19
CA TYR D 242 62.26 -39.63 -31.12
C TYR D 242 63.18 -40.71 -30.55
N GLU D 243 64.33 -40.30 -30.03
CA GLU D 243 65.39 -41.26 -29.71
C GLU D 243 65.78 -41.11 -28.25
N LEU D 244 65.76 -42.23 -27.53
CA LEU D 244 65.97 -42.22 -26.10
C LEU D 244 67.45 -42.05 -25.72
N PRO D 245 67.70 -41.68 -24.46
CA PRO D 245 69.07 -41.73 -23.91
C PRO D 245 69.75 -43.08 -24.06
N ASP D 246 68.97 -44.16 -24.14
CA ASP D 246 69.50 -45.49 -24.37
C ASP D 246 69.76 -45.77 -25.85
N GLY D 247 69.54 -44.79 -26.72
CA GLY D 247 69.64 -45.00 -28.15
C GLY D 247 68.52 -45.83 -28.71
N GLN D 248 67.67 -46.39 -27.85
CA GLN D 248 66.36 -46.85 -28.29
C GLN D 248 65.58 -45.68 -28.86
N VAL D 249 64.68 -46.00 -29.79
CA VAL D 249 64.02 -45.01 -30.62
C VAL D 249 62.53 -45.27 -30.53
N ILE D 250 61.75 -44.20 -30.60
CA ILE D 250 60.35 -44.22 -30.20
C ILE D 250 59.52 -43.65 -31.32
N THR D 251 58.31 -44.19 -31.47
CA THR D 251 57.35 -43.71 -32.45
C THR D 251 56.01 -43.55 -31.74
N ILE D 252 55.26 -42.54 -32.14
CA ILE D 252 54.01 -42.18 -31.49
C ILE D 252 52.93 -42.07 -32.54
N GLY D 253 51.75 -42.54 -32.20
CA GLY D 253 50.61 -42.43 -33.09
C GLY D 253 49.48 -41.71 -32.41
N ASN D 254 48.36 -42.41 -32.18
CA ASN D 254 47.19 -41.78 -31.59
C ASN D 254 47.54 -41.11 -30.27
N GLU D 255 48.55 -41.65 -29.60
CA GLU D 255 49.01 -41.14 -28.33
C GLU D 255 49.32 -39.67 -28.39
N ARG D 256 49.76 -39.18 -29.54
CA ARG D 256 50.14 -37.78 -29.65
C ARG D 256 49.01 -36.82 -29.30
N PHE D 257 47.84 -37.01 -29.91
CA PHE D 257 46.68 -36.22 -29.49
C PHE D 257 45.94 -36.72 -28.27
N ARG D 258 45.90 -38.03 -28.03
CA ARG D 258 44.96 -38.54 -27.03
C ARG D 258 45.16 -37.96 -25.64
N CYS D 259 46.38 -37.58 -25.27
CA CYS D 259 46.58 -37.02 -23.93
C CYS D 259 45.87 -35.70 -23.70
N PRO D 260 46.15 -34.62 -24.42
CA PRO D 260 45.47 -33.35 -24.10
C PRO D 260 43.97 -33.45 -24.11
N GLU D 261 43.42 -34.30 -24.98
CA GLU D 261 41.98 -34.49 -25.07
C GLU D 261 41.36 -34.88 -23.73
N THR D 262 42.11 -35.56 -22.88
CA THR D 262 41.64 -35.93 -21.54
C THR D 262 41.08 -34.75 -20.74
N LEU D 263 41.70 -33.59 -20.82
CA LEU D 263 41.22 -32.43 -20.05
C LEU D 263 39.79 -32.06 -20.41
N PHE D 264 39.35 -32.36 -21.63
CA PHE D 264 37.97 -32.07 -21.97
C PHE D 264 37.02 -33.20 -21.62
N GLN D 265 37.52 -34.39 -21.32
CA GLN D 265 36.67 -35.51 -20.90
C GLN D 265 37.42 -36.31 -19.84
N PRO D 266 37.38 -35.84 -18.60
CA PRO D 266 37.98 -36.60 -17.49
C PRO D 266 37.52 -38.03 -17.39
N SER D 267 36.30 -38.32 -17.85
CA SER D 267 35.79 -39.67 -17.85
C SER D 267 36.72 -40.67 -18.55
N PHE D 268 37.59 -40.22 -19.45
CA PHE D 268 38.57 -41.15 -20.01
C PHE D 268 39.43 -41.76 -18.93
N ILE D 269 39.69 -41.03 -17.84
CA ILE D 269 40.47 -41.59 -16.76
C ILE D 269 39.57 -42.01 -15.60
N GLY D 270 38.26 -41.93 -15.77
CA GLY D 270 37.29 -42.26 -14.75
C GLY D 270 37.12 -41.23 -13.66
N MET D 271 37.85 -40.13 -13.71
CA MET D 271 37.52 -38.97 -12.92
C MET D 271 36.22 -38.36 -13.44
N GLU D 272 35.54 -37.61 -12.58
CA GLU D 272 34.15 -37.18 -12.76
C GLU D 272 33.97 -35.67 -12.81
N SER D 273 34.64 -34.94 -11.93
CA SER D 273 34.64 -33.49 -11.98
C SER D 273 34.98 -32.94 -13.36
N ALA D 274 34.09 -32.12 -13.90
CA ALA D 274 34.01 -31.89 -15.33
C ALA D 274 35.34 -31.34 -15.85
N GLY D 275 35.52 -31.39 -17.16
CA GLY D 275 36.68 -30.77 -17.76
C GLY D 275 36.77 -29.28 -17.45
N ILE D 276 38.02 -28.78 -17.40
CA ILE D 276 38.28 -27.53 -16.72
C ILE D 276 37.52 -26.38 -17.35
N HIS D 277 37.29 -26.43 -18.66
CA HIS D 277 36.51 -25.36 -19.29
C HIS D 277 35.10 -25.39 -18.78
N GLU D 278 34.55 -26.58 -18.62
CA GLU D 278 33.21 -26.73 -18.10
C GLU D 278 33.10 -26.15 -16.70
N THR D 279 34.14 -26.34 -15.88
CA THR D 279 34.13 -25.70 -14.57
C THR D 279 34.23 -24.20 -14.69
N THR D 280 35.07 -23.69 -15.58
CA THR D 280 35.19 -22.25 -15.73
C THR D 280 33.86 -21.64 -16.10
N TYR D 281 33.18 -22.26 -17.04
CA TYR D 281 31.84 -21.85 -17.41
C TYR D 281 30.89 -21.90 -16.22
N ASN D 282 30.99 -22.97 -15.41
CA ASN D 282 30.13 -23.06 -14.23
C ASN D 282 30.40 -21.92 -13.26
N SER D 283 31.67 -21.55 -13.11
CA SER D 283 31.99 -20.43 -12.25
C SER D 283 31.44 -19.13 -12.81
N ILE D 284 31.42 -18.98 -14.13
CA ILE D 284 30.77 -17.80 -14.68
C ILE D 284 29.28 -17.80 -14.38
N MET D 285 28.62 -18.93 -14.59
CA MET D 285 27.20 -18.98 -14.28
C MET D 285 26.95 -18.74 -12.80
N LYS D 286 27.88 -19.13 -11.95
CA LYS D 286 27.77 -18.84 -10.53
C LYS D 286 28.12 -17.40 -10.19
N CYS D 287 28.43 -16.57 -11.18
CA CYS D 287 28.62 -15.14 -10.99
C CYS D 287 27.28 -14.42 -11.02
N ASP D 288 27.27 -13.19 -10.52
CA ASP D 288 26.13 -12.33 -10.77
C ASP D 288 25.82 -12.13 -12.25
N ILE D 289 24.53 -11.96 -12.52
CA ILE D 289 23.96 -11.83 -13.86
C ILE D 289 24.44 -10.62 -14.65
N ASP D 290 24.92 -9.56 -14.00
CA ASP D 290 25.44 -8.44 -14.78
C ASP D 290 26.86 -8.65 -15.28
N ILE D 291 27.75 -9.02 -14.38
CA ILE D 291 29.18 -9.06 -14.64
C ILE D 291 29.52 -10.06 -15.74
N ARG D 292 28.72 -11.13 -15.85
CA ARG D 292 29.01 -12.21 -16.79
C ARG D 292 29.38 -11.72 -18.18
N LYS D 293 28.68 -10.72 -18.72
CA LYS D 293 29.08 -10.26 -20.04
C LYS D 293 30.52 -9.77 -20.00
N ASP D 294 30.82 -8.95 -19.00
CA ASP D 294 32.13 -8.33 -18.92
C ASP D 294 33.21 -9.38 -18.70
N LEU D 295 32.86 -10.51 -18.08
CA LEU D 295 33.90 -11.54 -17.96
C LEU D 295 34.06 -12.34 -19.23
N TYR D 296 32.99 -12.55 -20.00
CA TYR D 296 33.24 -13.09 -21.32
C TYR D 296 34.16 -12.15 -22.08
N ALA D 297 34.09 -10.85 -21.75
CA ALA D 297 34.89 -9.86 -22.44
C ALA D 297 36.39 -10.05 -22.17
N ASN D 298 36.77 -10.54 -20.99
CA ASN D 298 38.19 -10.72 -20.75
C ASN D 298 38.47 -11.93 -19.89
N ASN D 299 39.39 -12.76 -20.38
CA ASN D 299 39.60 -14.09 -19.86
C ASN D 299 41.08 -14.40 -20.07
N VAL D 300 41.72 -15.00 -19.09
CA VAL D 300 43.17 -15.05 -19.04
C VAL D 300 43.65 -16.47 -18.76
N MET D 301 44.69 -16.89 -19.48
CA MET D 301 45.15 -18.27 -19.44
C MET D 301 46.62 -18.26 -19.08
N SER D 302 47.03 -19.21 -18.25
CA SER D 302 48.40 -19.25 -17.75
C SER D 302 48.82 -20.67 -17.44
N GLY D 303 50.10 -20.95 -17.61
CA GLY D 303 50.65 -22.14 -17.00
C GLY D 303 50.90 -23.27 -17.99
N GLY D 304 51.75 -24.21 -17.55
CA GLY D 304 52.37 -25.13 -18.47
C GLY D 304 51.39 -25.91 -19.32
N THR D 305 50.23 -26.26 -18.76
CA THR D 305 49.24 -26.94 -19.56
C THR D 305 48.79 -26.08 -20.72
N THR D 306 48.74 -24.77 -20.53
CA THR D 306 48.36 -23.90 -21.63
C THR D 306 49.40 -23.90 -22.74
N MET D 307 50.65 -24.26 -22.44
CA MET D 307 51.71 -24.19 -23.42
C MET D 307 51.39 -24.96 -24.68
N TYR D 308 50.55 -26.01 -24.58
CA TYR D 308 50.24 -26.84 -25.73
C TYR D 308 49.83 -26.01 -26.94
N PRO D 309 50.14 -26.48 -28.14
CA PRO D 309 49.73 -25.76 -29.34
C PRO D 309 48.24 -25.90 -29.59
N GLY D 310 47.60 -24.79 -29.99
CA GLY D 310 46.21 -24.85 -30.40
C GLY D 310 45.18 -24.87 -29.30
N ILE D 311 45.61 -24.85 -28.04
CA ILE D 311 44.69 -25.02 -26.93
C ILE D 311 43.67 -23.90 -26.89
N ALA D 312 44.07 -22.69 -27.28
CA ALA D 312 43.11 -21.58 -27.26
C ALA D 312 41.96 -21.84 -28.22
N ASP D 313 42.25 -22.42 -29.39
CA ASP D 313 41.19 -22.71 -30.35
C ASP D 313 40.15 -23.65 -29.77
N ARG D 314 40.62 -24.73 -29.13
CA ARG D 314 39.69 -25.68 -28.52
C ARG D 314 38.94 -25.06 -27.36
N MET D 315 39.61 -24.24 -26.57
CA MET D 315 38.94 -23.52 -25.51
C MET D 315 37.80 -22.69 -26.08
N GLN D 316 38.10 -21.95 -27.15
CA GLN D 316 37.10 -21.14 -27.82
C GLN D 316 35.92 -21.98 -28.29
N LYS D 317 36.19 -23.08 -28.97
CA LYS D 317 35.11 -23.91 -29.48
C LYS D 317 34.29 -24.52 -28.36
N GLU D 318 34.93 -24.88 -27.25
CA GLU D 318 34.17 -25.45 -26.14
C GLU D 318 33.25 -24.42 -25.51
N ILE D 319 33.76 -23.23 -25.26
CA ILE D 319 32.88 -22.24 -24.64
C ILE D 319 31.83 -21.72 -25.61
N THR D 320 32.15 -21.60 -26.90
CA THR D 320 31.14 -21.31 -27.90
C THR D 320 30.07 -22.37 -28.00
N ALA D 321 30.45 -23.65 -27.95
CA ALA D 321 29.45 -24.71 -28.01
C ALA D 321 28.60 -24.76 -26.76
N LEU D 322 29.19 -24.48 -25.60
CA LEU D 322 28.36 -24.27 -24.43
C LEU D 322 27.41 -23.10 -24.67
N ALA D 323 27.87 -22.12 -25.45
CA ALA D 323 27.13 -20.93 -25.83
C ALA D 323 26.38 -20.38 -24.64
N PRO D 324 27.07 -19.83 -23.66
CA PRO D 324 26.35 -19.11 -22.61
C PRO D 324 25.42 -18.05 -23.16
N SER D 325 25.76 -17.49 -24.31
CA SER D 325 24.88 -16.63 -25.08
C SER D 325 25.50 -16.50 -26.46
N THR D 326 24.77 -15.86 -27.37
CA THR D 326 25.39 -15.19 -28.51
C THR D 326 26.08 -13.92 -28.00
N MET D 327 27.28 -14.10 -27.45
CA MET D 327 28.05 -13.02 -26.86
C MET D 327 29.51 -13.19 -27.21
N LYS D 328 30.23 -12.07 -27.28
CA LYS D 328 31.66 -12.16 -27.55
C LYS D 328 32.41 -12.83 -26.42
N ILE D 329 33.37 -13.65 -26.80
CA ILE D 329 34.22 -14.40 -25.88
C ILE D 329 35.65 -14.16 -26.33
N LYS D 330 36.57 -14.01 -25.40
CA LYS D 330 37.92 -13.80 -25.87
C LYS D 330 38.90 -14.44 -24.91
N ILE D 331 40.09 -14.72 -25.42
CA ILE D 331 41.17 -15.32 -24.64
C ILE D 331 42.43 -14.51 -24.81
N ILE D 332 43.11 -14.28 -23.71
CA ILE D 332 44.41 -13.63 -23.66
C ILE D 332 45.46 -14.70 -23.46
N ALA D 333 46.15 -15.10 -24.53
CA ALA D 333 47.15 -16.16 -24.46
C ALA D 333 48.51 -15.59 -24.85
N PRO D 334 49.09 -14.74 -23.99
CA PRO D 334 50.34 -14.09 -24.35
C PRO D 334 51.51 -15.06 -24.35
N PRO D 335 52.54 -14.78 -25.13
CA PRO D 335 53.75 -15.61 -25.10
C PRO D 335 54.46 -15.47 -23.76
N GLU D 336 55.40 -16.40 -23.52
CA GLU D 336 56.19 -16.44 -22.29
C GLU D 336 55.30 -16.63 -21.07
N ARG D 337 54.21 -17.34 -21.30
CA ARG D 337 53.13 -17.47 -20.34
C ARG D 337 53.58 -18.15 -19.06
N LYS D 338 54.43 -19.17 -19.21
CA LYS D 338 55.02 -19.91 -18.09
C LYS D 338 55.70 -19.02 -17.04
N TYR D 339 56.54 -18.11 -17.50
CA TYR D 339 57.17 -17.12 -16.62
C TYR D 339 56.21 -16.13 -15.99
N SER D 340 55.07 -15.87 -16.62
CA SER D 340 54.19 -14.77 -16.20
C SER D 340 53.83 -14.74 -14.71
N VAL D 341 53.60 -15.88 -14.06
CA VAL D 341 53.24 -15.79 -12.64
C VAL D 341 54.37 -15.19 -11.81
N TRP D 342 55.60 -15.54 -12.14
CA TRP D 342 56.73 -14.87 -11.51
C TRP D 342 56.86 -13.44 -11.98
N ILE D 343 56.67 -13.19 -13.27
CA ILE D 343 56.88 -11.84 -13.77
C ILE D 343 55.96 -10.88 -13.03
N GLY D 344 54.70 -11.28 -12.91
CA GLY D 344 53.74 -10.50 -12.16
C GLY D 344 54.15 -10.35 -10.71
N GLY D 345 54.63 -11.44 -10.09
CA GLY D 345 55.10 -11.30 -8.72
C GLY D 345 56.21 -10.29 -8.57
N SER D 346 57.11 -10.21 -9.54
CA SER D 346 58.19 -9.23 -9.47
C SER D 346 57.66 -7.81 -9.61
N ILE D 347 56.76 -7.60 -10.57
CA ILE D 347 56.23 -6.26 -10.77
C ILE D 347 55.51 -5.80 -9.51
N LEU D 348 54.67 -6.66 -8.97
CA LEU D 348 53.90 -6.25 -7.81
C LEU D 348 54.83 -6.04 -6.62
N ALA D 349 55.88 -6.87 -6.52
CA ALA D 349 56.89 -6.70 -5.49
C ALA D 349 57.58 -5.34 -5.55
N SER D 350 57.69 -4.75 -6.73
CA SER D 350 58.34 -3.45 -6.78
C SER D 350 57.52 -2.35 -6.11
N LEU D 351 56.20 -2.47 -6.12
CA LEU D 351 55.34 -1.33 -5.77
C LEU D 351 55.58 -0.81 -4.34
N SER D 352 55.39 0.50 -4.20
CA SER D 352 55.53 1.22 -2.93
C SER D 352 54.59 0.71 -1.84
N THR D 353 53.30 0.54 -2.17
CA THR D 353 52.28 0.24 -1.16
C THR D 353 52.62 -1.00 -0.33
N PHE D 354 53.38 -1.93 -0.91
CA PHE D 354 53.79 -3.14 -0.23
C PHE D 354 54.44 -2.89 1.12
N GLN D 355 55.05 -1.73 1.31
CA GLN D 355 55.60 -1.38 2.62
C GLN D 355 54.56 -1.43 3.72
N GLN D 356 53.29 -1.29 3.39
CA GLN D 356 52.25 -1.65 4.35
C GLN D 356 52.13 -3.16 4.50
N MET D 357 52.17 -3.90 3.39
CA MET D 357 51.81 -5.32 3.43
C MET D 357 52.86 -6.21 4.10
N TRP D 358 54.14 -5.88 4.00
CA TRP D 358 55.14 -6.70 4.67
C TRP D 358 54.88 -6.83 6.16
N ILE D 359 54.72 -8.07 6.63
CA ILE D 359 54.44 -8.32 8.02
C ILE D 359 55.79 -8.59 8.68
N THR D 360 56.10 -7.82 9.72
CA THR D 360 57.41 -7.95 10.32
C THR D 360 57.50 -9.19 11.18
N LYS D 361 58.74 -9.62 11.42
CA LYS D 361 58.99 -10.68 12.37
C LYS D 361 58.53 -10.29 13.77
N GLN D 362 58.72 -9.02 14.13
CA GLN D 362 58.31 -8.53 15.44
C GLN D 362 56.80 -8.66 15.65
N GLU D 363 56.02 -8.29 14.64
CA GLU D 363 54.57 -8.47 14.71
C GLU D 363 54.22 -9.95 14.78
N TYR D 364 54.97 -10.79 14.07
CA TYR D 364 54.76 -12.23 14.16
C TYR D 364 54.98 -12.76 15.56
N ASP D 365 56.00 -12.27 16.24
CA ASP D 365 56.20 -12.69 17.61
C ASP D 365 55.13 -12.17 18.55
N GLU D 366 54.71 -10.92 18.36
CA GLU D 366 53.64 -10.37 19.17
C GLU D 366 52.31 -11.07 18.93
N ALA D 367 51.89 -11.18 17.68
CA ALA D 367 50.59 -11.73 17.33
C ALA D 367 50.56 -13.24 17.45
N GLY D 368 51.65 -13.91 17.12
CA GLY D 368 51.56 -15.27 16.68
C GLY D 368 51.12 -15.39 15.23
N PRO D 369 51.03 -16.63 14.75
CA PRO D 369 50.75 -16.86 13.32
C PRO D 369 49.40 -16.39 12.84
N SER D 370 48.36 -16.50 13.68
CA SER D 370 47.00 -16.37 13.18
C SER D 370 46.78 -15.06 12.43
N ILE D 371 47.49 -14.00 12.82
CA ILE D 371 47.37 -12.74 12.08
C ILE D 371 47.77 -12.92 10.63
N VAL D 372 48.72 -13.81 10.36
CA VAL D 372 49.13 -14.00 8.98
C VAL D 372 48.06 -14.66 8.14
N HIS D 373 47.31 -15.61 8.70
CA HIS D 373 46.18 -16.11 7.94
C HIS D 373 45.09 -15.06 7.85
N ARG D 374 44.85 -14.37 8.96
CA ARG D 374 43.69 -13.50 9.10
C ARG D 374 43.68 -12.36 8.08
N LYS D 375 44.87 -11.92 7.66
CA LYS D 375 44.97 -10.75 6.79
C LYS D 375 44.16 -10.91 5.51
N CYS D 376 43.92 -12.14 5.08
CA CYS D 376 43.13 -12.40 3.88
C CYS D 376 42.67 -13.85 3.91
N PHE D 377 42.33 -14.39 2.75
CA PHE D 377 42.05 -15.81 2.61
C PHE D 377 43.29 -16.64 2.89
N THR E 7 24.69 35.69 -10.06
CA THR E 7 23.40 36.35 -9.95
C THR E 7 22.30 35.44 -10.45
N THR E 8 22.68 34.50 -11.30
CA THR E 8 21.74 33.52 -11.85
C THR E 8 21.34 32.55 -10.75
N ALA E 9 20.09 32.62 -10.30
CA ALA E 9 19.61 31.69 -9.30
C ALA E 9 19.61 30.26 -9.83
N LEU E 10 19.33 29.33 -8.93
CA LEU E 10 19.46 27.92 -9.22
C LEU E 10 18.19 27.15 -8.94
N VAL E 11 17.93 26.16 -9.77
CA VAL E 11 16.67 25.44 -9.79
C VAL E 11 17.01 23.98 -9.67
N CYS E 12 16.47 23.33 -8.66
CA CYS E 12 16.94 22.02 -8.25
C CYS E 12 15.75 21.18 -7.86
N ASP E 13 15.79 19.91 -8.22
CA ASP E 13 14.61 19.07 -8.18
C ASP E 13 14.91 17.80 -7.42
N ASN E 14 13.91 17.31 -6.71
CA ASN E 14 14.07 16.13 -5.88
C ASN E 14 13.02 15.13 -6.33
N GLY E 15 13.48 13.96 -6.70
CA GLY E 15 12.63 12.98 -7.33
C GLY E 15 13.07 11.62 -6.89
N SER E 16 12.13 10.73 -6.65
CA SER E 16 12.52 9.44 -6.12
C SER E 16 13.29 8.65 -7.16
N GLY E 17 13.23 9.05 -8.42
CA GLY E 17 13.99 8.37 -9.44
C GLY E 17 15.06 9.27 -10.02
N LEU E 18 14.71 10.50 -10.39
CA LEU E 18 15.63 11.37 -11.10
C LEU E 18 15.65 12.75 -10.48
N VAL E 19 16.84 13.37 -10.49
CA VAL E 19 17.08 14.66 -9.88
C VAL E 19 17.66 15.60 -10.92
N LYS E 20 17.13 16.82 -10.99
CA LYS E 20 17.32 17.70 -12.13
C LYS E 20 17.80 19.05 -11.61
N ALA E 21 18.77 19.64 -12.29
CA ALA E 21 19.39 20.87 -11.82
C ALA E 21 19.50 21.84 -12.98
N GLY E 22 19.23 23.11 -12.69
CA GLY E 22 18.88 24.06 -13.72
C GLY E 22 19.37 25.45 -13.38
N PHE E 23 19.59 26.24 -14.42
CA PHE E 23 19.86 27.66 -14.25
C PHE E 23 18.72 28.44 -14.85
N ALA E 24 18.36 29.53 -14.20
CA ALA E 24 17.23 30.33 -14.65
C ALA E 24 17.48 30.84 -16.07
N GLY E 25 16.55 30.56 -16.95
CA GLY E 25 16.70 30.90 -18.35
C GLY E 25 17.11 29.75 -19.24
N ASP E 26 17.54 28.63 -18.67
CA ASP E 26 17.64 27.41 -19.45
C ASP E 26 16.25 26.95 -19.84
N ASP E 27 16.16 26.20 -20.95
CA ASP E 27 14.92 25.53 -21.27
C ASP E 27 15.09 24.02 -21.37
N ALA E 28 16.19 23.48 -20.88
CA ALA E 28 16.32 22.06 -20.71
C ALA E 28 17.25 21.85 -19.52
N PRO E 29 17.01 20.84 -18.70
CA PRO E 29 17.84 20.67 -17.51
C PRO E 29 19.24 20.26 -17.92
N ARG E 30 20.23 20.86 -17.27
CA ARG E 30 21.62 20.61 -17.65
C ARG E 30 22.11 19.23 -17.26
N ALA E 31 21.59 18.67 -16.16
CA ALA E 31 21.90 17.29 -15.84
C ALA E 31 20.69 16.65 -15.19
N VAL E 32 20.48 15.37 -15.50
CA VAL E 32 19.53 14.53 -14.80
C VAL E 32 20.15 13.16 -14.59
N PHE E 33 20.06 12.64 -13.37
CA PHE E 33 20.65 11.35 -13.10
C PHE E 33 19.91 10.59 -12.01
N PRO E 34 19.98 9.27 -12.02
CA PRO E 34 19.28 8.44 -11.03
C PRO E 34 19.80 8.66 -9.62
N SER E 35 18.86 8.87 -8.70
CA SER E 35 19.10 9.33 -7.34
C SER E 35 19.60 8.22 -6.40
N ILE E 36 20.75 7.61 -6.73
CA ILE E 36 21.13 6.34 -6.12
C ILE E 36 22.51 6.44 -5.49
N VAL E 37 22.66 5.83 -4.32
CA VAL E 37 23.93 5.80 -3.58
C VAL E 37 24.26 4.37 -3.17
N GLY E 38 25.50 3.98 -3.39
CA GLY E 38 25.89 2.57 -3.31
C GLY E 38 27.21 2.42 -2.61
N ARG E 39 27.36 1.32 -1.87
CA ARG E 39 28.61 1.04 -1.20
C ARG E 39 28.99 -0.42 -1.37
N PRO E 40 30.28 -0.75 -1.31
CA PRO E 40 30.73 -2.06 -1.79
C PRO E 40 30.43 -3.21 -0.84
N ARG E 41 30.00 -4.31 -1.45
CA ARG E 41 29.60 -5.54 -0.79
C ARG E 41 30.77 -6.48 -0.47
N HIS E 42 31.98 -6.19 -0.94
CA HIS E 42 33.08 -7.14 -0.85
C HIS E 42 34.37 -6.46 -0.42
N GLN E 43 35.31 -7.30 0.01
CA GLN E 43 36.53 -6.82 0.65
C GLN E 43 37.34 -5.96 -0.30
N GLY E 44 37.57 -6.45 -1.51
CA GLY E 44 38.54 -5.82 -2.41
C GLY E 44 39.91 -6.40 -2.20
N VAL E 45 40.70 -6.54 -3.27
CA VAL E 45 41.88 -7.36 -3.14
C VAL E 45 43.10 -6.78 -3.84
N MET E 46 42.90 -5.99 -4.89
CA MET E 46 44.05 -5.52 -5.65
C MET E 46 44.70 -4.32 -4.97
N VAL E 47 46.03 -4.40 -4.84
CA VAL E 47 46.78 -3.41 -4.08
C VAL E 47 46.83 -2.08 -4.83
N GLY E 48 46.69 -0.99 -4.08
CA GLY E 48 46.73 0.34 -4.66
C GLY E 48 45.51 0.74 -5.45
N MET E 49 44.48 -0.09 -5.48
CA MET E 49 43.30 0.24 -6.28
C MET E 49 42.61 1.51 -5.81
N GLY E 50 42.85 1.94 -4.57
CA GLY E 50 42.38 3.25 -4.16
C GLY E 50 40.86 3.33 -4.16
N GLN E 51 40.19 2.28 -3.70
CA GLN E 51 38.74 2.22 -3.83
C GLN E 51 38.06 3.29 -2.98
N LYS E 52 36.95 3.79 -3.52
CA LYS E 52 36.12 4.78 -2.86
C LYS E 52 35.31 4.16 -1.73
N ASP E 53 34.73 5.04 -0.91
CA ASP E 53 33.68 4.61 0.02
C ASP E 53 32.37 4.31 -0.69
N SER E 54 32.07 5.01 -1.78
CA SER E 54 30.72 5.00 -2.33
C SER E 54 30.73 5.62 -3.72
N TYR E 55 29.66 5.35 -4.46
CA TYR E 55 29.48 5.78 -5.84
C TYR E 55 28.07 6.30 -6.01
N VAL E 56 27.90 7.24 -6.94
CA VAL E 56 26.62 7.93 -7.06
C VAL E 56 26.32 8.20 -8.53
N GLY E 57 25.04 8.08 -8.87
CA GLY E 57 24.59 8.25 -10.24
C GLY E 57 25.18 7.25 -11.21
N ASP E 58 25.62 7.77 -12.35
CA ASP E 58 26.04 6.89 -13.43
C ASP E 58 27.18 5.98 -12.99
N GLU E 59 28.08 6.48 -12.15
CA GLU E 59 29.15 5.61 -11.65
C GLU E 59 28.55 4.38 -10.99
N ALA E 60 27.47 4.58 -10.23
CA ALA E 60 26.84 3.47 -9.55
C ALA E 60 26.15 2.54 -10.54
N GLN E 61 25.68 3.09 -11.66
CA GLN E 61 25.13 2.22 -12.70
C GLN E 61 26.23 1.41 -13.38
N SER E 62 27.38 2.01 -13.61
CA SER E 62 28.47 1.30 -14.26
C SER E 62 28.96 0.13 -13.41
N LYS E 63 29.07 0.36 -12.10
CA LYS E 63 29.56 -0.62 -11.14
C LYS E 63 28.44 -1.45 -10.54
N ARG E 64 27.29 -1.48 -11.19
CA ARG E 64 26.05 -1.92 -10.59
C ARG E 64 26.13 -3.34 -10.01
N GLY E 65 26.83 -4.23 -10.71
CA GLY E 65 26.88 -5.63 -10.26
C GLY E 65 27.53 -5.87 -8.91
N ILE E 66 28.60 -5.16 -8.60
CA ILE E 66 29.33 -5.41 -7.35
C ILE E 66 28.65 -4.86 -6.12
N LEU E 67 27.50 -4.22 -6.26
CA LEU E 67 27.05 -3.20 -5.33
C LEU E 67 25.64 -3.48 -4.85
N THR E 68 25.32 -2.88 -3.71
CA THR E 68 24.00 -2.94 -3.08
C THR E 68 23.49 -1.51 -2.97
N LEU E 69 22.20 -1.32 -3.21
CA LEU E 69 21.71 -0.03 -3.66
C LEU E 69 20.60 0.47 -2.77
N LYS E 70 20.61 1.77 -2.53
CA LYS E 70 19.64 2.42 -1.67
C LYS E 70 19.05 3.61 -2.40
N TYR E 71 17.83 3.84 -2.17
CA TYR E 71 17.32 5.16 -2.45
C TYR E 71 17.20 5.93 -1.15
N PRO E 72 17.65 7.18 -1.10
CA PRO E 72 17.50 7.98 0.11
C PRO E 72 16.12 8.62 0.27
N ILE E 73 15.15 8.25 -0.57
CA ILE E 73 13.84 8.87 -0.60
C ILE E 73 12.77 7.82 -0.38
N GLU E 74 11.73 8.18 0.35
CA GLU E 74 10.58 7.32 0.51
C GLU E 74 9.33 8.13 0.26
N GLY E 76 7.81 10.68 -0.18
CA GLY E 76 8.13 12.07 -0.02
C GLY E 76 8.96 12.30 1.21
N ILE E 77 9.71 11.28 1.61
CA ILE E 77 10.41 11.31 2.89
C ILE E 77 11.86 10.94 2.65
N ILE E 78 12.74 11.56 3.43
CA ILE E 78 14.15 11.23 3.45
C ILE E 78 14.49 10.48 4.72
N THR E 79 15.28 9.42 4.58
CA THR E 79 15.55 8.50 5.66
C THR E 79 17.03 8.43 6.02
N ASN E 80 17.88 9.15 5.29
CA ASN E 80 19.32 8.99 5.36
C ASN E 80 19.96 10.30 4.91
N TRP E 81 19.96 11.28 5.81
CA TRP E 81 20.27 12.65 5.41
C TRP E 81 21.66 12.80 4.86
N ASP E 82 22.60 12.00 5.33
CA ASP E 82 23.98 12.17 4.87
C ASP E 82 24.17 11.72 3.43
N ASP E 83 23.56 10.61 3.04
CA ASP E 83 23.65 10.21 1.65
C ASP E 83 22.91 11.17 0.71
N MET E 84 21.75 11.67 1.14
CA MET E 84 21.08 12.69 0.37
C MET E 84 21.99 13.90 0.18
N GLU E 85 22.64 14.30 1.27
CA GLU E 85 23.62 15.38 1.21
C GLU E 85 24.73 15.08 0.23
N LYS E 86 25.18 13.83 0.20
CA LYS E 86 26.23 13.44 -0.73
C LYS E 86 25.75 13.58 -2.16
N ILE E 87 24.47 13.34 -2.39
CA ILE E 87 23.90 13.58 -3.71
C ILE E 87 24.00 15.06 -4.06
N TRP E 88 23.55 15.92 -3.18
CA TRP E 88 23.63 17.35 -3.47
C TRP E 88 25.06 17.78 -3.72
N HIS E 89 25.97 17.30 -2.90
CA HIS E 89 27.37 17.67 -3.03
C HIS E 89 27.87 17.34 -4.42
N HIS E 90 27.58 16.13 -4.86
CA HIS E 90 27.96 15.74 -6.21
C HIS E 90 27.28 16.59 -7.26
N THR E 91 26.03 16.95 -7.01
CA THR E 91 25.30 17.72 -8.02
C THR E 91 25.93 19.08 -8.25
N PHE E 92 26.17 19.83 -7.17
CA PHE E 92 26.70 21.17 -7.34
C PHE E 92 28.10 21.14 -7.90
N TYR E 93 28.99 20.37 -7.30
CA TYR E 93 30.37 20.48 -7.73
C TYR E 93 30.60 19.83 -9.08
N ASN E 94 30.13 18.60 -9.26
CA ASN E 94 30.38 17.89 -10.50
C ASN E 94 29.43 18.26 -11.64
N GLU E 95 28.12 18.26 -11.42
CA GLU E 95 27.22 18.43 -12.54
C GLU E 95 27.21 19.88 -13.03
N LEU E 96 27.06 20.85 -12.13
CA LEU E 96 26.97 22.21 -12.60
C LEU E 96 28.32 22.91 -12.62
N ARG E 97 29.26 22.49 -11.77
CA ARG E 97 30.58 23.11 -11.73
C ARG E 97 30.47 24.59 -11.40
N VAL E 98 29.50 24.92 -10.56
CA VAL E 98 29.29 26.28 -10.08
C VAL E 98 29.25 26.25 -8.55
N ALA E 99 29.79 27.28 -7.95
CA ALA E 99 29.83 27.29 -6.49
C ALA E 99 28.49 27.77 -5.91
N PRO E 100 28.06 27.16 -4.80
CA PRO E 100 26.68 27.35 -4.33
C PRO E 100 26.39 28.70 -3.72
N GLU E 101 27.36 29.35 -3.07
CA GLU E 101 27.11 30.64 -2.43
C GLU E 101 26.67 31.68 -3.44
N GLU E 102 27.06 31.50 -4.70
CA GLU E 102 26.84 32.52 -5.72
C GLU E 102 25.38 32.95 -5.84
N HIS E 103 24.43 32.06 -5.60
CA HIS E 103 23.09 32.32 -6.10
C HIS E 103 22.02 31.96 -5.09
N PRO E 104 20.87 32.61 -5.14
CA PRO E 104 19.71 32.12 -4.42
C PRO E 104 19.21 30.84 -5.04
N THR E 105 18.39 30.12 -4.28
CA THR E 105 18.12 28.73 -4.55
C THR E 105 16.63 28.45 -4.49
N LEU E 106 16.18 27.52 -5.34
CA LEU E 106 14.77 27.18 -5.46
C LEU E 106 14.57 25.69 -5.30
N LEU E 107 13.63 25.30 -4.43
CA LEU E 107 13.48 23.92 -3.98
C LEU E 107 12.01 23.49 -3.97
N THR E 108 11.80 22.18 -4.20
CA THR E 108 10.51 21.62 -4.57
C THR E 108 10.10 20.52 -3.61
N GLU E 109 8.80 20.44 -3.34
CA GLU E 109 8.22 19.45 -2.43
C GLU E 109 6.88 18.97 -2.94
N ALA E 110 6.58 17.70 -2.69
CA ALA E 110 5.26 17.16 -2.97
C ALA E 110 4.23 17.81 -2.06
N PRO E 111 2.96 17.86 -2.49
CA PRO E 111 2.04 18.86 -1.91
C PRO E 111 1.71 18.66 -0.46
N LEU E 112 1.97 17.50 0.12
CA LEU E 112 1.66 17.32 1.53
C LEU E 112 2.70 16.38 2.14
N ASN E 113 3.65 16.94 2.88
CA ASN E 113 4.70 16.13 3.49
C ASN E 113 5.11 16.73 4.81
N PRO E 114 5.58 15.91 5.74
CA PRO E 114 5.74 16.37 7.12
C PRO E 114 6.81 17.45 7.25
N LYS E 115 6.54 18.41 8.14
CA LYS E 115 7.27 19.67 8.22
C LYS E 115 8.78 19.47 8.31
N ALA E 116 9.21 18.36 8.92
CA ALA E 116 10.63 18.13 9.13
C ALA E 116 11.43 18.20 7.84
N ASN E 117 10.87 17.83 6.69
CA ASN E 117 11.64 17.94 5.45
C ASN E 117 11.98 19.39 5.14
N ARG E 118 11.02 20.29 5.23
CA ARG E 118 11.38 21.67 4.97
C ARG E 118 12.30 22.22 6.04
N GLU E 119 12.14 21.80 7.29
CA GLU E 119 13.10 22.24 8.29
C GLU E 119 14.53 21.80 8.00
N LYS E 120 14.72 20.54 7.62
CA LYS E 120 16.06 20.08 7.28
C LYS E 120 16.60 20.74 6.03
N MET E 121 15.80 20.82 4.97
CA MET E 121 16.32 21.44 3.76
C MET E 121 16.75 22.87 4.01
N THR E 122 15.96 23.63 4.77
CA THR E 122 16.34 25.00 5.06
C THR E 122 17.62 25.06 5.89
N GLN E 123 17.65 24.30 6.98
CA GLN E 123 18.80 24.34 7.87
C GLN E 123 20.07 23.89 7.16
N ILE E 124 20.02 22.77 6.45
CA ILE E 124 21.20 22.26 5.77
C ILE E 124 21.64 23.19 4.65
N MET E 125 20.70 23.70 3.85
CA MET E 125 21.13 24.54 2.75
C MET E 125 21.82 25.80 3.24
N PHE E 126 21.31 26.40 4.32
CA PHE E 126 22.00 27.57 4.85
C PHE E 126 23.33 27.22 5.48
N GLU E 127 23.37 26.20 6.32
CA GLU E 127 24.60 26.00 7.06
C GLU E 127 25.69 25.42 6.17
N THR E 128 25.38 24.46 5.32
CA THR E 128 26.43 23.86 4.51
C THR E 128 26.76 24.71 3.29
N PHE E 129 25.77 25.22 2.56
CA PHE E 129 26.11 25.83 1.29
C PHE E 129 26.13 27.34 1.34
N ASN E 130 25.85 27.94 2.49
CA ASN E 130 26.07 29.37 2.71
C ASN E 130 25.39 30.22 1.64
N VAL E 131 24.24 29.77 1.17
CA VAL E 131 23.49 30.46 0.13
C VAL E 131 23.01 31.84 0.58
N PRO E 132 22.85 32.78 -0.35
CA PRO E 132 22.30 34.10 0.02
C PRO E 132 20.81 34.11 0.34
N ALA E 133 20.00 33.40 -0.43
CA ALA E 133 18.56 33.46 -0.19
C ALA E 133 17.93 32.20 -0.77
N MET E 134 16.73 31.89 -0.29
CA MET E 134 16.13 30.61 -0.62
C MET E 134 14.61 30.71 -0.74
N TYR E 135 14.06 29.90 -1.64
CA TYR E 135 12.62 29.78 -1.81
C TYR E 135 12.22 28.32 -2.01
N VAL E 136 11.01 27.99 -1.55
CA VAL E 136 10.47 26.65 -1.59
C VAL E 136 9.12 26.70 -2.28
N ALA E 137 8.85 25.71 -3.12
CA ALA E 137 7.84 25.83 -4.17
C ALA E 137 7.16 24.49 -4.36
N ILE E 138 5.92 24.52 -4.84
CA ILE E 138 5.01 23.38 -4.74
C ILE E 138 4.67 22.91 -6.14
N GLN E 139 4.92 21.62 -6.37
CA GLN E 139 5.19 21.11 -7.70
C GLN E 139 4.02 21.30 -8.65
N ALA E 140 2.80 21.14 -8.15
CA ALA E 140 1.63 21.32 -8.99
C ALA E 140 1.57 22.71 -9.61
N VAL E 141 1.93 23.74 -8.87
CA VAL E 141 1.86 25.09 -9.41
C VAL E 141 2.86 25.27 -10.52
N LEU E 142 4.09 24.79 -10.32
CA LEU E 142 5.10 24.95 -11.33
C LEU E 142 4.72 24.19 -12.58
N SER E 143 4.12 23.01 -12.41
CA SER E 143 3.62 22.29 -13.57
C SER E 143 2.58 23.11 -14.31
N LEU E 144 1.69 23.78 -13.59
CA LEU E 144 0.66 24.54 -14.29
C LEU E 144 1.26 25.67 -15.11
N TYR E 145 2.29 26.32 -14.59
CA TYR E 145 2.94 27.37 -15.37
C TYR E 145 3.44 26.89 -16.73
N ALA E 146 3.72 25.59 -16.88
CA ALA E 146 4.18 25.06 -18.16
C ALA E 146 3.23 25.34 -19.31
N SER E 147 1.94 25.48 -19.04
CA SER E 147 0.99 25.86 -20.07
C SER E 147 0.19 27.10 -19.72
N GLY E 148 0.43 27.66 -18.54
CA GLY E 148 0.02 29.00 -18.20
C GLY E 148 -1.47 29.21 -18.10
N ARG E 149 -2.29 28.19 -18.32
CA ARG E 149 -3.73 28.42 -18.28
C ARG E 149 -4.12 28.87 -16.89
N THR E 150 -4.94 29.90 -16.83
CA THR E 150 -5.20 30.49 -15.53
C THR E 150 -6.13 29.65 -14.68
N THR E 151 -6.84 28.69 -15.26
CA THR E 151 -7.58 27.70 -14.49
C THR E 151 -7.25 26.29 -14.94
N GLY E 152 -6.86 25.46 -14.00
CA GLY E 152 -6.28 24.17 -14.32
C GLY E 152 -6.59 23.18 -13.24
N ILE E 153 -6.72 21.93 -13.63
CA ILE E 153 -6.71 20.81 -12.70
C ILE E 153 -5.59 19.91 -13.16
N VAL E 154 -4.83 19.41 -12.20
CA VAL E 154 -3.49 18.92 -12.47
C VAL E 154 -3.42 17.51 -11.94
N LEU E 155 -2.77 16.65 -12.70
CA LEU E 155 -2.55 15.30 -12.26
C LEU E 155 -1.08 15.03 -12.44
N ASP E 156 -0.47 14.53 -11.38
CA ASP E 156 0.94 14.21 -11.37
C ASP E 156 1.09 12.82 -10.81
N SER E 157 1.98 12.05 -11.42
CA SER E 157 2.41 10.80 -10.79
C SER E 157 3.86 10.60 -11.11
N GLY E 158 4.67 10.45 -10.08
CA GLY E 158 6.09 10.38 -10.28
C GLY E 158 6.62 9.07 -9.74
N ASP E 159 7.91 8.97 -9.49
CA ASP E 159 8.43 7.70 -9.04
C ASP E 159 7.88 7.27 -7.68
N GLY E 160 7.31 8.19 -6.91
CA GLY E 160 6.92 7.75 -5.59
C GLY E 160 5.59 8.19 -5.03
N VAL E 161 4.85 9.05 -5.73
CA VAL E 161 3.60 9.56 -5.20
C VAL E 161 2.71 9.94 -6.36
N THR E 162 1.41 9.85 -6.14
CA THR E 162 0.42 10.39 -7.06
C THR E 162 -0.51 11.31 -6.29
N HIS E 163 -0.74 12.50 -6.85
CA HIS E 163 -1.50 13.51 -6.13
C HIS E 163 -2.20 14.41 -7.13
N ASN E 164 -3.25 15.06 -6.65
CA ASN E 164 -4.15 15.89 -7.44
C ASN E 164 -4.25 17.27 -6.81
N VAL E 165 -4.29 18.29 -7.67
CA VAL E 165 -4.64 19.64 -7.25
C VAL E 165 -5.51 20.33 -8.27
N PRO E 166 -6.74 20.71 -7.92
CA PRO E 166 -7.45 21.69 -8.74
C PRO E 166 -7.00 23.09 -8.39
N ILE E 167 -6.84 23.91 -9.43
CA ILE E 167 -6.57 25.33 -9.27
C ILE E 167 -7.56 26.10 -10.11
N TYR E 168 -8.13 27.16 -9.56
CA TYR E 168 -8.96 28.04 -10.36
C TYR E 168 -8.49 29.48 -10.26
N GLU E 169 -8.33 30.11 -11.41
CA GLU E 169 -7.95 31.51 -11.53
C GLU E 169 -6.88 31.93 -10.54
N GLY E 170 -5.95 31.04 -10.23
CA GLY E 170 -4.87 31.34 -9.33
C GLY E 170 -5.13 31.15 -7.85
N TYR E 171 -6.23 30.54 -7.46
CA TYR E 171 -6.46 30.21 -6.06
C TYR E 171 -6.46 28.70 -5.92
N ALA E 172 -5.63 28.19 -5.03
CA ALA E 172 -5.75 26.80 -4.66
C ALA E 172 -6.81 26.58 -3.59
N LEU E 173 -7.29 25.35 -3.53
CA LEU E 173 -8.34 24.96 -2.60
C LEU E 173 -7.73 23.86 -1.74
N PRO E 174 -7.15 24.22 -0.60
CA PRO E 174 -6.44 23.23 0.22
C PRO E 174 -7.20 21.96 0.54
N HIS E 175 -8.50 22.06 0.73
CA HIS E 175 -9.29 20.88 1.06
C HIS E 175 -9.45 19.89 -0.09
N ALA E 176 -9.50 20.33 -1.34
CA ALA E 176 -9.65 19.37 -2.43
C ALA E 176 -8.41 18.56 -2.78
N ILE E 177 -7.26 18.85 -2.18
CA ILE E 177 -6.02 18.15 -2.53
C ILE E 177 -6.07 16.70 -2.10
N MET E 178 -5.74 15.81 -3.01
CA MET E 178 -5.77 14.37 -2.80
C MET E 178 -4.45 13.75 -3.17
N ARG E 179 -4.07 12.73 -2.41
CA ARG E 179 -2.77 12.08 -2.48
C ARG E 179 -3.04 10.59 -2.57
N LEU E 180 -2.29 9.90 -3.41
CA LEU E 180 -2.37 8.45 -3.51
C LEU E 180 -0.99 7.83 -3.60
N ASP E 181 -0.71 6.85 -2.73
CA ASP E 181 0.64 6.29 -2.65
C ASP E 181 0.87 5.13 -3.58
N LEU E 182 0.37 5.23 -4.82
CA LEU E 182 0.57 4.21 -5.84
C LEU E 182 1.53 4.78 -6.89
N ALA E 183 2.60 4.06 -7.18
CA ALA E 183 3.65 4.68 -7.97
C ALA E 183 4.46 3.62 -8.69
N GLY E 184 5.44 4.09 -9.46
CA GLY E 184 6.25 3.19 -10.25
C GLY E 184 6.92 2.07 -9.49
N ARG E 185 7.30 2.31 -8.23
CA ARG E 185 7.88 1.23 -7.45
C ARG E 185 6.94 0.06 -7.28
N ASP E 186 5.66 0.32 -7.08
CA ASP E 186 4.73 -0.78 -6.92
C ASP E 186 4.50 -1.49 -8.23
N LEU E 187 4.44 -0.75 -9.33
CA LEU E 187 4.33 -1.40 -10.63
C LEU E 187 5.54 -2.27 -10.91
N THR E 188 6.72 -1.86 -10.46
CA THR E 188 7.89 -2.69 -10.67
C THR E 188 7.83 -3.97 -9.85
N ASP E 189 7.40 -3.88 -8.60
CA ASP E 189 7.23 -5.11 -7.84
C ASP E 189 6.20 -6.04 -8.47
N TYR E 190 5.10 -5.49 -8.95
CA TYR E 190 4.10 -6.33 -9.59
C TYR E 190 4.64 -6.99 -10.84
N LEU E 191 5.41 -6.26 -11.62
CA LEU E 191 5.96 -6.85 -12.83
C LEU E 191 6.96 -7.94 -12.49
N MET E 192 7.73 -7.78 -11.40
CA MET E 192 8.59 -8.87 -10.96
C MET E 192 7.81 -10.12 -10.62
N LYS E 193 6.67 -9.98 -9.95
CA LYS E 193 5.92 -11.18 -9.62
C LYS E 193 5.34 -11.86 -10.84
N ILE E 194 4.87 -11.09 -11.81
CA ILE E 194 4.34 -11.75 -13.00
C ILE E 194 5.44 -12.35 -13.87
N LEU E 195 6.61 -11.72 -13.98
CA LEU E 195 7.64 -12.45 -14.71
C LEU E 195 8.04 -13.72 -13.99
N THR E 196 8.04 -13.72 -12.66
CA THR E 196 8.23 -15.00 -11.99
C THR E 196 7.13 -15.97 -12.38
N GLU E 197 5.94 -15.45 -12.67
CA GLU E 197 4.89 -16.33 -13.19
C GLU E 197 5.34 -17.02 -14.46
N ARG E 198 5.96 -16.29 -15.39
CA ARG E 198 6.48 -16.97 -16.57
C ARG E 198 7.68 -17.83 -16.24
N GLY E 199 8.53 -17.37 -15.32
CA GLY E 199 9.56 -18.20 -14.75
C GLY E 199 11.00 -17.76 -14.91
N TYR E 200 11.21 -16.55 -15.41
CA TYR E 200 12.54 -15.97 -15.39
C TYR E 200 12.90 -15.64 -13.95
N SER E 201 14.18 -15.76 -13.62
CA SER E 201 14.62 -15.36 -12.29
C SER E 201 14.86 -13.87 -12.22
N PHE E 202 14.31 -13.23 -11.19
CA PHE E 202 14.66 -11.84 -10.86
C PHE E 202 14.61 -11.59 -9.36
N VAL E 203 15.77 -11.29 -8.78
CA VAL E 203 15.87 -10.98 -7.36
C VAL E 203 17.10 -10.11 -7.14
N THR E 204 17.07 -9.30 -6.09
CA THR E 204 18.10 -8.33 -5.73
C THR E 204 18.14 -7.11 -6.66
N THR E 205 18.47 -5.97 -6.05
CA THR E 205 18.29 -4.66 -6.66
C THR E 205 18.89 -4.53 -8.06
N ALA E 206 20.05 -5.16 -8.27
CA ALA E 206 20.67 -5.08 -9.59
C ALA E 206 19.73 -5.57 -10.67
N GLU E 207 19.00 -6.64 -10.38
CA GLU E 207 18.02 -7.12 -11.35
C GLU E 207 16.83 -6.17 -11.42
N ARG E 208 16.50 -5.55 -10.29
CA ARG E 208 15.41 -4.59 -10.23
C ARG E 208 15.58 -3.45 -11.23
N GLU E 209 16.80 -2.95 -11.40
CA GLU E 209 16.95 -1.89 -12.40
C GLU E 209 16.75 -2.38 -13.82
N ILE E 210 17.13 -3.62 -14.09
CA ILE E 210 16.85 -4.18 -15.40
C ILE E 210 15.35 -4.30 -15.61
N VAL E 211 14.64 -4.67 -14.56
CA VAL E 211 13.18 -4.72 -14.66
C VAL E 211 12.63 -3.35 -15.02
N ARG E 212 13.15 -2.30 -14.39
CA ARG E 212 12.62 -0.97 -14.69
C ARG E 212 12.85 -0.60 -16.15
N ASP E 213 14.00 -0.99 -16.70
CA ASP E 213 14.22 -0.77 -18.11
C ASP E 213 13.23 -1.53 -18.99
N ILE E 214 13.00 -2.80 -18.67
CA ILE E 214 12.06 -3.58 -19.46
C ILE E 214 10.68 -2.96 -19.43
N LYS E 215 10.25 -2.53 -18.25
CA LYS E 215 8.96 -1.87 -18.11
C LYS E 215 8.89 -0.66 -19.03
N GLU E 216 9.95 0.13 -19.07
CA GLU E 216 9.87 1.37 -19.86
C GLU E 216 9.79 1.07 -21.33
N LYS E 217 10.50 0.05 -21.80
CA LYS E 217 10.43 -0.22 -23.24
C LYS E 217 9.19 -0.98 -23.68
N LEU E 218 8.94 -2.14 -23.10
CA LEU E 218 7.95 -3.01 -23.74
C LEU E 218 6.51 -2.62 -23.46
N CYS E 219 6.22 -2.03 -22.32
CA CYS E 219 4.87 -2.06 -21.78
C CYS E 219 3.99 -0.95 -22.33
N TYR E 220 2.68 -1.21 -22.37
CA TYR E 220 1.74 -0.23 -22.89
C TYR E 220 0.36 -0.49 -22.31
N VAL E 221 -0.47 0.54 -22.36
CA VAL E 221 -1.82 0.49 -21.79
C VAL E 221 -2.78 -0.19 -22.77
N ALA E 222 -3.70 -0.99 -22.23
CA ALA E 222 -4.76 -1.57 -23.03
C ALA E 222 -5.94 -0.62 -23.15
N LEU E 223 -6.52 -0.56 -24.36
CA LEU E 223 -7.73 0.21 -24.62
C LEU E 223 -9.01 -0.48 -24.16
N ASP E 224 -9.05 -1.81 -24.20
CA ASP E 224 -9.97 -2.56 -23.34
C ASP E 224 -9.26 -3.78 -22.79
N PHE E 225 -9.29 -3.91 -21.46
CA PHE E 225 -8.65 -5.02 -20.78
C PHE E 225 -9.24 -6.38 -21.18
N GLU E 226 -10.55 -6.48 -21.24
CA GLU E 226 -11.16 -7.80 -21.45
C GLU E 226 -10.95 -8.33 -22.84
N ASN E 227 -11.14 -7.48 -23.85
CA ASN E 227 -10.92 -7.93 -25.23
C ASN E 227 -9.45 -8.16 -25.50
N GLU E 228 -8.59 -7.32 -24.95
CA GLU E 228 -7.17 -7.51 -25.17
C GLU E 228 -6.69 -8.82 -24.58
N MET E 229 -7.10 -9.12 -23.35
CA MET E 229 -6.64 -10.37 -22.75
C MET E 229 -7.27 -11.59 -23.40
N ALA E 230 -8.53 -11.49 -23.82
CA ALA E 230 -9.12 -12.59 -24.57
C ALA E 230 -8.42 -12.81 -25.90
N THR E 231 -8.02 -11.74 -26.57
CA THR E 231 -7.24 -11.89 -27.80
C THR E 231 -5.88 -12.49 -27.54
N ALA E 232 -5.18 -12.01 -26.52
CA ALA E 232 -3.85 -12.51 -26.22
C ALA E 232 -3.87 -13.98 -25.87
N ALA E 233 -4.94 -14.45 -25.24
CA ALA E 233 -5.04 -15.87 -24.95
C ALA E 233 -5.07 -16.71 -26.22
N SER E 234 -5.68 -16.19 -27.28
CA SER E 234 -5.71 -16.92 -28.55
C SER E 234 -4.42 -16.79 -29.36
N SER E 235 -3.89 -15.57 -29.50
CA SER E 235 -2.90 -15.30 -30.54
C SER E 235 -1.50 -15.09 -29.96
N SER E 236 -0.52 -15.77 -30.55
CA SER E 236 0.88 -15.54 -30.19
C SER E 236 1.35 -14.15 -30.62
N SER E 237 0.76 -13.59 -31.67
CA SER E 237 1.33 -12.45 -32.40
C SER E 237 1.64 -11.27 -31.49
N LEU E 238 0.95 -11.16 -30.35
CA LEU E 238 1.20 -10.09 -29.40
C LEU E 238 2.60 -10.15 -28.80
N GLU E 239 3.19 -11.33 -28.68
CA GLU E 239 4.40 -11.49 -27.91
C GLU E 239 5.58 -10.76 -28.54
N LYS E 240 6.46 -10.26 -27.68
CA LYS E 240 7.60 -9.45 -28.06
C LYS E 240 8.81 -9.94 -27.30
N SER E 241 9.98 -9.85 -27.91
CA SER E 241 11.18 -10.38 -27.30
C SER E 241 12.33 -9.39 -27.27
N TYR E 242 13.11 -9.48 -26.20
CA TYR E 242 13.96 -8.41 -25.68
C TYR E 242 15.16 -9.10 -25.06
N GLU E 243 16.30 -8.42 -25.06
CA GLU E 243 17.56 -9.10 -24.73
C GLU E 243 18.31 -8.41 -23.61
N LEU E 244 18.66 -9.18 -22.59
CA LEU E 244 19.29 -8.70 -21.38
C LEU E 244 20.75 -8.38 -21.61
N PRO E 245 21.37 -7.64 -20.68
CA PRO E 245 22.84 -7.51 -20.69
C PRO E 245 23.58 -8.83 -20.72
N ASP E 246 22.98 -9.90 -20.24
CA ASP E 246 23.60 -11.21 -20.32
C ASP E 246 23.42 -11.90 -21.66
N GLY E 247 22.75 -11.26 -22.61
CA GLY E 247 22.45 -11.88 -23.89
C GLY E 247 21.45 -12.99 -23.84
N GLN E 248 21.05 -13.42 -22.65
CA GLN E 248 19.82 -14.18 -22.49
C GLN E 248 18.66 -13.35 -22.99
N VAL E 249 17.62 -14.02 -23.47
CA VAL E 249 16.56 -13.34 -24.22
C VAL E 249 15.21 -13.72 -23.62
N ILE E 250 14.29 -12.77 -23.68
CA ILE E 250 13.08 -12.77 -22.88
C ILE E 250 11.91 -12.54 -23.81
N THR E 251 10.78 -13.15 -23.49
CA THR E 251 9.56 -12.94 -24.25
C THR E 251 8.42 -12.66 -23.28
N ILE E 252 7.52 -11.77 -23.68
CA ILE E 252 6.45 -11.27 -22.84
C ILE E 252 5.13 -11.41 -23.56
N GLY E 253 4.09 -11.76 -22.82
CA GLY E 253 2.75 -11.87 -23.34
C GLY E 253 1.74 -10.99 -22.64
N ASN E 254 0.80 -11.63 -21.94
CA ASN E 254 -0.28 -10.91 -21.27
C ASN E 254 0.23 -9.79 -20.37
N GLU E 255 1.43 -9.96 -19.83
CA GLU E 255 2.03 -8.99 -18.93
C GLU E 255 2.05 -7.58 -19.51
N ARG E 256 2.17 -7.48 -20.84
CA ARG E 256 2.30 -6.19 -21.48
C ARG E 256 1.11 -5.28 -21.19
N PHE E 257 -0.10 -5.78 -21.37
CA PHE E 257 -1.21 -4.95 -20.91
C PHE E 257 -1.43 -5.08 -19.42
N ARG E 258 -1.18 -6.26 -18.85
CA ARG E 258 -1.60 -6.50 -17.48
C ARG E 258 -0.97 -5.55 -16.47
N CYS E 259 0.25 -5.04 -16.74
CA CYS E 259 0.83 -4.09 -15.78
C CYS E 259 0.09 -2.77 -15.65
N PRO E 260 -0.01 -1.93 -16.69
CA PRO E 260 -0.67 -0.62 -16.51
C PRO E 260 -2.05 -0.70 -15.93
N GLU E 261 -2.75 -1.79 -16.18
CA GLU E 261 -4.09 -1.97 -15.66
C GLU E 261 -4.15 -1.77 -14.15
N THR E 262 -3.05 -2.06 -13.46
CA THR E 262 -2.99 -1.81 -12.03
C THR E 262 -3.42 -0.40 -11.63
N LEU E 263 -3.01 0.62 -12.39
CA LEU E 263 -3.39 1.98 -12.03
C LEU E 263 -4.90 2.18 -12.00
N PHE E 264 -5.62 1.47 -12.83
CA PHE E 264 -7.06 1.56 -12.81
C PHE E 264 -7.72 0.59 -11.86
N GLN E 265 -7.00 -0.42 -11.39
CA GLN E 265 -7.56 -1.38 -10.44
C GLN E 265 -6.50 -1.76 -9.43
N PRO E 266 -6.30 -0.92 -8.42
CA PRO E 266 -5.37 -1.27 -7.34
C PRO E 266 -5.65 -2.60 -6.72
N SER E 267 -6.89 -3.05 -6.75
CA SER E 267 -7.23 -4.36 -6.21
C SER E 267 -6.40 -5.49 -6.78
N PHE E 268 -5.82 -5.33 -7.97
CA PHE E 268 -4.91 -6.36 -8.45
C PHE E 268 -3.71 -6.54 -7.51
N ILE E 269 -3.25 -5.46 -6.89
CA ILE E 269 -2.13 -5.56 -5.97
C ILE E 269 -2.55 -5.47 -4.52
N GLY E 270 -3.84 -5.42 -4.24
CA GLY E 270 -4.31 -5.29 -2.87
C GLY E 270 -4.23 -3.89 -2.30
N MET E 271 -3.73 -2.93 -3.06
CA MET E 271 -3.93 -1.54 -2.70
C MET E 271 -5.42 -1.23 -2.84
N GLU E 272 -5.90 -0.24 -2.10
CA GLU E 272 -7.34 -0.11 -1.98
C GLU E 272 -7.92 1.23 -2.43
N SER E 273 -7.29 2.33 -2.08
CA SER E 273 -7.70 3.63 -2.59
C SER E 273 -7.81 3.63 -4.11
N ALA E 274 -8.98 4.02 -4.60
CA ALA E 274 -9.48 3.63 -5.92
C ALA E 274 -8.50 4.03 -7.02
N GLY E 275 -8.70 3.43 -8.19
CA GLY E 275 -7.93 3.83 -9.35
C GLY E 275 -8.05 5.32 -9.67
N ILE E 276 -6.98 5.84 -10.27
CA ILE E 276 -6.72 7.28 -10.27
C ILE E 276 -7.83 8.07 -10.92
N HIS E 277 -8.51 7.49 -11.91
CA HIS E 277 -9.60 8.23 -12.54
C HIS E 277 -10.71 8.48 -11.55
N GLU E 278 -11.04 7.48 -10.76
CA GLU E 278 -12.09 7.63 -9.77
C GLU E 278 -11.72 8.70 -8.75
N THR E 279 -10.45 8.77 -8.35
CA THR E 279 -10.07 9.87 -7.48
C THR E 279 -10.16 11.22 -8.18
N THR E 280 -9.75 11.31 -9.44
CA THR E 280 -9.83 12.59 -10.13
C THR E 280 -11.27 13.08 -10.18
N TYR E 281 -12.18 12.18 -10.55
CA TYR E 281 -13.58 12.51 -10.55
C TYR E 281 -14.08 12.91 -9.18
N ASN E 282 -13.67 12.18 -8.14
CA ASN E 282 -14.10 12.55 -6.80
C ASN E 282 -13.56 13.91 -6.38
N SER E 283 -12.33 14.22 -6.75
CA SER E 283 -11.78 15.52 -6.40
C SER E 283 -12.51 16.64 -7.11
N ILE E 284 -12.93 16.44 -8.35
CA ILE E 284 -13.76 17.47 -8.95
C ILE E 284 -15.09 17.57 -8.24
N MET E 285 -15.71 16.42 -7.95
CA MET E 285 -16.99 16.43 -7.25
C MET E 285 -16.89 17.10 -5.90
N LYS E 286 -15.73 17.03 -5.27
CA LYS E 286 -15.55 17.71 -4.00
C LYS E 286 -15.39 19.23 -4.14
N CYS E 287 -15.44 19.77 -5.35
CA CYS E 287 -15.48 21.21 -5.62
C CYS E 287 -16.91 21.74 -5.59
N ASP E 288 -17.02 23.06 -5.49
CA ASP E 288 -18.28 23.75 -5.73
C ASP E 288 -18.88 23.47 -7.11
N ILE E 289 -20.21 23.51 -7.15
CA ILE E 289 -21.04 23.22 -8.31
C ILE E 289 -20.84 24.12 -9.52
N ASP E 290 -20.30 25.34 -9.36
CA ASP E 290 -20.05 26.13 -10.56
C ASP E 290 -18.80 25.69 -11.29
N ILE E 291 -17.71 25.58 -10.55
CA ILE E 291 -16.39 25.39 -11.12
C ILE E 291 -16.31 24.09 -11.91
N ARG E 292 -17.08 23.09 -11.49
CA ARG E 292 -17.02 21.76 -12.10
C ARG E 292 -17.05 21.78 -13.61
N LYS E 293 -17.89 22.61 -14.21
CA LYS E 293 -17.89 22.63 -15.67
C LYS E 293 -16.52 23.07 -16.17
N ASP E 294 -16.01 24.14 -15.59
CA ASP E 294 -14.76 24.70 -16.07
C ASP E 294 -13.60 23.74 -15.84
N LEU E 295 -13.67 22.88 -14.83
CA LEU E 295 -12.58 21.92 -14.67
C LEU E 295 -12.71 20.72 -15.59
N TYR E 296 -13.92 20.26 -15.89
CA TYR E 296 -13.99 19.31 -16.99
C TYR E 296 -13.42 19.95 -18.25
N ALA E 297 -13.55 21.27 -18.35
CA ALA E 297 -13.10 21.99 -19.52
C ALA E 297 -11.59 21.93 -19.71
N ASN E 298 -10.80 21.86 -18.65
CA ASN E 298 -9.36 21.83 -18.87
C ASN E 298 -8.64 20.98 -17.85
N ASN E 299 -7.74 20.12 -18.34
CA ASN E 299 -7.18 19.04 -17.54
C ASN E 299 -5.75 18.79 -17.99
N VAL E 300 -4.85 18.62 -17.03
CA VAL E 300 -3.41 18.70 -17.27
C VAL E 300 -2.70 17.51 -16.62
N MET E 301 -1.74 16.94 -17.34
CA MET E 301 -1.09 15.70 -16.93
C MET E 301 0.41 15.93 -16.91
N SER E 302 1.09 15.34 -15.92
CA SER E 302 2.52 15.58 -15.78
C SER E 302 3.19 14.37 -15.18
N GLY E 303 4.43 14.13 -15.60
CA GLY E 303 5.29 13.22 -14.87
C GLY E 303 5.43 11.88 -15.55
N GLY E 304 6.49 11.17 -15.17
CA GLY E 304 6.96 10.05 -15.95
C GLY E 304 5.92 8.97 -16.19
N THR E 305 5.04 8.73 -15.23
CA THR E 305 3.99 7.73 -15.42
C THR E 305 3.09 8.04 -16.59
N THR E 306 2.85 9.31 -16.88
CA THR E 306 2.01 9.63 -18.03
C THR E 306 2.62 9.22 -19.35
N MET E 307 3.94 9.05 -19.41
CA MET E 307 4.62 8.79 -20.67
C MET E 307 4.04 7.60 -21.43
N TYR E 308 3.43 6.64 -20.73
CA TYR E 308 2.92 5.46 -21.41
C TYR E 308 2.06 5.79 -22.63
N PRO E 309 2.08 4.95 -23.64
CA PRO E 309 1.24 5.17 -24.82
C PRO E 309 -0.22 4.86 -24.51
N GLY E 310 -1.10 5.73 -25.01
CA GLY E 310 -2.52 5.49 -24.93
C GLY E 310 -3.21 5.83 -23.62
N ILE E 311 -2.48 6.29 -22.61
CA ILE E 311 -3.10 6.49 -21.31
C ILE E 311 -4.15 7.58 -21.37
N ALA E 312 -3.94 8.59 -22.20
CA ALA E 312 -4.91 9.67 -22.29
C ALA E 312 -6.23 9.19 -22.84
N ASP E 313 -6.21 8.31 -23.83
CA ASP E 313 -7.45 7.80 -24.40
C ASP E 313 -8.28 7.05 -23.37
N ARG E 314 -7.64 6.16 -22.62
CA ARG E 314 -8.37 5.42 -21.60
C ARG E 314 -8.85 6.31 -20.47
N MET E 315 -8.03 7.26 -20.05
CA MET E 315 -8.47 8.21 -19.05
C MET E 315 -9.71 8.96 -19.50
N GLN E 316 -9.67 9.49 -20.73
CA GLN E 316 -10.81 10.21 -21.27
C GLN E 316 -12.07 9.37 -21.32
N LYS E 317 -11.97 8.16 -21.88
CA LYS E 317 -13.17 7.32 -21.95
C LYS E 317 -13.67 6.90 -20.57
N GLU E 318 -12.79 6.66 -19.61
CA GLU E 318 -13.27 6.26 -18.29
C GLU E 318 -13.97 7.41 -17.58
N ILE E 319 -13.39 8.60 -17.62
CA ILE E 319 -14.06 9.70 -16.94
C ILE E 319 -15.32 10.11 -17.69
N THR E 320 -15.33 10.00 -19.02
CA THR E 320 -16.55 10.17 -19.78
C THR E 320 -17.60 9.14 -19.37
N ALA E 321 -17.17 7.91 -19.13
CA ALA E 321 -18.08 6.87 -18.70
C ALA E 321 -18.68 7.14 -17.34
N LEU E 322 -17.93 7.74 -16.42
CA LEU E 322 -18.59 8.21 -15.22
C LEU E 322 -19.68 9.21 -15.57
N ALA E 323 -19.47 9.98 -16.65
CA ALA E 323 -20.39 10.97 -17.18
C ALA E 323 -21.06 11.79 -16.09
N PRO E 324 -20.31 12.65 -15.41
CA PRO E 324 -20.99 13.61 -14.51
C PRO E 324 -22.07 14.39 -15.21
N SER E 325 -21.94 14.61 -16.50
CA SER E 325 -22.99 15.18 -17.32
C SER E 325 -22.65 14.94 -18.78
N THR E 326 -23.58 15.32 -19.65
CA THR E 326 -23.28 15.65 -21.03
C THR E 326 -22.49 16.95 -21.07
N MET E 327 -21.19 16.83 -20.86
CA MET E 327 -20.30 17.97 -20.79
C MET E 327 -19.01 17.62 -21.52
N LYS E 328 -18.39 18.63 -22.10
CA LYS E 328 -17.13 18.42 -22.79
C LYS E 328 -16.02 18.03 -21.82
N ILE E 329 -15.15 17.14 -22.29
CA ILE E 329 -14.03 16.62 -21.52
C ILE E 329 -12.79 16.78 -22.38
N LYS E 330 -11.67 17.14 -21.77
CA LYS E 330 -10.48 17.32 -22.58
C LYS E 330 -9.24 16.89 -21.81
N ILE E 331 -8.19 16.56 -22.55
CA ILE E 331 -6.91 16.20 -21.95
C ILE E 331 -5.82 17.01 -22.63
N ILE E 332 -4.93 17.56 -21.82
CA ILE E 332 -3.76 18.29 -22.26
C ILE E 332 -2.53 17.41 -22.04
N ALA E 333 -2.03 16.76 -23.09
CA ALA E 333 -0.86 15.89 -22.94
C ALA E 333 0.27 16.42 -23.81
N PRO E 334 0.85 17.56 -23.42
CA PRO E 334 1.88 18.17 -24.23
C PRO E 334 3.16 17.35 -24.21
N PRO E 335 3.97 17.44 -25.25
CA PRO E 335 5.28 16.77 -25.25
C PRO E 335 6.18 17.37 -24.19
N GLU E 336 7.28 16.67 -23.91
CA GLU E 336 8.27 17.08 -22.93
C GLU E 336 7.67 17.16 -21.54
N ARG E 337 6.69 16.29 -21.32
CA ARG E 337 5.86 16.36 -20.12
C ARG E 337 6.69 16.15 -18.86
N LYS E 338 7.62 15.21 -18.91
CA LYS E 338 8.55 14.93 -17.82
C LYS E 338 9.36 16.13 -17.33
N TYR E 339 9.93 16.88 -18.25
CA TYR E 339 10.64 18.12 -17.91
C TYR E 339 9.77 19.21 -17.33
N SER E 340 8.46 19.20 -17.62
CA SER E 340 7.62 20.35 -17.28
C SER E 340 7.75 20.79 -15.83
N VAL E 341 7.91 19.88 -14.87
CA VAL E 341 8.05 20.34 -13.49
C VAL E 341 9.28 21.21 -13.30
N TRP E 342 10.38 20.86 -13.96
CA TRP E 342 11.53 21.76 -13.96
C TRP E 342 11.29 23.00 -14.79
N ILE E 343 10.67 22.84 -15.96
CA ILE E 343 10.52 23.96 -16.88
C ILE E 343 9.76 25.08 -16.21
N GLY E 344 8.68 24.72 -15.53
CA GLY E 344 7.94 25.72 -14.80
C GLY E 344 8.78 26.43 -13.76
N GLY E 345 9.59 25.68 -13.02
CA GLY E 345 10.47 26.32 -12.07
C GLY E 345 11.41 27.31 -12.72
N SER E 346 11.89 26.99 -13.93
CA SER E 346 12.77 27.95 -14.60
C SER E 346 12.02 29.21 -14.99
N ILE E 347 10.83 29.05 -15.57
CA ILE E 347 10.08 30.22 -15.99
C ILE E 347 9.77 31.09 -14.79
N LEU E 348 9.29 30.48 -13.72
CA LEU E 348 8.90 31.27 -12.56
C LEU E 348 10.12 31.93 -11.92
N ALA E 349 11.25 31.23 -11.92
CA ALA E 349 12.50 31.84 -11.46
C ALA E 349 12.87 33.07 -12.27
N SER E 350 12.49 33.11 -13.55
CA SER E 350 12.84 34.30 -14.32
C SER E 350 12.06 35.52 -13.89
N LEU E 351 10.82 35.33 -13.42
CA LEU E 351 9.94 36.48 -13.21
C LEU E 351 10.52 37.46 -12.19
N SER E 352 10.21 38.74 -12.39
CA SER E 352 10.65 39.82 -11.51
C SER E 352 10.21 39.65 -10.06
N THR E 353 8.94 39.30 -9.84
CA THR E 353 8.35 39.30 -8.51
C THR E 353 9.13 38.45 -7.49
N PHE E 354 9.83 37.41 -7.96
CA PHE E 354 10.62 36.59 -7.04
C PHE E 354 11.58 37.38 -6.17
N GLN E 355 12.04 38.54 -6.63
CA GLN E 355 12.91 39.37 -5.81
C GLN E 355 12.25 39.73 -4.48
N GLN E 356 10.93 39.72 -4.42
CA GLN E 356 10.26 39.74 -3.13
C GLN E 356 10.36 38.40 -2.41
N MET E 357 10.16 37.30 -3.13
CA MET E 357 9.99 36.00 -2.50
C MET E 357 11.28 35.43 -1.91
N TRP E 358 12.44 35.72 -2.48
CA TRP E 358 13.67 35.15 -1.93
C TRP E 358 13.85 35.44 -0.46
N ILE E 359 13.97 34.39 0.33
CA ILE E 359 14.11 34.52 1.76
C ILE E 359 15.60 34.51 2.03
N THR E 360 16.11 35.56 2.66
CA THR E 360 17.56 35.61 2.83
C THR E 360 18.01 34.70 3.96
N LYS E 361 19.28 34.33 3.91
CA LYS E 361 19.89 33.60 5.02
C LYS E 361 19.85 34.44 6.28
N GLN E 362 20.11 35.73 6.13
CA GLN E 362 20.10 36.64 7.26
C GLN E 362 18.74 36.69 7.94
N GLU E 363 17.68 36.77 7.14
CA GLU E 363 16.34 36.74 7.70
C GLU E 363 16.04 35.41 8.36
N TYR E 364 16.51 34.31 7.78
CA TYR E 364 16.32 33.01 8.44
C TYR E 364 17.02 32.94 9.79
N ASP E 365 18.21 33.52 9.89
CA ASP E 365 18.87 33.53 11.18
C ASP E 365 18.14 34.41 12.17
N GLU E 366 17.63 35.55 11.71
CA GLU E 366 16.83 36.41 12.58
C GLU E 366 15.55 35.74 13.04
N ALA E 367 14.77 35.21 12.10
CA ALA E 367 13.47 34.64 12.40
C ALA E 367 13.57 33.29 13.08
N GLY E 368 14.57 32.49 12.73
CA GLY E 368 14.46 31.06 12.87
C GLY E 368 13.68 30.44 11.72
N PRO E 369 13.53 29.11 11.76
CA PRO E 369 12.93 28.40 10.63
C PRO E 369 11.48 28.74 10.36
N SER E 370 10.70 29.00 11.39
CA SER E 370 9.25 29.02 11.25
C SER E 370 8.76 29.99 10.18
N ILE E 371 9.47 31.11 9.96
CA ILE E 371 9.03 32.02 8.92
C ILE E 371 9.03 31.37 7.55
N VAL E 372 9.98 30.47 7.29
CA VAL E 372 9.99 29.84 5.98
C VAL E 372 8.82 28.89 5.78
N HIS E 373 8.42 28.19 6.83
CA HIS E 373 7.22 27.38 6.70
C HIS E 373 5.96 28.21 6.58
N ARG E 374 5.87 29.30 7.35
CA ARG E 374 4.58 29.96 7.51
C ARG E 374 3.98 30.41 6.18
N LYS E 375 4.83 30.70 5.20
CA LYS E 375 4.37 31.21 3.92
C LYS E 375 3.39 30.27 3.23
N CYS E 376 3.41 28.99 3.57
CA CYS E 376 2.48 28.05 2.94
C CYS E 376 2.37 26.81 3.83
N PHE E 377 1.97 25.70 3.21
CA PHE E 377 1.96 24.40 3.85
C PHE E 377 3.35 23.96 4.24
N THR F 7 -23.80 69.42 -18.97
CA THR F 7 -25.10 69.96 -18.60
C THR F 7 -26.18 68.90 -18.54
N THR F 8 -25.97 67.78 -19.25
CA THR F 8 -26.93 66.69 -19.21
C THR F 8 -26.88 66.02 -17.84
N ALA F 9 -27.95 66.18 -17.07
CA ALA F 9 -28.01 65.58 -15.75
C ALA F 9 -27.98 64.06 -15.82
N LEU F 10 -27.88 63.46 -14.65
CA LEU F 10 -27.66 62.03 -14.47
C LEU F 10 -28.73 61.44 -13.60
N VAL F 11 -29.11 60.22 -13.91
CA VAL F 11 -30.29 59.61 -13.34
C VAL F 11 -29.88 58.28 -12.73
N CYS F 12 -30.18 58.10 -11.46
CA CYS F 12 -29.58 57.03 -10.70
C CYS F 12 -30.61 56.38 -9.80
N ASP F 13 -30.55 55.07 -9.71
CA ASP F 13 -31.61 54.25 -9.15
C ASP F 13 -31.01 53.32 -8.12
N ASN F 14 -31.78 53.03 -7.09
CA ASN F 14 -31.30 52.24 -5.98
C ASN F 14 -32.17 51.02 -5.86
N GLY F 15 -31.57 49.84 -5.92
CA GLY F 15 -32.32 48.62 -5.99
C GLY F 15 -31.54 47.54 -5.27
N SER F 16 -32.23 46.68 -4.52
CA SER F 16 -31.47 45.70 -3.76
C SER F 16 -30.85 44.69 -4.70
N GLY F 17 -31.32 44.61 -5.93
CA GLY F 17 -30.77 43.71 -6.92
C GLY F 17 -30.09 44.44 -8.06
N LEU F 18 -30.73 45.45 -8.63
CA LEU F 18 -30.23 46.05 -9.86
C LEU F 18 -30.19 47.56 -9.75
N VAL F 19 -29.16 48.14 -10.36
CA VAL F 19 -28.90 49.57 -10.30
C VAL F 19 -28.81 50.11 -11.72
N LYS F 20 -29.47 51.23 -11.96
CA LYS F 20 -29.76 51.70 -13.32
C LYS F 20 -29.30 53.14 -13.38
N ALA F 21 -28.64 53.51 -14.47
CA ALA F 21 -28.04 54.82 -14.58
C ALA F 21 -28.39 55.38 -15.94
N GLY F 22 -28.69 56.67 -15.98
CA GLY F 22 -29.46 57.24 -17.06
C GLY F 22 -29.10 58.66 -17.42
N PHE F 23 -29.36 58.99 -18.68
CA PHE F 23 -29.30 60.36 -19.15
C PHE F 23 -30.71 60.75 -19.57
N ALA F 24 -31.08 61.99 -19.28
CA ALA F 24 -32.44 62.44 -19.59
C ALA F 24 -32.70 62.36 -21.08
N GLY F 25 -33.78 61.68 -21.46
CA GLY F 25 -34.11 61.49 -22.85
C GLY F 25 -33.78 60.14 -23.45
N ASP F 26 -32.97 59.32 -22.78
CA ASP F 26 -32.93 57.94 -23.20
C ASP F 26 -34.28 57.30 -22.89
N ASP F 27 -34.58 56.23 -23.62
CA ASP F 27 -35.73 55.41 -23.26
C ASP F 27 -35.33 53.99 -22.92
N ALA F 28 -34.04 53.76 -22.69
CA ALA F 28 -33.61 52.54 -22.09
C ALA F 28 -32.35 52.89 -21.32
N PRO F 29 -32.17 52.32 -20.14
CA PRO F 29 -31.01 52.66 -19.31
C PRO F 29 -29.73 52.12 -19.94
N ARG F 30 -28.67 52.93 -19.88
CA ARG F 30 -27.41 52.55 -20.54
C ARG F 30 -26.71 51.40 -19.83
N ALA F 31 -26.88 51.26 -18.52
CA ALA F 31 -26.36 50.06 -17.88
C ALA F 31 -27.28 49.63 -16.75
N VAL F 32 -27.42 48.31 -16.61
CA VAL F 32 -28.06 47.68 -15.45
C VAL F 32 -27.24 46.46 -15.08
N PHE F 33 -26.93 46.32 -13.80
CA PHE F 33 -26.12 45.20 -13.35
C PHE F 33 -26.49 44.83 -11.93
N PRO F 34 -26.26 43.58 -11.54
CA PRO F 34 -26.61 43.11 -10.19
C PRO F 34 -25.85 43.83 -9.09
N SER F 35 -26.58 44.28 -8.09
CA SER F 35 -26.10 45.19 -7.05
C SER F 35 -25.27 44.48 -5.99
N ILE F 36 -24.17 43.84 -6.41
CA ILE F 36 -23.51 42.84 -5.58
C ILE F 36 -22.03 43.18 -5.41
N VAL F 37 -21.49 42.96 -4.21
CA VAL F 37 -20.10 43.22 -3.91
C VAL F 37 -19.46 42.01 -3.24
N GLY F 38 -18.27 41.66 -3.69
CA GLY F 38 -17.67 40.37 -3.35
C GLY F 38 -16.19 40.54 -3.05
N ARG F 39 -15.71 39.74 -2.10
CA ARG F 39 -14.29 39.76 -1.76
C ARG F 39 -13.78 38.34 -1.62
N PRO F 40 -12.48 38.11 -1.83
CA PRO F 40 -12.00 36.75 -2.05
C PRO F 40 -11.89 35.93 -0.77
N ARG F 41 -12.34 34.69 -0.90
CA ARG F 41 -12.36 33.71 0.17
C ARG F 41 -11.06 32.93 0.34
N HIS F 42 -10.11 33.03 -0.58
CA HIS F 42 -8.96 32.14 -0.53
C HIS F 42 -7.67 32.89 -0.81
N GLN F 43 -6.57 32.27 -0.40
CA GLN F 43 -5.29 32.97 -0.37
C GLN F 43 -4.83 33.38 -1.76
N GLY F 44 -4.83 32.46 -2.70
CA GLY F 44 -4.19 32.76 -3.97
C GLY F 44 -2.73 32.38 -3.94
N VAL F 45 -2.19 31.90 -5.05
CA VAL F 45 -0.89 31.25 -5.01
C VAL F 45 -0.04 31.65 -6.20
N MET F 46 -0.68 32.00 -7.31
CA MET F 46 0.07 32.29 -8.52
C MET F 46 0.66 33.68 -8.49
N VAL F 47 1.95 33.76 -8.81
CA VAL F 47 2.71 34.98 -8.69
C VAL F 47 2.28 35.97 -9.77
N GLY F 48 2.20 37.24 -9.40
CA GLY F 48 1.84 38.25 -10.36
C GLY F 48 0.39 38.31 -10.76
N MET F 49 -0.47 37.52 -10.14
CA MET F 49 -1.87 37.51 -10.55
C MET F 49 -2.53 38.87 -10.34
N GLY F 50 -1.98 39.72 -9.50
CA GLY F 50 -2.44 41.10 -9.41
C GLY F 50 -3.86 41.17 -8.91
N GLN F 51 -4.22 40.34 -7.93
CA GLN F 51 -5.61 40.25 -7.51
C GLN F 51 -6.08 41.54 -6.84
N LYS F 52 -7.35 41.86 -7.06
CA LYS F 52 -7.98 43.00 -6.43
C LYS F 52 -8.28 42.71 -4.97
N ASP F 53 -8.67 43.76 -4.27
CA ASP F 53 -9.27 43.60 -2.95
C ASP F 53 -10.67 43.00 -3.03
N SER F 54 -11.40 43.31 -4.10
CA SER F 54 -12.83 43.06 -4.14
C SER F 54 -13.32 43.22 -5.57
N TYR F 55 -14.51 42.66 -5.80
CA TYR F 55 -15.11 42.61 -7.13
C TYR F 55 -16.58 42.96 -7.02
N VAL F 56 -17.13 43.53 -8.09
CA VAL F 56 -18.48 44.06 -8.05
C VAL F 56 -19.18 43.82 -9.39
N GLY F 57 -20.47 43.53 -9.33
CA GLY F 57 -21.33 43.21 -10.45
C GLY F 57 -21.02 41.96 -11.27
N ASP F 58 -21.10 42.13 -12.59
CA ASP F 58 -21.03 40.97 -13.46
C ASP F 58 -19.73 40.22 -13.29
N GLU F 59 -18.63 40.92 -13.03
CA GLU F 59 -17.39 40.21 -12.77
C GLU F 59 -17.59 39.26 -11.60
N ALA F 60 -18.34 39.72 -10.59
CA ALA F 60 -18.59 38.90 -9.42
C ALA F 60 -19.48 37.72 -9.77
N GLN F 61 -20.36 37.89 -10.76
CA GLN F 61 -21.10 36.73 -11.25
C GLN F 61 -20.18 35.77 -11.95
N SER F 62 -19.23 36.29 -12.71
CA SER F 62 -18.29 35.45 -13.43
C SER F 62 -17.44 34.65 -12.46
N LYS F 63 -16.97 35.28 -11.40
CA LYS F 63 -16.10 34.66 -10.42
C LYS F 63 -16.87 34.07 -9.25
N ARG F 64 -18.17 33.83 -9.42
CA ARG F 64 -19.07 33.63 -8.30
C ARG F 64 -18.63 32.51 -7.38
N GLY F 65 -18.08 31.42 -7.94
CA GLY F 65 -17.69 30.29 -7.14
C GLY F 65 -16.60 30.56 -6.13
N ILE F 66 -15.61 31.39 -6.50
CA ILE F 66 -14.47 31.60 -5.61
C ILE F 66 -14.78 32.54 -4.45
N LEU F 67 -15.99 33.07 -4.35
CA LEU F 67 -16.27 34.33 -3.67
C LEU F 67 -17.41 34.17 -2.68
N THR F 68 -17.46 35.13 -1.76
CA THR F 68 -18.49 35.25 -0.75
C THR F 68 -19.14 36.62 -0.92
N LEU F 69 -20.46 36.68 -0.77
CA LEU F 69 -21.28 37.70 -1.41
C LEU F 69 -22.14 38.46 -0.41
N LYS F 70 -22.26 39.75 -0.64
CA LYS F 70 -23.03 40.66 0.20
C LYS F 70 -23.95 41.47 -0.68
N TYR F 71 -25.10 41.76 -0.17
CA TYR F 71 -25.78 42.91 -0.75
C TYR F 71 -25.59 44.07 0.19
N PRO F 72 -25.22 45.26 -0.28
CA PRO F 72 -25.08 46.39 0.63
C PRO F 72 -26.37 47.13 0.94
N ILE F 73 -27.52 46.69 0.47
CA ILE F 73 -28.76 47.41 0.70
C ILE F 73 -29.78 46.45 1.26
N GLU F 74 -30.57 46.91 2.21
CA GLU F 74 -31.67 46.07 2.63
C GLU F 74 -32.98 46.79 2.70
N GLY F 76 -34.83 49.02 2.29
CA GLY F 76 -34.67 50.42 1.96
C GLY F 76 -33.56 51.03 2.75
N ILE F 77 -32.59 50.22 3.14
CA ILE F 77 -31.55 50.65 4.07
C ILE F 77 -30.20 50.27 3.49
N ILE F 78 -29.21 51.13 3.75
CA ILE F 78 -27.82 50.89 3.42
C ILE F 78 -27.05 50.56 4.68
N THR F 79 -26.19 49.55 4.60
CA THR F 79 -25.51 49.00 5.77
C THR F 79 -24.00 49.11 5.72
N ASN F 80 -23.44 49.64 4.63
CA ASN F 80 -22.00 49.60 4.39
C ASN F 80 -21.66 50.72 3.44
N TRP F 81 -21.60 51.93 3.99
CA TRP F 81 -21.59 53.12 3.15
C TRP F 81 -20.39 53.19 2.25
N ASP F 82 -19.25 52.66 2.68
CA ASP F 82 -18.08 52.75 1.84
C ASP F 82 -18.18 51.81 0.64
N ASP F 83 -18.68 50.60 0.86
CA ASP F 83 -18.89 49.71 -0.27
C ASP F 83 -19.99 50.21 -1.19
N MET F 84 -21.04 50.79 -0.62
CA MET F 84 -22.06 51.42 -1.45
C MET F 84 -21.43 52.50 -2.32
N GLU F 85 -20.57 53.31 -1.71
CA GLU F 85 -19.84 54.30 -2.48
C GLU F 85 -19.00 53.66 -3.56
N LYS F 86 -18.39 52.52 -3.26
CA LYS F 86 -17.61 51.84 -4.29
C LYS F 86 -18.49 51.40 -5.43
N ILE F 87 -19.73 51.05 -5.15
CA ILE F 87 -20.67 50.75 -6.20
C ILE F 87 -20.87 51.97 -7.07
N TRP F 88 -21.18 53.11 -6.45
CA TRP F 88 -21.39 54.31 -7.24
C TRP F 88 -20.14 54.67 -8.04
N HIS F 89 -18.99 54.54 -7.41
CA HIS F 89 -17.71 54.84 -8.02
C HIS F 89 -17.53 54.03 -9.30
N HIS F 90 -17.78 52.73 -9.19
CA HIS F 90 -17.69 51.86 -10.33
C HIS F 90 -18.72 52.24 -11.37
N THR F 91 -19.90 52.67 -10.93
CA THR F 91 -20.95 53.02 -11.86
C THR F 91 -20.56 54.20 -12.71
N PHE F 92 -20.12 55.28 -12.07
CA PHE F 92 -19.83 56.49 -12.81
C PHE F 92 -18.64 56.28 -13.72
N TYR F 93 -17.54 55.76 -13.17
CA TYR F 93 -16.33 55.72 -13.99
C TYR F 93 -16.39 54.61 -15.03
N ASN F 94 -16.70 53.38 -14.63
CA ASN F 94 -16.70 52.26 -15.56
C ASN F 94 -17.98 52.16 -16.37
N GLU F 95 -19.14 52.18 -15.70
CA GLU F 95 -20.39 51.91 -16.42
C GLU F 95 -20.77 53.08 -17.30
N LEU F 96 -20.75 54.29 -16.76
CA LEU F 96 -21.19 55.44 -17.54
C LEU F 96 -20.09 56.17 -18.26
N ARG F 97 -18.86 56.12 -17.76
CA ARG F 97 -17.73 56.81 -18.38
C ARG F 97 -17.99 58.31 -18.50
N VAL F 98 -18.70 58.87 -17.53
CA VAL F 98 -18.93 60.30 -17.44
C VAL F 98 -18.54 60.79 -16.06
N ALA F 99 -17.97 61.98 -16.00
CA ALA F 99 -17.57 62.45 -14.68
C ALA F 99 -18.74 63.09 -13.95
N PRO F 100 -18.84 62.88 -12.64
CA PRO F 100 -20.06 63.23 -11.90
C PRO F 100 -20.24 64.72 -11.66
N GLU F 101 -19.16 65.48 -11.50
CA GLU F 101 -19.28 66.90 -11.21
C GLU F 101 -20.01 67.65 -12.32
N GLU F 102 -19.96 67.12 -13.54
CA GLU F 102 -20.47 67.82 -14.70
C GLU F 102 -21.94 68.20 -14.57
N HIS F 103 -22.74 67.41 -13.85
CA HIS F 103 -24.18 67.47 -14.02
C HIS F 103 -24.89 67.40 -12.69
N PRO F 104 -26.08 67.97 -12.58
CA PRO F 104 -26.93 67.68 -11.43
C PRO F 104 -27.44 66.25 -11.48
N THR F 105 -27.88 65.78 -10.33
CA THR F 105 -28.06 64.35 -10.08
C THR F 105 -29.39 64.09 -9.41
N LEU F 106 -29.97 62.94 -9.71
CA LEU F 106 -31.28 62.58 -9.20
C LEU F 106 -31.22 61.24 -8.49
N LEU F 107 -31.76 61.21 -7.26
CA LEU F 107 -31.58 60.09 -6.35
C LEU F 107 -32.90 59.71 -5.73
N THR F 108 -33.03 58.42 -5.43
CA THR F 108 -34.30 57.77 -5.19
C THR F 108 -34.33 57.04 -3.86
N GLU F 109 -35.49 57.06 -3.22
CA GLU F 109 -35.72 56.39 -1.95
C GLU F 109 -37.12 55.79 -1.97
N ALA F 110 -37.26 54.62 -1.36
CA ALA F 110 -38.56 54.00 -1.18
C ALA F 110 -39.41 54.83 -0.22
N PRO F 111 -40.75 54.72 -0.30
CA PRO F 111 -41.61 55.80 0.22
C PRO F 111 -41.53 56.00 1.72
N LEU F 112 -40.97 55.07 2.48
CA LEU F 112 -40.87 55.30 3.91
C LEU F 112 -39.56 54.68 4.38
N ASN F 113 -38.57 55.53 4.62
CA ASN F 113 -37.29 55.05 5.09
C ASN F 113 -36.69 56.11 5.99
N PRO F 114 -35.90 55.71 6.96
CA PRO F 114 -35.49 56.64 8.01
C PRO F 114 -34.59 57.73 7.45
N LYS F 115 -34.75 58.95 7.98
CA LYS F 115 -34.19 60.16 7.40
C LYS F 115 -32.69 60.03 7.11
N ALA F 116 -32.00 59.25 7.93
CA ALA F 116 -30.57 59.11 7.82
C ALA F 116 -30.11 58.68 6.43
N ASN F 117 -30.88 57.88 5.69
CA ASN F 117 -30.43 57.53 4.35
C ASN F 117 -30.34 58.74 3.44
N ARG F 118 -31.36 59.61 3.45
CA ARG F 118 -31.25 60.79 2.63
C ARG F 118 -30.17 61.71 3.16
N GLU F 119 -29.96 61.73 4.47
CA GLU F 119 -28.87 62.51 5.03
C GLU F 119 -27.52 62.06 4.49
N LYS F 120 -27.27 60.76 4.47
CA LYS F 120 -26.01 60.26 3.95
C LYS F 120 -25.88 60.48 2.45
N MET F 121 -26.92 60.16 1.68
CA MET F 121 -26.79 60.36 0.23
C MET F 121 -26.49 61.81 -0.09
N THR F 122 -27.15 62.73 0.60
CA THR F 122 -26.91 64.14 0.37
C THR F 122 -25.48 64.53 0.72
N GLN F 123 -25.06 64.15 1.93
CA GLN F 123 -23.72 64.50 2.38
C GLN F 123 -22.63 63.93 1.49
N ILE F 124 -22.72 62.64 1.19
CA ILE F 124 -21.68 62.03 0.36
C ILE F 124 -21.70 62.59 -1.04
N MET F 125 -22.86 62.78 -1.65
CA MET F 125 -22.89 63.25 -3.02
C MET F 125 -22.30 64.64 -3.14
N PHE F 126 -22.56 65.51 -2.17
CA PHE F 126 -21.97 66.84 -2.21
C PHE F 126 -20.48 66.80 -1.93
N GLU F 127 -20.05 66.11 -0.89
CA GLU F 127 -18.64 66.25 -0.57
C GLU F 127 -17.76 65.49 -1.56
N THR F 128 -18.16 64.29 -1.94
CA THR F 128 -17.32 63.49 -2.81
C THR F 128 -17.43 63.88 -4.27
N PHE F 129 -18.64 64.11 -4.79
CA PHE F 129 -18.77 64.21 -6.23
C PHE F 129 -18.87 65.63 -6.76
N ASN F 130 -18.83 66.63 -5.88
CA ASN F 130 -18.70 68.02 -6.29
C ASN F 130 -19.75 68.45 -7.31
N VAL F 131 -20.96 67.93 -7.18
CA VAL F 131 -22.04 68.26 -8.10
C VAL F 131 -22.45 69.74 -8.05
N PRO F 132 -22.95 70.31 -9.15
CA PRO F 132 -23.46 71.69 -9.11
C PRO F 132 -24.77 71.86 -8.37
N ALA F 133 -25.71 70.94 -8.56
CA ALA F 133 -27.02 71.05 -7.94
C ALA F 133 -27.61 69.65 -7.88
N MET F 134 -28.60 69.48 -7.03
CA MET F 134 -29.07 68.14 -6.77
C MET F 134 -30.57 68.14 -6.51
N TYR F 135 -31.22 67.04 -6.92
CA TYR F 135 -32.63 66.79 -6.66
C TYR F 135 -32.85 65.36 -6.24
N VAL F 136 -33.86 65.17 -5.38
CA VAL F 136 -34.22 63.89 -4.79
C VAL F 136 -35.70 63.65 -5.04
N ALA F 137 -36.06 62.42 -5.39
CA ALA F 137 -37.32 62.14 -6.05
C ALA F 137 -37.81 60.78 -5.56
N ILE F 138 -39.13 60.61 -5.55
CA ILE F 138 -39.76 59.53 -4.79
C ILE F 138 -40.53 58.60 -5.73
N GLN F 139 -40.21 57.31 -5.66
CA GLN F 139 -40.46 56.41 -6.78
C GLN F 139 -41.94 56.30 -7.11
N ALA F 140 -42.80 56.35 -6.10
CA ALA F 140 -44.22 56.25 -6.38
C ALA F 140 -44.70 57.34 -7.33
N VAL F 141 -44.21 58.57 -7.15
CA VAL F 141 -44.64 59.65 -8.02
C VAL F 141 -44.12 59.42 -9.44
N LEU F 142 -42.86 59.02 -9.53
CA LEU F 142 -42.25 58.80 -10.83
C LEU F 142 -42.95 57.65 -11.55
N SER F 143 -43.30 56.62 -10.81
CA SER F 143 -44.08 55.52 -11.33
C SER F 143 -45.42 55.99 -11.86
N LEU F 144 -46.07 56.88 -11.11
CA LEU F 144 -47.38 57.34 -11.53
C LEU F 144 -47.28 58.12 -12.83
N TYR F 145 -46.22 58.91 -13.00
CA TYR F 145 -45.99 59.63 -14.26
C TYR F 145 -45.94 58.73 -15.49
N ALA F 146 -45.64 57.44 -15.34
CA ALA F 146 -45.57 56.55 -16.50
C ALA F 146 -46.84 56.57 -17.34
N SER F 147 -47.99 56.83 -16.74
CA SER F 147 -49.20 56.99 -17.53
C SER F 147 -49.93 58.30 -17.23
N GLY F 148 -49.42 59.11 -16.32
CA GLY F 148 -49.83 60.49 -16.17
C GLY F 148 -51.26 60.68 -15.70
N ARG F 149 -51.98 59.59 -15.46
CA ARG F 149 -53.38 59.68 -15.08
C ARG F 149 -53.49 60.40 -13.75
N THR F 150 -54.43 61.34 -13.68
CA THR F 150 -54.47 62.25 -12.55
C THR F 150 -55.00 61.65 -11.25
N THR F 151 -55.66 60.50 -11.28
CA THR F 151 -55.96 59.83 -10.02
C THR F 151 -55.53 58.37 -10.09
N GLY F 152 -54.65 57.97 -9.20
CA GLY F 152 -54.02 56.68 -9.33
C GLY F 152 -53.58 56.08 -8.03
N ILE F 153 -53.62 54.75 -7.95
CA ILE F 153 -52.93 54.00 -6.91
C ILE F 153 -52.05 52.99 -7.62
N VAL F 154 -50.83 52.82 -7.11
CA VAL F 154 -49.72 52.28 -7.87
C VAL F 154 -49.10 51.12 -7.11
N LEU F 155 -48.70 50.07 -7.82
CA LEU F 155 -48.02 48.98 -7.14
C LEU F 155 -46.71 48.62 -7.84
N ASP F 156 -45.66 48.54 -7.03
CA ASP F 156 -44.32 48.16 -7.43
C ASP F 156 -43.89 47.10 -6.44
N SER F 157 -43.20 46.07 -6.92
CA SER F 157 -42.56 45.15 -5.99
C SER F 157 -41.25 44.63 -6.55
N GLY F 158 -40.18 44.82 -5.79
CA GLY F 158 -38.84 44.49 -6.23
C GLY F 158 -38.17 43.48 -5.33
N ASP F 159 -36.85 43.39 -5.38
CA ASP F 159 -36.15 42.38 -4.61
C ASP F 159 -36.30 42.55 -3.10
N GLY F 160 -36.70 43.72 -2.61
CA GLY F 160 -36.68 43.84 -1.17
C GLY F 160 -37.86 44.49 -0.48
N VAL F 161 -38.81 45.02 -1.25
CA VAL F 161 -39.94 45.72 -0.65
C VAL F 161 -41.08 45.64 -1.65
N THR F 162 -42.30 45.65 -1.12
CA THR F 162 -43.49 45.83 -1.95
C THR F 162 -44.36 46.93 -1.36
N HIS F 163 -44.80 47.86 -2.20
CA HIS F 163 -45.53 48.99 -1.64
C HIS F 163 -46.52 49.56 -2.64
N ASN F 164 -47.53 50.25 -2.10
CA ASN F 164 -48.66 50.84 -2.80
C ASN F 164 -48.79 52.31 -2.44
N VAL F 165 -49.16 53.14 -3.42
CA VAL F 165 -49.54 54.52 -3.16
C VAL F 165 -50.72 54.98 -3.99
N PRO F 166 -51.85 55.35 -3.38
CA PRO F 166 -52.85 56.15 -4.12
C PRO F 166 -52.52 57.62 -4.13
N ILE F 167 -52.71 58.23 -5.30
CA ILE F 167 -52.61 59.66 -5.52
C ILE F 167 -53.87 60.13 -6.26
N TYR F 168 -54.40 61.28 -5.86
CA TYR F 168 -55.52 61.88 -6.58
C TYR F 168 -55.21 63.30 -7.03
N GLU F 169 -55.48 63.58 -8.30
CA GLU F 169 -55.32 64.87 -8.95
C GLU F 169 -54.07 65.64 -8.56
N GLY F 170 -52.97 64.94 -8.31
CA GLY F 170 -51.73 65.61 -7.96
C GLY F 170 -51.56 65.95 -6.50
N TYR F 171 -52.45 65.47 -5.64
CA TYR F 171 -52.32 65.63 -4.20
C TYR F 171 -52.10 64.25 -3.63
N ALA F 172 -51.05 64.11 -2.84
CA ALA F 172 -50.87 62.88 -2.10
C ALA F 172 -51.70 62.86 -0.83
N LEU F 173 -51.90 61.64 -0.34
CA LEU F 173 -52.69 61.35 0.84
C LEU F 173 -51.65 60.72 1.74
N PRO F 174 -50.99 61.53 2.56
CA PRO F 174 -49.88 61.01 3.37
C PRO F 174 -50.21 59.76 4.15
N HIS F 175 -51.43 59.70 4.64
CA HIS F 175 -51.90 58.57 5.41
C HIS F 175 -52.12 57.29 4.60
N ALA F 176 -52.50 57.38 3.32
CA ALA F 176 -52.71 56.15 2.57
C ALA F 176 -51.48 55.41 2.07
N ILE F 177 -50.26 55.92 2.23
CA ILE F 177 -49.09 55.19 1.72
C ILE F 177 -48.84 53.95 2.55
N MET F 178 -48.73 52.80 1.89
CA MET F 178 -48.49 51.52 2.57
C MET F 178 -47.35 50.77 1.92
N ARG F 179 -46.56 50.12 2.77
CA ARG F 179 -45.31 49.47 2.41
C ARG F 179 -45.34 48.06 2.99
N LEU F 180 -44.87 47.09 2.23
CA LEU F 180 -44.72 45.75 2.78
C LEU F 180 -43.42 45.11 2.36
N ASP F 181 -42.66 44.60 3.34
CA ASP F 181 -41.32 44.06 3.09
C ASP F 181 -41.30 42.56 2.76
N LEU F 182 -42.23 42.15 1.91
CA LEU F 182 -42.31 40.78 1.41
C LEU F 182 -41.85 40.85 -0.04
N ALA F 183 -40.86 40.04 -0.41
CA ALA F 183 -40.22 40.28 -1.69
C ALA F 183 -39.58 38.99 -2.20
N GLY F 184 -38.94 39.10 -3.37
CA GLY F 184 -38.34 37.96 -4.03
C GLY F 184 -37.39 37.16 -3.16
N ARG F 185 -36.71 37.83 -2.23
CA ARG F 185 -35.83 37.09 -1.33
C ARG F 185 -36.60 36.06 -0.52
N ASP F 186 -37.81 36.40 -0.07
CA ASP F 186 -38.59 35.44 0.69
C ASP F 186 -39.09 34.32 -0.19
N LEU F 187 -39.47 34.64 -1.42
CA LEU F 187 -39.83 33.60 -2.35
C LEU F 187 -38.67 32.69 -2.59
N THR F 188 -37.46 33.24 -2.54
CA THR F 188 -36.28 32.42 -2.74
C THR F 188 -36.08 31.43 -1.59
N ASP F 189 -36.31 31.88 -0.36
CA ASP F 189 -36.26 30.94 0.77
C ASP F 189 -37.32 29.84 0.67
N TYR F 190 -38.55 30.21 0.29
CA TYR F 190 -39.59 29.21 0.14
C TYR F 190 -39.22 28.22 -0.95
N LEU F 191 -38.66 28.72 -2.03
CA LEU F 191 -38.29 27.85 -3.12
C LEU F 191 -37.19 26.91 -2.71
N MET F 192 -36.25 27.36 -1.90
CA MET F 192 -35.25 26.45 -1.37
C MET F 192 -35.84 25.34 -0.50
N LYS F 193 -36.82 25.66 0.35
CA LYS F 193 -37.37 24.57 1.17
C LYS F 193 -38.16 23.57 0.33
N ILE F 194 -38.88 24.06 -0.67
CA ILE F 194 -39.58 23.11 -1.52
C ILE F 194 -38.61 22.32 -2.38
N LEU F 195 -37.49 22.91 -2.81
CA LEU F 195 -36.50 22.08 -3.50
C LEU F 195 -35.94 21.01 -2.60
N THR F 196 -35.78 21.32 -1.31
CA THR F 196 -35.42 20.27 -0.36
C THR F 196 -36.47 19.16 -0.30
N GLU F 197 -37.74 19.48 -0.56
CA GLU F 197 -38.75 18.42 -0.59
C GLU F 197 -38.40 17.30 -1.56
N ARG F 198 -38.02 17.65 -2.78
CA ARG F 198 -37.63 16.63 -3.72
C ARG F 198 -36.29 16.01 -3.35
N GLY F 199 -35.37 16.81 -2.85
CA GLY F 199 -34.18 16.29 -2.23
C GLY F 199 -32.88 16.73 -2.88
N TYR F 200 -32.94 17.67 -3.80
CA TYR F 200 -31.72 18.26 -4.30
C TYR F 200 -31.09 19.09 -3.20
N SER F 201 -29.76 19.11 -3.16
CA SER F 201 -29.09 19.99 -2.22
C SER F 201 -28.94 21.36 -2.86
N PHE F 202 -29.31 22.41 -2.12
CA PHE F 202 -28.99 23.76 -2.52
C PHE F 202 -28.75 24.62 -1.28
N VAL F 203 -27.52 25.08 -1.13
CA VAL F 203 -27.10 25.92 -0.02
C VAL F 203 -25.90 26.74 -0.46
N THR F 204 -25.70 27.88 0.19
CA THR F 204 -24.67 28.87 -0.14
C THR F 204 -24.94 29.69 -1.39
N THR F 205 -24.49 30.94 -1.33
CA THR F 205 -24.90 31.99 -2.26
C THR F 205 -24.78 31.63 -3.73
N ALA F 206 -23.72 30.89 -4.09
CA ALA F 206 -23.56 30.52 -5.48
C ALA F 206 -24.75 29.72 -5.97
N GLU F 207 -25.25 28.80 -5.15
CA GLU F 207 -26.43 28.05 -5.54
C GLU F 207 -27.66 28.94 -5.48
N ARG F 208 -27.67 29.88 -4.54
CA ARG F 208 -28.76 30.83 -4.39
C ARG F 208 -29.03 31.61 -5.67
N GLU F 209 -27.97 32.02 -6.37
CA GLU F 209 -28.20 32.75 -7.61
C GLU F 209 -28.81 31.86 -8.69
N ILE F 210 -28.44 30.57 -8.68
CA ILE F 210 -29.08 29.62 -9.57
C ILE F 210 -30.53 29.49 -9.23
N VAL F 211 -30.84 29.53 -7.93
CA VAL F 211 -32.23 29.51 -7.49
C VAL F 211 -32.99 30.68 -8.09
N ARG F 212 -32.37 31.87 -8.06
CA ARG F 212 -33.08 33.03 -8.61
C ARG F 212 -33.35 32.89 -10.10
N ASP F 213 -32.38 32.36 -10.85
CA ASP F 213 -32.62 32.12 -12.28
C ASP F 213 -33.73 31.11 -12.53
N ILE F 214 -33.68 30.00 -11.81
CA ILE F 214 -34.69 28.98 -11.97
C ILE F 214 -36.05 29.55 -11.66
N LYS F 215 -36.14 30.36 -10.62
CA LYS F 215 -37.40 30.99 -10.30
C LYS F 215 -37.90 31.81 -11.47
N GLU F 216 -37.03 32.58 -12.12
CA GLU F 216 -37.54 33.45 -13.16
C GLU F 216 -38.02 32.68 -14.38
N LYS F 217 -37.33 31.61 -14.75
CA LYS F 217 -37.80 30.87 -15.92
C LYS F 217 -38.96 29.93 -15.63
N LEU F 218 -38.82 29.05 -14.66
CA LEU F 218 -39.76 27.92 -14.58
C LEU F 218 -41.12 28.29 -14.02
N CYS F 219 -41.20 29.25 -13.12
CA CYS F 219 -42.31 29.37 -12.21
C CYS F 219 -43.49 30.16 -12.79
N TYR F 220 -44.71 29.87 -12.31
CA TYR F 220 -45.88 30.57 -12.83
C TYR F 220 -47.00 30.55 -11.79
N VAL F 221 -47.95 31.48 -11.97
CA VAL F 221 -49.07 31.68 -11.04
C VAL F 221 -50.22 30.70 -11.30
N ALA F 222 -50.80 30.21 -10.21
CA ALA F 222 -52.03 29.43 -10.22
C ALA F 222 -53.24 30.35 -10.11
N LEU F 223 -54.29 30.04 -10.86
CA LEU F 223 -55.55 30.78 -10.73
C LEU F 223 -56.40 30.33 -9.55
N ASP F 224 -56.36 29.06 -9.17
CA ASP F 224 -56.73 28.63 -7.83
C ASP F 224 -55.79 27.55 -7.33
N PHE F 225 -55.27 27.76 -6.12
CA PHE F 225 -54.33 26.82 -5.51
C PHE F 225 -54.90 25.41 -5.30
N GLU F 226 -56.13 25.29 -4.82
CA GLU F 226 -56.61 23.96 -4.46
C GLU F 226 -56.85 23.07 -5.67
N ASN F 227 -57.50 23.60 -6.71
CA ASN F 227 -57.74 22.81 -7.91
C ASN F 227 -56.45 22.53 -8.64
N GLU F 228 -55.55 23.50 -8.66
CA GLU F 228 -54.28 23.31 -9.34
C GLU F 228 -53.48 22.21 -8.67
N MET F 229 -53.44 22.23 -7.33
CA MET F 229 -52.69 21.20 -6.62
C MET F 229 -53.34 19.83 -6.73
N ALA F 230 -54.68 19.78 -6.74
CA ALA F 230 -55.32 18.49 -6.95
C ALA F 230 -55.04 17.92 -8.33
N THR F 231 -55.01 18.76 -9.36
CA THR F 231 -54.64 18.28 -10.69
C THR F 231 -53.17 17.87 -10.75
N ALA F 232 -52.28 18.71 -10.22
CA ALA F 232 -50.85 18.44 -10.25
C ALA F 232 -50.46 17.18 -9.48
N ALA F 233 -51.18 16.86 -8.42
CA ALA F 233 -50.88 15.63 -7.69
C ALA F 233 -51.07 14.40 -8.56
N SER F 234 -52.06 14.44 -9.46
CA SER F 234 -52.27 13.33 -10.38
C SER F 234 -51.32 13.34 -11.57
N SER F 235 -51.10 14.50 -12.20
CA SER F 235 -50.55 14.57 -13.54
C SER F 235 -49.10 15.05 -13.61
N SER F 236 -48.28 14.30 -14.36
CA SER F 236 -46.92 14.71 -14.68
C SER F 236 -46.90 15.94 -15.59
N SER F 237 -47.94 16.10 -16.42
CA SER F 237 -47.89 17.01 -17.56
C SER F 237 -47.46 18.41 -17.18
N LEU F 238 -47.72 18.81 -15.94
CA LEU F 238 -47.30 20.11 -15.45
C LEU F 238 -45.78 20.24 -15.40
N GLU F 239 -45.08 19.15 -15.14
CA GLU F 239 -43.65 19.18 -14.83
C GLU F 239 -42.76 19.57 -16.01
N LYS F 240 -41.68 20.27 -15.68
CA LYS F 240 -40.69 20.81 -16.61
C LYS F 240 -39.31 20.53 -16.03
N SER F 241 -38.34 20.31 -16.89
CA SER F 241 -37.01 19.92 -16.43
C SER F 241 -35.93 20.79 -17.03
N TYR F 242 -34.90 21.03 -16.23
CA TYR F 242 -34.01 22.18 -16.38
C TYR F 242 -32.64 21.76 -15.90
N GLU F 243 -31.61 22.36 -16.48
CA GLU F 243 -30.25 21.86 -16.33
C GLU F 243 -29.32 22.95 -15.83
N LEU F 244 -28.61 22.65 -14.76
CA LEU F 244 -27.75 23.61 -14.09
C LEU F 244 -26.50 23.87 -14.89
N PRO F 245 -25.78 24.95 -14.57
CA PRO F 245 -24.43 25.13 -15.13
C PRO F 245 -23.51 23.94 -14.95
N ASP F 246 -23.77 23.09 -13.97
CA ASP F 246 -22.99 21.88 -13.77
C ASP F 246 -23.43 20.72 -14.65
N GLY F 247 -24.44 20.91 -15.50
CA GLY F 247 -24.95 19.82 -16.29
C GLY F 247 -25.72 18.78 -15.50
N GLN F 248 -25.71 18.88 -14.18
CA GLN F 248 -26.69 18.20 -13.36
C GLN F 248 -28.07 18.69 -13.76
N VAL F 249 -29.08 17.84 -13.58
CA VAL F 249 -30.39 18.11 -14.15
C VAL F 249 -31.46 17.94 -13.08
N ILE F 250 -32.49 18.76 -13.21
CA ILE F 250 -33.46 19.01 -12.15
C ILE F 250 -34.84 18.84 -12.75
N THR F 251 -35.77 18.37 -11.95
CA THR F 251 -37.15 18.21 -12.38
C THR F 251 -38.03 18.87 -11.34
N ILE F 252 -39.10 19.49 -11.80
CA ILE F 252 -39.95 20.29 -10.94
C ILE F 252 -41.39 19.88 -11.13
N GLY F 253 -42.15 19.85 -10.03
CA GLY F 253 -43.56 19.55 -10.09
C GLY F 253 -44.44 20.61 -9.50
N ASN F 254 -45.14 20.26 -8.41
CA ASN F 254 -46.08 21.17 -7.76
C ASN F 254 -45.46 22.51 -7.45
N GLU F 255 -44.16 22.51 -7.21
CA GLU F 255 -43.42 23.70 -6.85
C GLU F 255 -43.62 24.85 -7.84
N ARG F 256 -43.83 24.51 -9.12
CA ARG F 256 -43.96 25.53 -10.15
C ARG F 256 -45.09 26.51 -9.87
N PHE F 257 -46.29 26.02 -9.56
CA PHE F 257 -47.27 26.99 -9.12
C PHE F 257 -47.07 27.35 -7.65
N ARG F 258 -46.56 26.41 -6.86
CA ARG F 258 -46.57 26.58 -5.42
C ARG F 258 -45.82 27.83 -4.99
N CYS F 259 -44.82 28.27 -5.76
CA CYS F 259 -44.09 29.47 -5.37
C CYS F 259 -44.90 30.77 -5.34
N PRO F 260 -45.46 31.26 -6.46
CA PRO F 260 -46.16 32.56 -6.41
C PRO F 260 -47.26 32.70 -5.39
N GLU F 261 -47.95 31.59 -5.12
CA GLU F 261 -49.05 31.58 -4.18
C GLU F 261 -48.66 32.10 -2.81
N THR F 262 -47.41 31.93 -2.43
CA THR F 262 -46.93 32.46 -1.16
C THR F 262 -47.26 33.94 -0.95
N LEU F 263 -47.18 34.78 -1.99
CA LEU F 263 -47.48 36.20 -1.82
C LEU F 263 -48.88 36.47 -1.32
N PHE F 264 -49.83 35.62 -1.64
CA PHE F 264 -51.19 35.79 -1.17
C PHE F 264 -51.46 35.15 0.18
N GLN F 265 -50.60 34.28 0.69
CA GLN F 265 -50.81 33.67 1.99
C GLN F 265 -49.47 33.59 2.70
N PRO F 266 -49.02 34.70 3.27
CA PRO F 266 -47.80 34.73 4.07
C PRO F 266 -47.72 33.72 5.21
N SER F 267 -48.85 33.32 5.75
CA SER F 267 -48.85 32.34 6.82
C SER F 267 -48.11 31.05 6.46
N PHE F 268 -47.99 30.73 5.17
CA PHE F 268 -47.17 29.59 4.77
C PHE F 268 -45.72 29.72 5.19
N ILE F 269 -45.19 30.94 5.26
CA ILE F 269 -43.80 31.14 5.66
C ILE F 269 -43.65 31.63 7.09
N GLY F 270 -44.75 31.68 7.84
CA GLY F 270 -44.69 32.19 9.20
C GLY F 270 -44.63 33.70 9.29
N MET F 271 -44.63 34.38 8.16
CA MET F 271 -44.93 35.80 8.14
C MET F 271 -46.39 35.99 8.53
N GLU F 272 -46.73 37.17 9.04
CA GLU F 272 -48.01 37.34 9.70
C GLU F 272 -48.88 38.41 9.06
N SER F 273 -48.29 39.53 8.70
CA SER F 273 -48.91 40.60 7.92
C SER F 273 -49.59 40.14 6.63
N ALA F 274 -50.87 40.48 6.48
CA ALA F 274 -51.81 39.81 5.61
C ALA F 274 -51.32 39.83 4.16
N GLY F 275 -51.92 38.98 3.32
CA GLY F 275 -51.62 39.00 1.90
C GLY F 275 -51.86 40.34 1.22
N ILE F 276 -51.04 40.58 0.20
CA ILE F 276 -50.78 41.92 -0.34
C ILE F 276 -52.02 42.60 -0.93
N HIS F 277 -52.93 41.83 -1.55
CA HIS F 277 -54.12 42.46 -2.10
C HIS F 277 -54.98 43.02 -0.99
N GLU F 278 -55.09 42.29 0.11
CA GLU F 278 -55.87 42.77 1.23
C GLU F 278 -55.31 44.07 1.76
N THR F 279 -53.99 44.21 1.79
CA THR F 279 -53.40 45.49 2.16
C THR F 279 -53.69 46.58 1.15
N THR F 280 -53.59 46.27 -0.14
CA THR F 280 -53.86 47.30 -1.13
C THR F 280 -55.28 47.82 -0.98
N TYR F 281 -56.22 46.91 -0.82
CA TYR F 281 -57.59 47.29 -0.56
C TYR F 281 -57.70 48.11 0.72
N ASN F 282 -56.95 47.72 1.78
CA ASN F 282 -57.00 48.48 3.03
C ASN F 282 -56.53 49.91 2.84
N SER F 283 -55.50 50.10 2.02
CA SER F 283 -55.05 51.45 1.70
C SER F 283 -56.11 52.21 0.95
N ILE F 284 -56.87 51.51 0.11
CA ILE F 284 -58.00 52.12 -0.57
C ILE F 284 -59.10 52.55 0.39
N MET F 285 -59.39 51.73 1.40
CA MET F 285 -60.48 52.02 2.32
C MET F 285 -60.42 53.36 3.04
N LYS F 286 -59.26 53.92 3.32
CA LYS F 286 -59.41 55.23 3.96
C LYS F 286 -59.78 56.37 3.00
N CYS F 287 -59.99 56.10 1.71
CA CYS F 287 -60.52 57.14 0.82
C CYS F 287 -62.05 57.20 0.87
N ASP F 288 -62.59 58.34 0.43
CA ASP F 288 -64.01 58.46 0.13
C ASP F 288 -64.49 57.47 -0.94
N ILE F 289 -65.76 57.06 -0.82
CA ILE F 289 -66.34 56.06 -1.72
C ILE F 289 -66.33 56.50 -3.18
N ASP F 290 -66.28 57.80 -3.47
CA ASP F 290 -66.12 58.17 -4.87
C ASP F 290 -64.67 57.96 -5.25
N ILE F 291 -63.75 58.50 -4.44
CA ILE F 291 -62.37 58.38 -4.85
C ILE F 291 -62.04 56.91 -4.89
N ARG F 292 -62.57 56.15 -3.91
CA ARG F 292 -62.40 54.71 -3.92
C ARG F 292 -62.89 54.13 -5.22
N LYS F 293 -64.05 54.63 -5.69
CA LYS F 293 -64.63 54.16 -6.93
C LYS F 293 -63.69 54.40 -8.09
N ASP F 294 -63.16 55.61 -8.19
CA ASP F 294 -62.31 55.97 -9.32
C ASP F 294 -61.02 55.16 -9.30
N LEU F 295 -60.58 54.76 -8.11
CA LEU F 295 -59.38 53.94 -8.06
C LEU F 295 -59.67 52.47 -8.31
N TYR F 296 -60.82 51.97 -7.88
CA TYR F 296 -61.20 50.64 -8.30
C TYR F 296 -61.33 50.55 -9.81
N ALA F 297 -61.74 51.61 -10.47
CA ALA F 297 -61.92 51.47 -11.91
C ALA F 297 -60.58 51.25 -12.61
N ASN F 298 -59.52 51.92 -12.14
CA ASN F 298 -58.21 51.71 -12.75
C ASN F 298 -57.08 51.91 -11.76
N ASN F 299 -56.15 50.95 -11.75
CA ASN F 299 -55.14 50.78 -10.72
C ASN F 299 -53.96 50.16 -11.45
N VAL F 300 -52.74 50.55 -11.11
CA VAL F 300 -51.59 50.32 -11.96
C VAL F 300 -50.48 49.61 -11.21
N MET F 301 -49.87 48.61 -11.88
CA MET F 301 -48.92 47.69 -11.29
C MET F 301 -47.64 47.68 -12.12
N SER F 302 -46.50 47.56 -11.43
CA SER F 302 -45.19 47.68 -12.04
C SER F 302 -44.16 46.82 -11.32
N GLY F 303 -43.18 46.35 -12.07
CA GLY F 303 -42.01 45.81 -11.39
C GLY F 303 -41.94 44.29 -11.44
N GLY F 304 -40.73 43.79 -11.17
CA GLY F 304 -40.40 42.41 -11.54
C GLY F 304 -41.35 41.37 -11.01
N THR F 305 -41.91 41.60 -9.81
CA THR F 305 -42.89 40.64 -9.30
C THR F 305 -44.11 40.56 -10.22
N THR F 306 -44.46 41.67 -10.87
CA THR F 306 -45.58 41.63 -11.79
C THR F 306 -45.30 40.75 -12.99
N MET F 307 -44.02 40.52 -13.32
CA MET F 307 -43.68 39.77 -14.52
C MET F 307 -44.37 38.40 -14.58
N TYR F 308 -44.68 37.81 -13.43
CA TYR F 308 -45.27 36.49 -13.43
C TYR F 308 -46.45 36.39 -14.37
N PRO F 309 -46.68 35.24 -14.98
CA PRO F 309 -47.85 35.09 -15.85
C PRO F 309 -49.13 35.02 -15.01
N GLY F 310 -50.17 35.68 -15.50
CA GLY F 310 -51.47 35.54 -14.87
C GLY F 310 -51.72 36.35 -13.61
N ILE F 311 -50.76 37.14 -13.16
CA ILE F 311 -50.91 37.82 -11.87
C ILE F 311 -52.08 38.80 -11.89
N ALA F 312 -52.35 39.42 -13.02
CA ALA F 312 -53.47 40.35 -13.07
C ALA F 312 -54.77 39.61 -12.81
N ASP F 313 -54.89 38.39 -13.32
CA ASP F 313 -56.11 37.61 -13.12
C ASP F 313 -56.34 37.33 -11.64
N ARG F 314 -55.30 36.89 -10.93
CA ARG F 314 -55.46 36.60 -9.52
C ARG F 314 -55.72 37.84 -8.69
N MET F 315 -55.03 38.93 -8.97
CA MET F 315 -55.33 40.16 -8.25
C MET F 315 -56.78 40.57 -8.46
N GLN F 316 -57.21 40.58 -9.71
CA GLN F 316 -58.57 40.97 -10.05
C GLN F 316 -59.59 40.10 -9.33
N LYS F 317 -59.46 38.78 -9.43
CA LYS F 317 -60.41 37.89 -8.77
C LYS F 317 -60.37 38.00 -7.25
N GLU F 318 -59.21 38.20 -6.65
CA GLU F 318 -59.15 38.28 -5.20
C GLU F 318 -59.83 39.54 -4.69
N ILE F 319 -59.54 40.68 -5.31
CA ILE F 319 -60.20 41.89 -4.84
C ILE F 319 -61.67 41.90 -5.26
N THR F 320 -62.00 41.29 -6.39
CA THR F 320 -63.40 41.11 -6.78
C THR F 320 -64.17 40.30 -5.75
N ALA F 321 -63.56 39.24 -5.22
CA ALA F 321 -64.23 38.49 -4.17
C ALA F 321 -64.30 39.32 -2.90
N LEU F 322 -63.27 40.13 -2.67
CA LEU F 322 -63.37 41.12 -1.61
C LEU F 322 -64.53 42.05 -1.89
N ALA F 323 -64.81 42.31 -3.17
CA ALA F 323 -65.90 43.11 -3.67
C ALA F 323 -66.08 44.38 -2.85
N PRO F 324 -65.17 45.34 -2.92
CA PRO F 324 -65.44 46.65 -2.32
C PRO F 324 -66.76 47.26 -2.77
N SER F 325 -67.19 46.92 -3.98
CA SER F 325 -68.51 47.27 -4.48
C SER F 325 -68.78 46.39 -5.69
N THR F 326 -70.00 46.46 -6.21
CA THR F 326 -70.25 46.10 -7.60
C THR F 326 -69.70 47.18 -8.54
N MET F 327 -68.38 47.13 -8.76
CA MET F 327 -67.75 48.11 -9.63
C MET F 327 -66.64 47.44 -10.43
N LYS F 328 -66.41 47.96 -11.63
CA LYS F 328 -65.33 47.45 -12.46
C LYS F 328 -63.95 47.77 -11.88
N ILE F 329 -63.03 46.81 -12.03
CA ILE F 329 -61.68 46.95 -11.53
C ILE F 329 -60.73 46.57 -12.66
N LYS F 330 -59.63 47.31 -12.80
CA LYS F 330 -58.70 46.98 -13.87
C LYS F 330 -57.26 47.30 -13.46
N ILE F 331 -56.32 46.66 -14.15
CA ILE F 331 -54.89 46.88 -13.96
C ILE F 331 -54.25 47.13 -15.32
N ILE F 332 -53.41 48.15 -15.38
CA ILE F 332 -52.61 48.49 -16.55
C ILE F 332 -51.16 48.06 -16.34
N ALA F 333 -50.77 46.95 -16.95
CA ALA F 333 -49.42 46.39 -16.80
C ALA F 333 -48.70 46.36 -18.15
N PRO F 334 -48.29 47.52 -18.64
CA PRO F 334 -47.66 47.62 -19.96
C PRO F 334 -46.30 46.97 -19.98
N PRO F 335 -45.83 46.54 -21.15
CA PRO F 335 -44.48 45.94 -21.26
C PRO F 335 -43.39 46.93 -20.90
N GLU F 336 -42.20 46.38 -20.70
CA GLU F 336 -40.99 47.12 -20.29
C GLU F 336 -41.25 47.79 -18.96
N ARG F 337 -42.09 47.12 -18.20
CA ARG F 337 -42.65 47.63 -16.98
C ARG F 337 -41.57 47.87 -15.93
N LYS F 338 -40.62 46.95 -15.86
CA LYS F 338 -39.44 47.02 -15.00
C LYS F 338 -38.63 48.31 -15.15
N TYR F 339 -38.36 48.70 -16.38
CA TYR F 339 -37.68 49.96 -16.71
C TYR F 339 -38.47 51.20 -16.33
N SER F 340 -39.79 51.09 -16.23
CA SER F 340 -40.66 52.26 -16.06
C SER F 340 -40.26 53.25 -14.95
N VAL F 341 -39.76 52.78 -13.81
CA VAL F 341 -39.38 53.77 -12.78
C VAL F 341 -38.28 54.70 -13.27
N TRP F 342 -37.32 54.15 -13.99
CA TRP F 342 -36.32 54.99 -14.64
C TRP F 342 -36.92 55.78 -15.80
N ILE F 343 -37.79 55.16 -16.57
CA ILE F 343 -38.32 55.85 -17.74
C ILE F 343 -39.00 57.12 -17.29
N GLY F 344 -39.82 56.97 -16.24
CA GLY F 344 -40.46 58.12 -15.65
C GLY F 344 -39.48 59.14 -15.11
N GLY F 345 -38.42 58.66 -14.44
CA GLY F 345 -37.42 59.60 -13.99
C GLY F 345 -36.81 60.41 -15.11
N SER F 346 -36.60 59.79 -16.27
CA SER F 346 -36.05 60.52 -17.41
C SER F 346 -37.04 61.55 -17.96
N ILE F 347 -38.31 61.13 -18.10
CA ILE F 347 -39.30 62.06 -18.63
C ILE F 347 -39.43 63.26 -17.70
N LEU F 348 -39.54 63.00 -16.41
CA LEU F 348 -39.71 64.09 -15.47
C LEU F 348 -38.47 64.95 -15.42
N ALA F 349 -37.29 64.33 -15.54
CA ALA F 349 -36.04 65.08 -15.62
C ALA F 349 -36.00 66.05 -16.79
N SER F 350 -36.69 65.73 -17.88
CA SER F 350 -36.66 66.66 -19.00
C SER F 350 -37.42 67.96 -18.71
N LEU F 351 -38.46 67.90 -17.88
CA LEU F 351 -39.37 69.02 -17.75
C LEU F 351 -38.66 70.28 -17.23
N SER F 352 -39.18 71.44 -17.66
CA SER F 352 -38.67 72.76 -17.25
C SER F 352 -38.70 72.98 -15.74
N THR F 353 -39.82 72.64 -15.10
CA THR F 353 -40.03 72.98 -13.69
C THR F 353 -38.91 72.49 -12.78
N PHE F 354 -38.23 71.42 -13.15
CA PHE F 354 -37.12 70.90 -12.36
C PHE F 354 -36.04 71.92 -12.03
N GLN F 355 -35.86 72.93 -12.86
CA GLN F 355 -34.91 73.99 -12.54
C GLN F 355 -35.19 74.68 -11.22
N GLN F 356 -36.42 74.64 -10.75
CA GLN F 356 -36.69 75.01 -9.37
C GLN F 356 -36.18 73.96 -8.39
N MET F 357 -36.39 72.68 -8.70
CA MET F 357 -36.17 71.63 -7.70
C MET F 357 -34.70 71.40 -7.38
N TRP F 358 -33.80 71.59 -8.33
CA TRP F 358 -32.38 71.41 -8.03
C TRP F 358 -31.87 72.24 -6.89
N ILE F 359 -31.31 71.58 -5.90
CA ILE F 359 -30.77 72.22 -4.72
C ILE F 359 -29.28 72.39 -5.00
N THR F 360 -28.79 73.62 -4.93
CA THR F 360 -27.40 73.80 -5.30
C THR F 360 -26.49 73.32 -4.19
N LYS F 361 -25.24 73.01 -4.55
CA LYS F 361 -24.25 72.68 -3.53
C LYS F 361 -24.03 73.85 -2.59
N GLN F 362 -24.01 75.06 -3.13
CA GLN F 362 -23.82 76.25 -2.31
C GLN F 362 -24.94 76.41 -1.30
N GLU F 363 -26.18 76.22 -1.74
CA GLU F 363 -27.32 76.27 -0.84
C GLU F 363 -27.28 75.14 0.18
N TYR F 364 -26.85 73.94 -0.23
CA TYR F 364 -26.71 72.87 0.75
C TYR F 364 -25.65 73.18 1.79
N ASP F 365 -24.55 73.78 1.37
CA ASP F 365 -23.53 74.12 2.35
C ASP F 365 -24.02 75.19 3.29
N GLU F 366 -24.74 76.17 2.78
CA GLU F 366 -25.33 77.18 3.65
C GLU F 366 -26.35 76.60 4.60
N ALA F 367 -27.32 75.87 4.05
CA ALA F 367 -28.43 75.34 4.85
C ALA F 367 -28.03 74.14 5.69
N GLY F 368 -27.16 73.27 5.18
CA GLY F 368 -27.16 71.91 5.64
C GLY F 368 -28.27 71.06 5.03
N PRO F 369 -28.32 69.79 5.43
CA PRO F 369 -29.26 68.84 4.79
C PRO F 369 -30.73 69.18 4.99
N SER F 370 -31.09 69.72 6.15
CA SER F 370 -32.50 69.79 6.49
C SER F 370 -33.29 70.50 5.40
N ILE F 371 -32.69 71.48 4.71
CA ILE F 371 -33.40 72.11 3.61
C ILE F 371 -33.72 71.08 2.54
N VAL F 372 -32.83 70.10 2.37
CA VAL F 372 -33.06 69.05 1.39
C VAL F 372 -34.18 68.15 1.84
N HIS F 373 -34.31 67.95 3.15
CA HIS F 373 -35.47 67.22 3.61
C HIS F 373 -36.76 68.02 3.43
N ARG F 374 -36.69 69.34 3.67
CA ARG F 374 -37.89 70.16 3.77
C ARG F 374 -38.74 70.07 2.51
N LYS F 375 -38.10 69.85 1.36
CA LYS F 375 -38.77 69.82 0.07
C LYS F 375 -39.86 68.77 -0.02
N CYS F 376 -39.81 67.73 0.80
CA CYS F 376 -40.83 66.70 0.74
C CYS F 376 -40.82 65.91 2.05
N PHE F 377 -41.32 64.69 1.99
CA PHE F 377 -41.22 63.77 3.11
C PHE F 377 -39.77 63.45 3.39
#